data_9R4H
# 
_entry.id   9R4H 
# 
_audit_conform.dict_name       mmcif_pdbx.dic 
_audit_conform.dict_version    5.407 
_audit_conform.dict_location   http://mmcif.pdb.org/dictionaries/ascii/mmcif_pdbx.dic 
# 
loop_
_database_2.database_id 
_database_2.database_code 
_database_2.pdbx_database_accession 
_database_2.pdbx_DOI 
PDB   9R4H         pdb_00009r4h 10.2210/pdb9r4h/pdb 
WWPDB D_1292146950 ?            ?                   
# 
_pdbx_audit_revision_history.ordinal             1 
_pdbx_audit_revision_history.data_content_type   'Structure model' 
_pdbx_audit_revision_history.major_revision      1 
_pdbx_audit_revision_history.minor_revision      0 
_pdbx_audit_revision_history.revision_date       2025-12-03 
_pdbx_audit_revision_history.part_number         ? 
# 
_pdbx_audit_revision_details.ordinal             1 
_pdbx_audit_revision_details.revision_ordinal    1 
_pdbx_audit_revision_details.data_content_type   'Structure model' 
_pdbx_audit_revision_details.provider            repository 
_pdbx_audit_revision_details.type                'Initial release' 
_pdbx_audit_revision_details.description         ? 
_pdbx_audit_revision_details.details             ? 
# 
_pdbx_database_status.status_code                     REL 
_pdbx_database_status.status_code_sf                  REL 
_pdbx_database_status.status_code_mr                  ? 
_pdbx_database_status.entry_id                        9R4H 
_pdbx_database_status.recvd_initial_deposition_date   2025-05-07 
_pdbx_database_status.SG_entry                        N 
_pdbx_database_status.deposit_site                    PDBE 
_pdbx_database_status.process_site                    PDBE 
_pdbx_database_status.status_code_cs                  ? 
_pdbx_database_status.status_code_nmr_data            ? 
_pdbx_database_status.methods_development_category    ? 
_pdbx_database_status.pdb_format_compatible           Y 
# 
_pdbx_contact_author.id                 2 
_pdbx_contact_author.email              ec.schulz@uke.de 
_pdbx_contact_author.name_first         Eike-Christian 
_pdbx_contact_author.name_last          Schulz 
_pdbx_contact_author.name_mi            ? 
_pdbx_contact_author.role               'principal investigator/group leader' 
_pdbx_contact_author.identifier_ORCID   0000-0002-1685-8605 
# 
loop_
_audit_author.name 
_audit_author.pdbx_ordinal 
_audit_author.identifier_ORCID 
'Spiliopoulou, M.' 1 0000-0002-4537-9769 
'Hatton, C.E.'     2 0000-0002-8446-0711 
'Mehrabi, P.'      3 0000-0003-3211-6959 
'Schulz, E.C.'     4 0000-0002-1685-8605 
# 
_citation.abstract                  ? 
_citation.abstract_id_CAS           ? 
_citation.book_id_ISBN              ? 
_citation.book_publisher            ? 
_citation.book_publisher_city       ? 
_citation.book_title                ? 
_citation.coordinate_linkage        ? 
_citation.country                   UK 
_citation.database_id_Medline       ? 
_citation.details                   ? 
_citation.id                        primary 
_citation.journal_abbrev            'Commun Chem' 
_citation.journal_id_ASTM           ? 
_citation.journal_id_CSD            ? 
_citation.journal_id_ISSN           2399-3669 
_citation.journal_full              ? 
_citation.journal_issue             ? 
_citation.journal_volume            8 
_citation.language                  ? 
_citation.page_first                363 
_citation.page_last                 363 
_citation.title                     'Spitrobot-2 advances time-resolved cryo-trapping crystallography to under 25 ms.' 
_citation.year                      2025 
_citation.database_id_CSD           ? 
_citation.pdbx_database_id_DOI      10.1038/s42004-025-01784-9 
_citation.pdbx_database_id_PubMed   41266557 
_citation.pdbx_database_id_patent   ? 
_citation.unpublished_flag          ? 
# 
loop_
_citation_author.citation_id 
_citation_author.name 
_citation_author.ordinal 
_citation_author.identifier_ORCID 
primary 'Spiliopoulou, M.' 1 0000-0002-4537-9769 
primary 'Hatton, C.E.'     2 0000-0002-8446-0711 
primary 'Kollewe, M.'      3 ?                   
primary 'Leimkohl, J.P.'   4 ?                   
primary 'Schikora, H.'     5 ?                   
primary 'Tellkamp, F.'     6 0000-0002-5670-3544 
primary 'Mehrabi, P.'      7 0000-0003-3211-6959 
primary 'Schulz, E.C.'     8 0000-0002-1685-8605 
# 
loop_
_entity.id 
_entity.type 
_entity.src_method 
_entity.pdbx_description 
_entity.formula_weight 
_entity.pdbx_number_of_molecules 
_entity.pdbx_ec 
_entity.pdbx_mutation 
_entity.pdbx_fragment 
_entity.details 
1 polymer     man Endolysin    18460.086 1   3.2.1.17 ? ? ? 
2 non-polymer syn INDOLE       117.148   1   ?        ? ? ? 
3 non-polymer syn 'SODIUM ION' 22.990    3   ?        ? ? ? 
4 water       nat water        18.015    113 ?        ? ? ? 
# 
_entity_name_com.entity_id   1 
_entity_name_com.name        'Lysis protein,Lysozyme,Muramidase' 
# 
_entity_poly.entity_id                      1 
_entity_poly.type                           'polypeptide(L)' 
_entity_poly.nstd_linkage                   no 
_entity_poly.nstd_monomer                   no 
_entity_poly.pdbx_seq_one_letter_code       
;MNIFEMLRIDEGLRLKIYKDTEGYYTIGIGHLLTKSPSLNAAKSELDKAIGRNCNGVITKDEAEKLFNQDVDAAVRGILR
NAKLKPVYDSLDAVRRAAAINMVFQMGETGVAGFTNSLRMLQQKRWDEAAVNLAKSRWYNQTPNRAKRVITTFRTGTWDA
YNN
;
_entity_poly.pdbx_seq_one_letter_code_can   
;MNIFEMLRIDEGLRLKIYKDTEGYYTIGIGHLLTKSPSLNAAKSELDKAIGRNCNGVITKDEAEKLFNQDVDAAVRGILR
NAKLKPVYDSLDAVRRAAAINMVFQMGETGVAGFTNSLRMLQQKRWDEAAVNLAKSRWYNQTPNRAKRVITTFRTGTWDA
YNN
;
_entity_poly.pdbx_strand_id                 A 
_entity_poly.pdbx_target_identifier         ? 
# 
loop_
_pdbx_entity_nonpoly.entity_id 
_pdbx_entity_nonpoly.name 
_pdbx_entity_nonpoly.comp_id 
2 INDOLE       IND 
3 'SODIUM ION' NA  
4 water        HOH 
# 
loop_
_entity_poly_seq.entity_id 
_entity_poly_seq.num 
_entity_poly_seq.mon_id 
_entity_poly_seq.hetero 
1 1   MET n 
1 2   ASN n 
1 3   ILE n 
1 4   PHE n 
1 5   GLU n 
1 6   MET n 
1 7   LEU n 
1 8   ARG n 
1 9   ILE n 
1 10  ASP n 
1 11  GLU n 
1 12  GLY n 
1 13  LEU n 
1 14  ARG n 
1 15  LEU n 
1 16  LYS n 
1 17  ILE n 
1 18  TYR n 
1 19  LYS n 
1 20  ASP n 
1 21  THR n 
1 22  GLU n 
1 23  GLY n 
1 24  TYR n 
1 25  TYR n 
1 26  THR n 
1 27  ILE n 
1 28  GLY n 
1 29  ILE n 
1 30  GLY n 
1 31  HIS n 
1 32  LEU n 
1 33  LEU n 
1 34  THR n 
1 35  LYS n 
1 36  SER n 
1 37  PRO n 
1 38  SER n 
1 39  LEU n 
1 40  ASN n 
1 41  ALA n 
1 42  ALA n 
1 43  LYS n 
1 44  SER n 
1 45  GLU n 
1 46  LEU n 
1 47  ASP n 
1 48  LYS n 
1 49  ALA n 
1 50  ILE n 
1 51  GLY n 
1 52  ARG n 
1 53  ASN n 
1 54  CYS n 
1 55  ASN n 
1 56  GLY n 
1 57  VAL n 
1 58  ILE n 
1 59  THR n 
1 60  LYS n 
1 61  ASP n 
1 62  GLU n 
1 63  ALA n 
1 64  GLU n 
1 65  LYS n 
1 66  LEU n 
1 67  PHE n 
1 68  ASN n 
1 69  GLN n 
1 70  ASP n 
1 71  VAL n 
1 72  ASP n 
1 73  ALA n 
1 74  ALA n 
1 75  VAL n 
1 76  ARG n 
1 77  GLY n 
1 78  ILE n 
1 79  LEU n 
1 80  ARG n 
1 81  ASN n 
1 82  ALA n 
1 83  LYS n 
1 84  LEU n 
1 85  LYS n 
1 86  PRO n 
1 87  VAL n 
1 88  TYR n 
1 89  ASP n 
1 90  SER n 
1 91  LEU n 
1 92  ASP n 
1 93  ALA n 
1 94  VAL n 
1 95  ARG n 
1 96  ARG n 
1 97  ALA n 
1 98  ALA n 
1 99  ALA n 
1 100 ILE n 
1 101 ASN n 
1 102 MET n 
1 103 VAL n 
1 104 PHE n 
1 105 GLN n 
1 106 MET n 
1 107 GLY n 
1 108 GLU n 
1 109 THR n 
1 110 GLY n 
1 111 VAL n 
1 112 ALA n 
1 113 GLY n 
1 114 PHE n 
1 115 THR n 
1 116 ASN n 
1 117 SER n 
1 118 LEU n 
1 119 ARG n 
1 120 MET n 
1 121 LEU n 
1 122 GLN n 
1 123 GLN n 
1 124 LYS n 
1 125 ARG n 
1 126 TRP n 
1 127 ASP n 
1 128 GLU n 
1 129 ALA n 
1 130 ALA n 
1 131 VAL n 
1 132 ASN n 
1 133 LEU n 
1 134 ALA n 
1 135 LYS n 
1 136 SER n 
1 137 ARG n 
1 138 TRP n 
1 139 TYR n 
1 140 ASN n 
1 141 GLN n 
1 142 THR n 
1 143 PRO n 
1 144 ASN n 
1 145 ARG n 
1 146 ALA n 
1 147 LYS n 
1 148 ARG n 
1 149 VAL n 
1 150 ILE n 
1 151 THR n 
1 152 THR n 
1 153 PHE n 
1 154 ARG n 
1 155 THR n 
1 156 GLY n 
1 157 THR n 
1 158 TRP n 
1 159 ASP n 
1 160 ALA n 
1 161 TYR n 
1 162 ASN n 
1 163 ASN n 
# 
_entity_src_gen.entity_id                          1 
_entity_src_gen.pdbx_src_id                        1 
_entity_src_gen.pdbx_alt_source_flag               sample 
_entity_src_gen.pdbx_seq_type                      'Biological sequence' 
_entity_src_gen.pdbx_beg_seq_num                   1 
_entity_src_gen.pdbx_end_seq_num                   163 
_entity_src_gen.gene_src_common_name               ? 
_entity_src_gen.gene_src_genus                     ? 
_entity_src_gen.pdbx_gene_src_gene                 ? 
_entity_src_gen.gene_src_species                   ? 
_entity_src_gen.gene_src_strain                    ? 
_entity_src_gen.gene_src_tissue                    ? 
_entity_src_gen.gene_src_tissue_fraction           ? 
_entity_src_gen.gene_src_details                   ? 
_entity_src_gen.pdbx_gene_src_fragment             ? 
_entity_src_gen.pdbx_gene_src_scientific_name      'Escherichia phage T4' 
_entity_src_gen.pdbx_gene_src_ncbi_taxonomy_id     2681598 
_entity_src_gen.pdbx_gene_src_variant              ? 
_entity_src_gen.pdbx_gene_src_cell_line            ? 
_entity_src_gen.pdbx_gene_src_atcc                 ? 
_entity_src_gen.pdbx_gene_src_organ                ? 
_entity_src_gen.pdbx_gene_src_organelle            ? 
_entity_src_gen.pdbx_gene_src_cell                 ? 
_entity_src_gen.pdbx_gene_src_cellular_location    ? 
_entity_src_gen.host_org_common_name               ? 
_entity_src_gen.pdbx_host_org_scientific_name      'Escherichia coli BL21(DE3)' 
_entity_src_gen.pdbx_host_org_ncbi_taxonomy_id     469008 
_entity_src_gen.host_org_genus                     ? 
_entity_src_gen.pdbx_host_org_gene                 ? 
_entity_src_gen.pdbx_host_org_organ                ? 
_entity_src_gen.host_org_species                   ? 
_entity_src_gen.pdbx_host_org_tissue               ? 
_entity_src_gen.pdbx_host_org_tissue_fraction      ? 
_entity_src_gen.pdbx_host_org_strain               ? 
_entity_src_gen.pdbx_host_org_variant              ? 
_entity_src_gen.pdbx_host_org_cell_line            ? 
_entity_src_gen.pdbx_host_org_atcc                 ? 
_entity_src_gen.pdbx_host_org_culture_collection   ? 
_entity_src_gen.pdbx_host_org_cell                 ? 
_entity_src_gen.pdbx_host_org_organelle            ? 
_entity_src_gen.pdbx_host_org_cellular_location    ? 
_entity_src_gen.pdbx_host_org_vector_type          ? 
_entity_src_gen.pdbx_host_org_vector               ? 
_entity_src_gen.host_org_details                   ? 
_entity_src_gen.expression_system_id               ? 
_entity_src_gen.plasmid_name                       ? 
_entity_src_gen.plasmid_details                    ? 
_entity_src_gen.pdbx_description                   ? 
# 
loop_
_chem_comp.id 
_chem_comp.type 
_chem_comp.mon_nstd_flag 
_chem_comp.name 
_chem_comp.pdbx_synonyms 
_chem_comp.formula 
_chem_comp.formula_weight 
ALA 'L-peptide linking' y ALANINE         ? 'C3 H7 N O2'     89.093  
ARG 'L-peptide linking' y ARGININE        ? 'C6 H15 N4 O2 1' 175.209 
ASN 'L-peptide linking' y ASPARAGINE      ? 'C4 H8 N2 O3'    132.118 
ASP 'L-peptide linking' y 'ASPARTIC ACID' ? 'C4 H7 N O4'     133.103 
CYS 'L-peptide linking' y CYSTEINE        ? 'C3 H7 N O2 S'   121.158 
GLN 'L-peptide linking' y GLUTAMINE       ? 'C5 H10 N2 O3'   146.144 
GLU 'L-peptide linking' y 'GLUTAMIC ACID' ? 'C5 H9 N O4'     147.129 
GLY 'peptide linking'   y GLYCINE         ? 'C2 H5 N O2'     75.067  
HIS 'L-peptide linking' y HISTIDINE       ? 'C6 H10 N3 O2 1' 156.162 
HOH non-polymer         . WATER           ? 'H2 O'           18.015  
ILE 'L-peptide linking' y ISOLEUCINE      ? 'C6 H13 N O2'    131.173 
IND non-polymer         . INDOLE          ? 'C8 H7 N'        117.148 
LEU 'L-peptide linking' y LEUCINE         ? 'C6 H13 N O2'    131.173 
LYS 'L-peptide linking' y LYSINE          ? 'C6 H15 N2 O2 1' 147.195 
MET 'L-peptide linking' y METHIONINE      ? 'C5 H11 N O2 S'  149.211 
NA  non-polymer         . 'SODIUM ION'    ? 'Na 1'           22.990  
PHE 'L-peptide linking' y PHENYLALANINE   ? 'C9 H11 N O2'    165.189 
PRO 'L-peptide linking' y PROLINE         ? 'C5 H9 N O2'     115.130 
SER 'L-peptide linking' y SERINE          ? 'C3 H7 N O3'     105.093 
THR 'L-peptide linking' y THREONINE       ? 'C4 H9 N O3'     119.119 
TRP 'L-peptide linking' y TRYPTOPHAN      ? 'C11 H12 N2 O2'  204.225 
TYR 'L-peptide linking' y TYROSINE        ? 'C9 H11 N O3'    181.189 
VAL 'L-peptide linking' y VALINE          ? 'C5 H11 N O2'    117.146 
# 
loop_
_pdbx_poly_seq_scheme.asym_id 
_pdbx_poly_seq_scheme.entity_id 
_pdbx_poly_seq_scheme.seq_id 
_pdbx_poly_seq_scheme.mon_id 
_pdbx_poly_seq_scheme.ndb_seq_num 
_pdbx_poly_seq_scheme.pdb_seq_num 
_pdbx_poly_seq_scheme.auth_seq_num 
_pdbx_poly_seq_scheme.pdb_mon_id 
_pdbx_poly_seq_scheme.auth_mon_id 
_pdbx_poly_seq_scheme.pdb_strand_id 
_pdbx_poly_seq_scheme.pdb_ins_code 
_pdbx_poly_seq_scheme.hetero 
A 1 1   MET 1   1   1   MET MET A . n 
A 1 2   ASN 2   2   2   ASN ASN A . n 
A 1 3   ILE 3   3   3   ILE ILE A . n 
A 1 4   PHE 4   4   4   PHE PHE A . n 
A 1 5   GLU 5   5   5   GLU GLU A . n 
A 1 6   MET 6   6   6   MET MET A . n 
A 1 7   LEU 7   7   7   LEU LEU A . n 
A 1 8   ARG 8   8   8   ARG ARG A . n 
A 1 9   ILE 9   9   9   ILE ILE A . n 
A 1 10  ASP 10  10  10  ASP ASP A . n 
A 1 11  GLU 11  11  11  GLU GLU A . n 
A 1 12  GLY 12  12  12  GLY GLY A . n 
A 1 13  LEU 13  13  13  LEU LEU A . n 
A 1 14  ARG 14  14  14  ARG ARG A . n 
A 1 15  LEU 15  15  15  LEU LEU A . n 
A 1 16  LYS 16  16  16  LYS LYS A . n 
A 1 17  ILE 17  17  17  ILE ILE A . n 
A 1 18  TYR 18  18  18  TYR TYR A . n 
A 1 19  LYS 19  19  19  LYS LYS A . n 
A 1 20  ASP 20  20  20  ASP ASP A . n 
A 1 21  THR 21  21  21  THR THR A . n 
A 1 22  GLU 22  22  22  GLU GLU A . n 
A 1 23  GLY 23  23  23  GLY GLY A . n 
A 1 24  TYR 24  24  24  TYR TYR A . n 
A 1 25  TYR 25  25  25  TYR TYR A . n 
A 1 26  THR 26  26  26  THR THR A . n 
A 1 27  ILE 27  27  27  ILE ILE A . n 
A 1 28  GLY 28  28  28  GLY GLY A . n 
A 1 29  ILE 29  29  29  ILE ILE A . n 
A 1 30  GLY 30  30  30  GLY GLY A . n 
A 1 31  HIS 31  31  31  HIS HIS A . n 
A 1 32  LEU 32  32  32  LEU LEU A . n 
A 1 33  LEU 33  33  33  LEU LEU A . n 
A 1 34  THR 34  34  34  THR THR A . n 
A 1 35  LYS 35  35  35  LYS LYS A . n 
A 1 36  SER 36  36  36  SER SER A . n 
A 1 37  PRO 37  37  37  PRO PRO A . n 
A 1 38  SER 38  38  38  SER SER A . n 
A 1 39  LEU 39  39  39  LEU LEU A . n 
A 1 40  ASN 40  40  40  ASN ASN A . n 
A 1 41  ALA 41  41  41  ALA ALA A . n 
A 1 42  ALA 42  42  42  ALA ALA A . n 
A 1 43  LYS 43  43  43  LYS LYS A . n 
A 1 44  SER 44  44  44  SER SER A . n 
A 1 45  GLU 45  45  45  GLU GLU A . n 
A 1 46  LEU 46  46  46  LEU LEU A . n 
A 1 47  ASP 47  47  47  ASP ASP A . n 
A 1 48  LYS 48  48  48  LYS LYS A . n 
A 1 49  ALA 49  49  49  ALA ALA A . n 
A 1 50  ILE 50  50  50  ILE ILE A . n 
A 1 51  GLY 51  51  51  GLY GLY A . n 
A 1 52  ARG 52  52  52  ARG ARG A . n 
A 1 53  ASN 53  53  53  ASN ASN A . n 
A 1 54  CYS 54  54  54  CYS CYS A . n 
A 1 55  ASN 55  55  55  ASN ASN A . n 
A 1 56  GLY 56  56  56  GLY GLY A . n 
A 1 57  VAL 57  57  57  VAL VAL A . n 
A 1 58  ILE 58  58  58  ILE ILE A . n 
A 1 59  THR 59  59  59  THR THR A . n 
A 1 60  LYS 60  60  60  LYS LYS A . n 
A 1 61  ASP 61  61  61  ASP ASP A . n 
A 1 62  GLU 62  62  62  GLU GLU A . n 
A 1 63  ALA 63  63  63  ALA ALA A . n 
A 1 64  GLU 64  64  64  GLU GLU A . n 
A 1 65  LYS 65  65  65  LYS LYS A . n 
A 1 66  LEU 66  66  66  LEU LEU A . n 
A 1 67  PHE 67  67  67  PHE PHE A . n 
A 1 68  ASN 68  68  68  ASN ASN A . n 
A 1 69  GLN 69  69  69  GLN GLN A . n 
A 1 70  ASP 70  70  70  ASP ASP A . n 
A 1 71  VAL 71  71  71  VAL VAL A . n 
A 1 72  ASP 72  72  72  ASP ASP A . n 
A 1 73  ALA 73  73  73  ALA ALA A . n 
A 1 74  ALA 74  74  74  ALA ALA A . n 
A 1 75  VAL 75  75  75  VAL VAL A . n 
A 1 76  ARG 76  76  76  ARG ARG A . n 
A 1 77  GLY 77  77  77  GLY GLY A . n 
A 1 78  ILE 78  78  78  ILE ILE A . n 
A 1 79  LEU 79  79  79  LEU LEU A . n 
A 1 80  ARG 80  80  80  ARG ARG A . n 
A 1 81  ASN 81  81  81  ASN ASN A . n 
A 1 82  ALA 82  82  82  ALA ALA A . n 
A 1 83  LYS 83  83  83  LYS LYS A . n 
A 1 84  LEU 84  84  84  LEU LEU A . n 
A 1 85  LYS 85  85  85  LYS LYS A . n 
A 1 86  PRO 86  86  86  PRO PRO A . n 
A 1 87  VAL 87  87  87  VAL VAL A . n 
A 1 88  TYR 88  88  88  TYR TYR A . n 
A 1 89  ASP 89  89  89  ASP ASP A . n 
A 1 90  SER 90  90  90  SER SER A . n 
A 1 91  LEU 91  91  91  LEU LEU A . n 
A 1 92  ASP 92  92  92  ASP ASP A . n 
A 1 93  ALA 93  93  93  ALA ALA A . n 
A 1 94  VAL 94  94  94  VAL VAL A . n 
A 1 95  ARG 95  95  95  ARG ARG A . n 
A 1 96  ARG 96  96  96  ARG ARG A . n 
A 1 97  ALA 97  97  97  ALA ALA A . n 
A 1 98  ALA 98  98  98  ALA ALA A . n 
A 1 99  ALA 99  99  99  ALA ALA A . n 
A 1 100 ILE 100 100 100 ILE ILE A . n 
A 1 101 ASN 101 101 101 ASN ASN A . n 
A 1 102 MET 102 102 102 MET MET A . n 
A 1 103 VAL 103 103 103 VAL VAL A . n 
A 1 104 PHE 104 104 104 PHE PHE A . n 
A 1 105 GLN 105 105 105 GLN GLN A . n 
A 1 106 MET 106 106 106 MET MET A . n 
A 1 107 GLY 107 107 107 GLY GLY A . n 
A 1 108 GLU 108 108 108 GLU GLU A . n 
A 1 109 THR 109 109 109 THR THR A . n 
A 1 110 GLY 110 110 110 GLY GLY A . n 
A 1 111 VAL 111 111 111 VAL VAL A . n 
A 1 112 ALA 112 112 112 ALA ALA A . n 
A 1 113 GLY 113 113 113 GLY GLY A . n 
A 1 114 PHE 114 114 114 PHE PHE A . n 
A 1 115 THR 115 115 115 THR THR A . n 
A 1 116 ASN 116 116 116 ASN ASN A . n 
A 1 117 SER 117 117 117 SER SER A . n 
A 1 118 LEU 118 118 118 LEU LEU A . n 
A 1 119 ARG 119 119 119 ARG ARG A . n 
A 1 120 MET 120 120 120 MET MET A . n 
A 1 121 LEU 121 121 121 LEU LEU A . n 
A 1 122 GLN 122 122 122 GLN GLN A . n 
A 1 123 GLN 123 123 123 GLN GLN A . n 
A 1 124 LYS 124 124 124 LYS LYS A . n 
A 1 125 ARG 125 125 125 ARG ARG A . n 
A 1 126 TRP 126 126 126 TRP TRP A . n 
A 1 127 ASP 127 127 127 ASP ASP A . n 
A 1 128 GLU 128 128 128 GLU GLU A . n 
A 1 129 ALA 129 129 129 ALA ALA A . n 
A 1 130 ALA 130 130 130 ALA ALA A . n 
A 1 131 VAL 131 131 131 VAL VAL A . n 
A 1 132 ASN 132 132 132 ASN ASN A . n 
A 1 133 LEU 133 133 133 LEU LEU A . n 
A 1 134 ALA 134 134 134 ALA ALA A . n 
A 1 135 LYS 135 135 135 LYS LYS A . n 
A 1 136 SER 136 136 136 SER SER A . n 
A 1 137 ARG 137 137 137 ARG ARG A . n 
A 1 138 TRP 138 138 138 TRP TRP A . n 
A 1 139 TYR 139 139 139 TYR TYR A . n 
A 1 140 ASN 140 140 140 ASN ASN A . n 
A 1 141 GLN 141 141 141 GLN GLN A . n 
A 1 142 THR 142 142 142 THR THR A . n 
A 1 143 PRO 143 143 143 PRO PRO A . n 
A 1 144 ASN 144 144 144 ASN ASN A . n 
A 1 145 ARG 145 145 145 ARG ARG A . n 
A 1 146 ALA 146 146 146 ALA ALA A . n 
A 1 147 LYS 147 147 147 LYS LYS A . n 
A 1 148 ARG 148 148 148 ARG ARG A . n 
A 1 149 VAL 149 149 149 VAL VAL A . n 
A 1 150 ILE 150 150 150 ILE ILE A . n 
A 1 151 THR 151 151 151 THR THR A . n 
A 1 152 THR 152 152 152 THR THR A . n 
A 1 153 PHE 153 153 153 PHE PHE A . n 
A 1 154 ARG 154 154 154 ARG ARG A . n 
A 1 155 THR 155 155 155 THR THR A . n 
A 1 156 GLY 156 156 156 GLY GLY A . n 
A 1 157 THR 157 157 157 THR THR A . n 
A 1 158 TRP 158 158 158 TRP TRP A . n 
A 1 159 ASP 159 159 159 ASP ASP A . n 
A 1 160 ALA 160 160 160 ALA ALA A . n 
A 1 161 TYR 161 161 161 TYR TYR A . n 
A 1 162 ASN 162 162 162 ASN ASN A . n 
A 1 163 ASN 163 163 163 ASN ASN A . n 
# 
_pdbx_entity_instance_feature.ordinal        1 
_pdbx_entity_instance_feature.comp_id        IND 
_pdbx_entity_instance_feature.asym_id        ? 
_pdbx_entity_instance_feature.seq_num        ? 
_pdbx_entity_instance_feature.auth_comp_id   IND 
_pdbx_entity_instance_feature.auth_asym_id   ? 
_pdbx_entity_instance_feature.auth_seq_num   ? 
_pdbx_entity_instance_feature.feature_type   'SUBJECT OF INVESTIGATION' 
_pdbx_entity_instance_feature.details        ? 
# 
loop_
_pdbx_nonpoly_scheme.asym_id 
_pdbx_nonpoly_scheme.entity_id 
_pdbx_nonpoly_scheme.mon_id 
_pdbx_nonpoly_scheme.ndb_seq_num 
_pdbx_nonpoly_scheme.pdb_seq_num 
_pdbx_nonpoly_scheme.auth_seq_num 
_pdbx_nonpoly_scheme.pdb_mon_id 
_pdbx_nonpoly_scheme.auth_mon_id 
_pdbx_nonpoly_scheme.pdb_strand_id 
_pdbx_nonpoly_scheme.pdb_ins_code 
B 2 IND 1   201 201 IND IND A . 
C 3 NA  1   202 1   NA  NA  A . 
D 3 NA  1   203 2   NA  NA  A . 
E 3 NA  1   204 3   NA  NA  A . 
F 4 HOH 1   301 122 HOH HOH A . 
F 4 HOH 2   302 58  HOH HOH A . 
F 4 HOH 3   303 39  HOH HOH A . 
F 4 HOH 4   304 40  HOH HOH A . 
F 4 HOH 5   305 35  HOH HOH A . 
F 4 HOH 6   306 45  HOH HOH A . 
F 4 HOH 7   307 114 HOH HOH A . 
F 4 HOH 8   308 95  HOH HOH A . 
F 4 HOH 9   309 73  HOH HOH A . 
F 4 HOH 10  310 16  HOH HOH A . 
F 4 HOH 11  311 49  HOH HOH A . 
F 4 HOH 12  312 61  HOH HOH A . 
F 4 HOH 13  313 109 HOH HOH A . 
F 4 HOH 14  314 23  HOH HOH A . 
F 4 HOH 15  315 9   HOH HOH A . 
F 4 HOH 16  316 31  HOH HOH A . 
F 4 HOH 17  317 57  HOH HOH A . 
F 4 HOH 18  318 113 HOH HOH A . 
F 4 HOH 19  319 84  HOH HOH A . 
F 4 HOH 20  320 129 HOH HOH A . 
F 4 HOH 21  321 106 HOH HOH A . 
F 4 HOH 22  322 80  HOH HOH A . 
F 4 HOH 23  323 102 HOH HOH A . 
F 4 HOH 24  324 7   HOH HOH A . 
F 4 HOH 25  325 30  HOH HOH A . 
F 4 HOH 26  326 10  HOH HOH A . 
F 4 HOH 27  327 60  HOH HOH A . 
F 4 HOH 28  328 20  HOH HOH A . 
F 4 HOH 29  329 48  HOH HOH A . 
F 4 HOH 30  330 50  HOH HOH A . 
F 4 HOH 31  331 96  HOH HOH A . 
F 4 HOH 32  332 55  HOH HOH A . 
F 4 HOH 33  333 51  HOH HOH A . 
F 4 HOH 34  334 47  HOH HOH A . 
F 4 HOH 35  335 13  HOH HOH A . 
F 4 HOH 36  336 14  HOH HOH A . 
F 4 HOH 37  337 100 HOH HOH A . 
F 4 HOH 38  338 22  HOH HOH A . 
F 4 HOH 39  339 18  HOH HOH A . 
F 4 HOH 40  340 25  HOH HOH A . 
F 4 HOH 41  341 36  HOH HOH A . 
F 4 HOH 42  342 28  HOH HOH A . 
F 4 HOH 43  343 85  HOH HOH A . 
F 4 HOH 44  344 126 HOH HOH A . 
F 4 HOH 45  345 44  HOH HOH A . 
F 4 HOH 46  346 110 HOH HOH A . 
F 4 HOH 47  347 29  HOH HOH A . 
F 4 HOH 48  348 64  HOH HOH A . 
F 4 HOH 49  349 70  HOH HOH A . 
F 4 HOH 50  350 93  HOH HOH A . 
F 4 HOH 51  351 17  HOH HOH A . 
F 4 HOH 52  352 88  HOH HOH A . 
F 4 HOH 53  353 128 HOH HOH A . 
F 4 HOH 54  354 54  HOH HOH A . 
F 4 HOH 55  355 111 HOH HOH A . 
F 4 HOH 56  356 131 HOH HOH A . 
F 4 HOH 57  357 43  HOH HOH A . 
F 4 HOH 58  358 24  HOH HOH A . 
F 4 HOH 59  359 12  HOH HOH A . 
F 4 HOH 60  360 26  HOH HOH A . 
F 4 HOH 61  361 103 HOH HOH A . 
F 4 HOH 62  362 46  HOH HOH A . 
F 4 HOH 63  363 59  HOH HOH A . 
F 4 HOH 64  364 62  HOH HOH A . 
F 4 HOH 65  365 34  HOH HOH A . 
F 4 HOH 66  366 21  HOH HOH A . 
F 4 HOH 67  367 121 HOH HOH A . 
F 4 HOH 68  368 130 HOH HOH A . 
F 4 HOH 69  369 1   HOH HOH A . 
F 4 HOH 70  370 37  HOH HOH A . 
F 4 HOH 71  371 123 HOH HOH A . 
F 4 HOH 72  372 41  HOH HOH A . 
F 4 HOH 73  373 94  HOH HOH A . 
F 4 HOH 74  374 27  HOH HOH A . 
F 4 HOH 75  375 66  HOH HOH A . 
F 4 HOH 76  376 69  HOH HOH A . 
F 4 HOH 77  377 90  HOH HOH A . 
F 4 HOH 78  378 19  HOH HOH A . 
F 4 HOH 79  379 127 HOH HOH A . 
F 4 HOH 80  380 115 HOH HOH A . 
F 4 HOH 81  381 8   HOH HOH A . 
F 4 HOH 82  382 74  HOH HOH A . 
F 4 HOH 83  383 67  HOH HOH A . 
F 4 HOH 84  384 38  HOH HOH A . 
F 4 HOH 85  385 108 HOH HOH A . 
F 4 HOH 86  386 86  HOH HOH A . 
F 4 HOH 87  387 63  HOH HOH A . 
F 4 HOH 88  388 97  HOH HOH A . 
F 4 HOH 89  389 125 HOH HOH A . 
F 4 HOH 90  390 105 HOH HOH A . 
F 4 HOH 91  391 104 HOH HOH A . 
F 4 HOH 92  392 101 HOH HOH A . 
F 4 HOH 93  393 83  HOH HOH A . 
F 4 HOH 94  394 32  HOH HOH A . 
F 4 HOH 95  395 124 HOH HOH A . 
F 4 HOH 96  396 65  HOH HOH A . 
F 4 HOH 97  397 120 HOH HOH A . 
F 4 HOH 98  398 118 HOH HOH A . 
F 4 HOH 99  399 116 HOH HOH A . 
F 4 HOH 100 400 91  HOH HOH A . 
F 4 HOH 101 401 99  HOH HOH A . 
F 4 HOH 102 402 68  HOH HOH A . 
F 4 HOH 103 403 33  HOH HOH A . 
F 4 HOH 104 404 89  HOH HOH A . 
F 4 HOH 105 405 75  HOH HOH A . 
F 4 HOH 106 406 119 HOH HOH A . 
F 4 HOH 107 407 42  HOH HOH A . 
F 4 HOH 108 408 87  HOH HOH A . 
F 4 HOH 109 409 117 HOH HOH A . 
F 4 HOH 110 410 92  HOH HOH A . 
F 4 HOH 111 411 82  HOH HOH A . 
F 4 HOH 112 412 98  HOH HOH A . 
F 4 HOH 113 413 112 HOH HOH A . 
# 
loop_
_software.citation_id 
_software.classification 
_software.compiler_name 
_software.compiler_version 
_software.contact_author 
_software.contact_author_email 
_software.date 
_software.description 
_software.dependencies 
_software.hardware 
_software.language 
_software.location 
_software.mods 
_software.name 
_software.os 
_software.os_version 
_software.type 
_software.version 
_software.pdbx_reference_DOI 
_software.pdbx_ordinal 
? 'data reduction' ? ? ? ? ? ? ? ? ? ? ? XDS      ? ? ? .        ? 1 
? 'data reduction' ? ? ? ? ? ? ? ? ? ? ? autoPROC ? ? ? .        ? 2 
? 'data scaling'   ? ? ? ? ? ? ? ? ? ? ? Aimless  ? ? ? .        ? 3 
? 'data scaling'   ? ? ? ? ? ? ? ? ? ? ? autoPROC ? ? ? .        ? 4 
? phasing          ? ? ? ? ? ? ? ? ? ? ? PHASER   ? ? ? .        ? 5 
? refinement       ? ? ? ? ? ? ? ? ? ? ? REFMAC   ? ? ? 5.8.0425 ? 6 
# 
_cell.angle_alpha                  90.00 
_cell.angle_alpha_esd              ? 
_cell.angle_beta                   90.00 
_cell.angle_beta_esd               ? 
_cell.angle_gamma                  120.00 
_cell.angle_gamma_esd              ? 
_cell.entry_id                     9R4H 
_cell.details                      ? 
_cell.formula_units_Z              ? 
_cell.length_a                     60.241 
_cell.length_a_esd                 ? 
_cell.length_b                     60.241 
_cell.length_b_esd                 ? 
_cell.length_c                     97.706 
_cell.length_c_esd                 ? 
_cell.volume                       ? 
_cell.volume_esd                   ? 
_cell.Z_PDB                        6 
_cell.reciprocal_angle_alpha       ? 
_cell.reciprocal_angle_beta        ? 
_cell.reciprocal_angle_gamma       ? 
_cell.reciprocal_angle_alpha_esd   ? 
_cell.reciprocal_angle_beta_esd    ? 
_cell.reciprocal_angle_gamma_esd   ? 
_cell.reciprocal_length_a          ? 
_cell.reciprocal_length_b          ? 
_cell.reciprocal_length_c          ? 
_cell.reciprocal_length_a_esd      ? 
_cell.reciprocal_length_b_esd      ? 
_cell.reciprocal_length_c_esd      ? 
_cell.pdbx_unique_axis             ? 
_cell.pdbx_esd_method              ? 
# 
_symmetry.entry_id                         9R4H 
_symmetry.cell_setting                     ? 
_symmetry.Int_Tables_number                154 
_symmetry.space_group_name_Hall            ? 
_symmetry.space_group_name_H-M             'P 32 2 1' 
_symmetry.pdbx_full_space_group_name_H-M   ? 
# 
_exptl.absorpt_coefficient_mu     ? 
_exptl.absorpt_correction_T_max   ? 
_exptl.absorpt_correction_T_min   ? 
_exptl.absorpt_correction_type    ? 
_exptl.absorpt_process_details    ? 
_exptl.entry_id                   9R4H 
_exptl.crystals_number            1 
_exptl.details                    ? 
_exptl.method                     'X-RAY DIFFRACTION' 
_exptl.method_details             ? 
# 
_exptl_crystal.colour                       ? 
_exptl_crystal.density_diffrn               ? 
_exptl_crystal.density_Matthews             2.77 
_exptl_crystal.density_method               ? 
_exptl_crystal.density_percent_sol          55.63 
_exptl_crystal.description                  ? 
_exptl_crystal.F_000                        ? 
_exptl_crystal.id                           1 
_exptl_crystal.preparation                  ? 
_exptl_crystal.size_max                     ? 
_exptl_crystal.size_mid                     ? 
_exptl_crystal.size_min                     ? 
_exptl_crystal.size_rad                     ? 
_exptl_crystal.colour_lustre                ? 
_exptl_crystal.colour_modifier              ? 
_exptl_crystal.colour_primary               ? 
_exptl_crystal.density_meas                 ? 
_exptl_crystal.density_meas_esd             ? 
_exptl_crystal.density_meas_gt              ? 
_exptl_crystal.density_meas_lt              ? 
_exptl_crystal.density_meas_temp            ? 
_exptl_crystal.density_meas_temp_esd        ? 
_exptl_crystal.density_meas_temp_gt         ? 
_exptl_crystal.density_meas_temp_lt         ? 
_exptl_crystal.pdbx_crystal_image_url       ? 
_exptl_crystal.pdbx_crystal_image_format    ? 
_exptl_crystal.pdbx_mosaicity               ? 
_exptl_crystal.pdbx_mosaicity_esd           ? 
_exptl_crystal.pdbx_mosaic_method           ? 
_exptl_crystal.pdbx_mosaic_block_size       ? 
_exptl_crystal.pdbx_mosaic_block_size_esd   ? 
# 
_exptl_crystal_grow.apparatus       ? 
_exptl_crystal_grow.atmosphere      ? 
_exptl_crystal_grow.crystal_id      1 
_exptl_crystal_grow.details         ? 
_exptl_crystal_grow.method          'BATCH MODE' 
_exptl_crystal_grow.method_ref      ? 
_exptl_crystal_grow.pH              7.0 
_exptl_crystal_grow.pressure        ? 
_exptl_crystal_grow.pressure_esd    ? 
_exptl_crystal_grow.seeding         ? 
_exptl_crystal_grow.seeding_ref     ? 
_exptl_crystal_grow.temp_details    ? 
_exptl_crystal_grow.temp_esd        ? 
_exptl_crystal_grow.time            ? 
_exptl_crystal_grow.pdbx_details    '4 M sodium/potassium phosphate pH 7.0, 0.1 M 1,6-hexanediol, 0.15 M NaCl' 
_exptl_crystal_grow.pdbx_pH_range   ? 
_exptl_crystal_grow.temp            293 
# 
_diffrn.ambient_environment              ? 
_diffrn.ambient_temp                     100 
_diffrn.ambient_temp_details             ? 
_diffrn.ambient_temp_esd                 ? 
_diffrn.crystal_id                       1 
_diffrn.crystal_support                  ? 
_diffrn.crystal_treatment                ? 
_diffrn.details                          ? 
_diffrn.id                               1 
_diffrn.ambient_pressure                 ? 
_diffrn.ambient_pressure_esd             ? 
_diffrn.ambient_pressure_gt              ? 
_diffrn.ambient_pressure_lt              ? 
_diffrn.ambient_temp_gt                  ? 
_diffrn.ambient_temp_lt                  ? 
_diffrn.pdbx_serial_crystal_experiment   N 
# 
_diffrn_detector.details                      ? 
_diffrn_detector.detector                     PIXEL 
_diffrn_detector.diffrn_id                    1 
_diffrn_detector.type                         'DECTRIS EIGER2 X 16M' 
_diffrn_detector.area_resol_mean              ? 
_diffrn_detector.dtime                        ? 
_diffrn_detector.pdbx_frames_total            ? 
_diffrn_detector.pdbx_collection_time_total   ? 
_diffrn_detector.pdbx_collection_date         2024-06-27 
_diffrn_detector.pdbx_frequency               ? 
_diffrn_detector.id                           ? 
_diffrn_detector.number_of_axes               ? 
# 
_diffrn_radiation.collimation                      ? 
_diffrn_radiation.diffrn_id                        1 
_diffrn_radiation.filter_edge                      ? 
_diffrn_radiation.inhomogeneity                    ? 
_diffrn_radiation.monochromator                    ? 
_diffrn_radiation.polarisn_norm                    ? 
_diffrn_radiation.polarisn_ratio                   ? 
_diffrn_radiation.probe                            ? 
_diffrn_radiation.type                             ? 
_diffrn_radiation.xray_symbol                      ? 
_diffrn_radiation.wavelength_id                    1 
_diffrn_radiation.pdbx_monochromatic_or_laue_m_l   M 
_diffrn_radiation.pdbx_wavelength_list             ? 
_diffrn_radiation.pdbx_wavelength                  ? 
_diffrn_radiation.pdbx_diffrn_protocol             'SINGLE WAVELENGTH' 
_diffrn_radiation.pdbx_analyzer                    ? 
_diffrn_radiation.pdbx_scattering_type             x-ray 
# 
_diffrn_radiation_wavelength.id           1 
_diffrn_radiation_wavelength.wavelength   0.976 
_diffrn_radiation_wavelength.wt           1.0 
# 
_diffrn_source.current                     ? 
_diffrn_source.details                     ? 
_diffrn_source.diffrn_id                   1 
_diffrn_source.power                       ? 
_diffrn_source.size                        ? 
_diffrn_source.source                      SYNCHROTRON 
_diffrn_source.target                      ? 
_diffrn_source.type                        'PETRA III, EMBL c/o DESY BEAMLINE P14 (MX2)' 
_diffrn_source.voltage                     ? 
_diffrn_source.take-off_angle              ? 
_diffrn_source.pdbx_wavelength_list        0.976 
_diffrn_source.pdbx_wavelength             ? 
_diffrn_source.pdbx_synchrotron_beamline   'P14 (MX2)' 
_diffrn_source.pdbx_synchrotron_site       'PETRA III, EMBL c/o DESY' 
# 
_reflns.B_iso_Wilson_estimate                          ? 
_reflns.entry_id                                       9R4H 
_reflns.data_reduction_details                         ? 
_reflns.data_reduction_method                          ? 
_reflns.d_resolution_high                              1.493 
_reflns.d_resolution_low                               52.170 
_reflns.details                                        ? 
_reflns.limit_h_max                                    ? 
_reflns.limit_h_min                                    ? 
_reflns.limit_k_max                                    ? 
_reflns.limit_k_min                                    ? 
_reflns.limit_l_max                                    ? 
_reflns.limit_l_min                                    ? 
_reflns.number_all                                     ? 
_reflns.number_obs                                     31276 
_reflns.observed_criterion                             ? 
_reflns.observed_criterion_F_max                       ? 
_reflns.observed_criterion_F_min                       ? 
_reflns.observed_criterion_I_max                       ? 
_reflns.observed_criterion_I_min                       ? 
_reflns.observed_criterion_sigma_F                     ? 
_reflns.observed_criterion_sigma_I                     ? 
_reflns.percent_possible_obs                           95.1 
_reflns.R_free_details                                 ? 
_reflns.Rmerge_F_all                                   ? 
_reflns.Rmerge_F_obs                                   ? 
_reflns.Friedel_coverage                               ? 
_reflns.number_gt                                      ? 
_reflns.threshold_expression                           ? 
_reflns.pdbx_redundancy                                18.91 
_reflns.pdbx_netI_over_av_sigmaI                       ? 
_reflns.pdbx_netI_over_sigmaI                          15.9 
_reflns.pdbx_res_netI_over_av_sigmaI_2                 ? 
_reflns.pdbx_res_netI_over_sigmaI_2                    ? 
_reflns.pdbx_chi_squared                               ? 
_reflns.pdbx_scaling_rejects                           ? 
_reflns.pdbx_d_res_high_opt                            ? 
_reflns.pdbx_d_res_low_opt                             ? 
_reflns.pdbx_d_res_opt_method                          ? 
_reflns.phase_calculation_details                      ? 
_reflns.pdbx_Rrim_I_all                                ? 
_reflns.pdbx_Rpim_I_all                                ? 
_reflns.pdbx_d_opt                                     ? 
_reflns.pdbx_number_measured_all                       ? 
_reflns.pdbx_diffrn_id                                 1 
_reflns.pdbx_ordinal                                   1 
_reflns.pdbx_CC_half                                   0.999 
_reflns.pdbx_CC_star                                   ? 
_reflns.pdbx_R_split                                   ? 
_reflns.pdbx_Rmerge_I_obs                              ? 
_reflns.pdbx_Rmerge_I_all                              ? 
_reflns.pdbx_Rsym_value                                ? 
_reflns.pdbx_CC_split_method                           ? 
_reflns.pdbx_aniso_diffraction_limit_axis_1_ortho[1]   ? 
_reflns.pdbx_aniso_diffraction_limit_axis_1_ortho[2]   ? 
_reflns.pdbx_aniso_diffraction_limit_axis_1_ortho[3]   ? 
_reflns.pdbx_aniso_diffraction_limit_axis_2_ortho[1]   ? 
_reflns.pdbx_aniso_diffraction_limit_axis_2_ortho[2]   ? 
_reflns.pdbx_aniso_diffraction_limit_axis_2_ortho[3]   ? 
_reflns.pdbx_aniso_diffraction_limit_axis_3_ortho[1]   ? 
_reflns.pdbx_aniso_diffraction_limit_axis_3_ortho[2]   ? 
_reflns.pdbx_aniso_diffraction_limit_axis_3_ortho[3]   ? 
_reflns.pdbx_aniso_diffraction_limit_1                 ? 
_reflns.pdbx_aniso_diffraction_limit_2                 ? 
_reflns.pdbx_aniso_diffraction_limit_3                 ? 
_reflns.pdbx_aniso_B_tensor_eigenvector_1_ortho[1]     ? 
_reflns.pdbx_aniso_B_tensor_eigenvector_1_ortho[2]     ? 
_reflns.pdbx_aniso_B_tensor_eigenvector_1_ortho[3]     ? 
_reflns.pdbx_aniso_B_tensor_eigenvector_2_ortho[1]     ? 
_reflns.pdbx_aniso_B_tensor_eigenvector_2_ortho[2]     ? 
_reflns.pdbx_aniso_B_tensor_eigenvector_2_ortho[3]     ? 
_reflns.pdbx_aniso_B_tensor_eigenvector_3_ortho[1]     ? 
_reflns.pdbx_aniso_B_tensor_eigenvector_3_ortho[2]     ? 
_reflns.pdbx_aniso_B_tensor_eigenvector_3_ortho[3]     ? 
_reflns.pdbx_aniso_B_tensor_eigenvalue_1               ? 
_reflns.pdbx_aniso_B_tensor_eigenvalue_2               ? 
_reflns.pdbx_aniso_B_tensor_eigenvalue_3               ? 
_reflns.pdbx_orthogonalization_convention              ? 
_reflns.pdbx_percent_possible_ellipsoidal              ? 
_reflns.pdbx_percent_possible_spherical                ? 
_reflns.pdbx_percent_possible_ellipsoidal_anomalous    ? 
_reflns.pdbx_percent_possible_spherical_anomalous      ? 
_reflns.pdbx_redundancy_anomalous                      ? 
_reflns.pdbx_CC_half_anomalous                         ? 
_reflns.pdbx_absDiff_over_sigma_anomalous              ? 
_reflns.pdbx_percent_possible_anomalous                ? 
_reflns.pdbx_observed_signal_threshold                 ? 
_reflns.pdbx_signal_type                               ? 
_reflns.pdbx_signal_details                            ? 
_reflns.pdbx_signal_software_id                        ? 
# 
_reflns_shell.d_res_high                                    1.493 
_reflns_shell.d_res_low                                     1.560 
_reflns_shell.meanI_over_sigI_all                           ? 
_reflns_shell.meanI_over_sigI_obs                           ? 
_reflns_shell.number_measured_all                           ? 
_reflns_shell.number_measured_obs                           ? 
_reflns_shell.number_possible                               ? 
_reflns_shell.number_unique_all                             ? 
_reflns_shell.number_unique_obs                             1548 
_reflns_shell.percent_possible_obs                          ? 
_reflns_shell.Rmerge_F_all                                  ? 
_reflns_shell.Rmerge_F_obs                                  ? 
_reflns_shell.meanI_over_sigI_gt                            ? 
_reflns_shell.meanI_over_uI_all                             ? 
_reflns_shell.meanI_over_uI_gt                              ? 
_reflns_shell.number_measured_gt                            ? 
_reflns_shell.number_unique_gt                              ? 
_reflns_shell.percent_possible_gt                           ? 
_reflns_shell.Rmerge_F_gt                                   ? 
_reflns_shell.Rmerge_I_gt                                   ? 
_reflns_shell.pdbx_redundancy                               ? 
_reflns_shell.pdbx_chi_squared                              ? 
_reflns_shell.pdbx_netI_over_sigmaI_all                     ? 
_reflns_shell.pdbx_netI_over_sigmaI_obs                     ? 
_reflns_shell.pdbx_Rrim_I_all                               ? 
_reflns_shell.pdbx_Rpim_I_all                               ? 
_reflns_shell.pdbx_rejects                                  ? 
_reflns_shell.pdbx_ordinal                                  1 
_reflns_shell.pdbx_diffrn_id                                1 
_reflns_shell.pdbx_CC_half                                  0.516 
_reflns_shell.pdbx_CC_star                                  ? 
_reflns_shell.pdbx_R_split                                  ? 
_reflns_shell.percent_possible_all                          ? 
_reflns_shell.Rmerge_I_all                                  ? 
_reflns_shell.Rmerge_I_obs                                  ? 
_reflns_shell.pdbx_Rsym_value                               ? 
_reflns_shell.pdbx_percent_possible_ellipsoidal             ? 
_reflns_shell.pdbx_percent_possible_spherical               ? 
_reflns_shell.pdbx_percent_possible_ellipsoidal_anomalous   ? 
_reflns_shell.pdbx_percent_possible_spherical_anomalous     ? 
_reflns_shell.pdbx_redundancy_anomalous                     ? 
_reflns_shell.pdbx_CC_half_anomalous                        ? 
_reflns_shell.pdbx_absDiff_over_sigma_anomalous             ? 
_reflns_shell.pdbx_percent_possible_anomalous               ? 
# 
_refine.aniso_B[1][1]                            -0.10 
_refine.aniso_B[1][2]                            -0.05 
_refine.aniso_B[1][3]                            -0.00 
_refine.aniso_B[2][2]                            -0.10 
_refine.aniso_B[2][3]                            -0.00 
_refine.aniso_B[3][3]                            0.33 
_refine.B_iso_max                                ? 
_refine.B_iso_mean                               22.282 
_refine.B_iso_min                                ? 
_refine.correlation_coeff_Fo_to_Fc               0.962 
_refine.correlation_coeff_Fo_to_Fc_free          0.951 
_refine.details                                  'HYDROGENS HAVE BEEN USED IF PRESENT IN THE INPUT' 
_refine.diff_density_max                         ? 
_refine.diff_density_max_esd                     ? 
_refine.diff_density_min                         ? 
_refine.diff_density_min_esd                     ? 
_refine.diff_density_rms                         ? 
_refine.diff_density_rms_esd                     ? 
_refine.entry_id                                 9R4H 
_refine.pdbx_refine_id                           'X-RAY DIFFRACTION' 
_refine.ls_abs_structure_details                 ? 
_refine.ls_abs_structure_Flack                   ? 
_refine.ls_abs_structure_Flack_esd               ? 
_refine.ls_abs_structure_Rogers                  ? 
_refine.ls_abs_structure_Rogers_esd              ? 
_refine.ls_d_res_high                            1.49 
_refine.ls_d_res_low                             52.22 
_refine.ls_extinction_coef                       ? 
_refine.ls_extinction_coef_esd                   ? 
_refine.ls_extinction_expression                 ? 
_refine.ls_extinction_method                     ? 
_refine.ls_goodness_of_fit_all                   ? 
_refine.ls_goodness_of_fit_all_esd               ? 
_refine.ls_goodness_of_fit_obs                   ? 
_refine.ls_goodness_of_fit_obs_esd               ? 
_refine.ls_hydrogen_treatment                    ? 
_refine.ls_matrix_type                           ? 
_refine.ls_number_constraints                    ? 
_refine.ls_number_parameters                     ? 
_refine.ls_number_reflns_all                     ? 
_refine.ls_number_reflns_obs                     29757 
_refine.ls_number_reflns_R_free                  1518 
_refine.ls_number_reflns_R_work                  ? 
_refine.ls_number_restraints                     ? 
_refine.ls_percent_reflns_obs                    91.96 
_refine.ls_percent_reflns_R_free                 4.9 
_refine.ls_R_factor_all                          ? 
_refine.ls_R_factor_obs                          0.19061 
_refine.ls_R_factor_R_free                       0.21586 
_refine.ls_R_factor_R_free_error                 ? 
_refine.ls_R_factor_R_free_error_details         ? 
_refine.ls_R_factor_R_work                       0.18931 
_refine.ls_R_Fsqd_factor_obs                     ? 
_refine.ls_R_I_factor_obs                        ? 
_refine.ls_redundancy_reflns_all                 ? 
_refine.ls_redundancy_reflns_obs                 ? 
_refine.ls_restrained_S_all                      ? 
_refine.ls_restrained_S_obs                      ? 
_refine.ls_shift_over_esd_max                    ? 
_refine.ls_shift_over_esd_mean                   ? 
_refine.ls_structure_factor_coef                 ? 
_refine.ls_weighting_details                     ? 
_refine.ls_weighting_scheme                      ? 
_refine.ls_wR_factor_all                         ? 
_refine.ls_wR_factor_obs                         ? 
_refine.ls_wR_factor_R_free                      ? 
_refine.ls_wR_factor_R_work                      ? 
_refine.occupancy_max                            ? 
_refine.occupancy_min                            ? 
_refine.solvent_model_details                    MASK 
_refine.solvent_model_param_bsol                 ? 
_refine.solvent_model_param_ksol                 ? 
_refine.correlation_coeff_I_to_Fcsqd_work        ? 
_refine.correlation_coeff_I_to_Fcsqd_free        ? 
_refine.pdbx_R_complete                          ? 
_refine.ls_R_factor_gt                           ? 
_refine.ls_goodness_of_fit_gt                    ? 
_refine.ls_goodness_of_fit_ref                   ? 
_refine.ls_shift_over_su_max                     ? 
_refine.ls_shift_over_su_max_lt                  ? 
_refine.ls_shift_over_su_mean                    ? 
_refine.ls_shift_over_su_mean_lt                 ? 
_refine.pdbx_ls_sigma_I                          ? 
_refine.pdbx_ls_sigma_F                          ? 
_refine.pdbx_ls_sigma_Fsqd                       ? 
_refine.pdbx_data_cutoff_high_absF               ? 
_refine.pdbx_data_cutoff_high_rms_absF           ? 
_refine.pdbx_data_cutoff_low_absF                ? 
_refine.pdbx_isotropic_thermal_model             ? 
_refine.pdbx_ls_cross_valid_method               THROUGHOUT 
_refine.pdbx_method_to_determine_struct          'MOLECULAR REPLACEMENT' 
_refine.pdbx_starting_model                      ? 
_refine.pdbx_stereochemistry_target_values       'MAXIMUM LIKELIHOOD' 
_refine.pdbx_R_Free_selection_details            RANDOM 
_refine.pdbx_stereochem_target_val_spec_case     ? 
_refine.pdbx_overall_ESU_R                       0.072 
_refine.pdbx_overall_ESU_R_Free                  0.074 
_refine.pdbx_solvent_vdw_probe_radii             1.20 
_refine.pdbx_solvent_ion_probe_radii             0.80 
_refine.pdbx_solvent_shrinkage_radii             0.80 
_refine.pdbx_real_space_R                        ? 
_refine.pdbx_density_correlation                 ? 
_refine.pdbx_pd_number_of_powder_patterns        ? 
_refine.pdbx_pd_number_of_points                 ? 
_refine.pdbx_pd_meas_number_of_points            ? 
_refine.pdbx_pd_proc_ls_prof_R_factor            ? 
_refine.pdbx_pd_proc_ls_prof_wR_factor           ? 
_refine.pdbx_pd_Marquardt_correlation_coeff      ? 
_refine.pdbx_pd_Fsqrd_R_factor                   ? 
_refine.pdbx_pd_ls_matrix_band_width             ? 
_refine.pdbx_overall_phase_error                 ? 
_refine.pdbx_overall_SU_R_free_Cruickshank_DPI   ? 
_refine.pdbx_overall_SU_R_free_Blow_DPI          ? 
_refine.pdbx_overall_SU_R_Blow_DPI               ? 
_refine.pdbx_TLS_residual_ADP_flag               ? 
_refine.pdbx_diffrn_id                           1 
_refine.overall_SU_B                             1.413 
_refine.overall_SU_ML                            0.051 
_refine.overall_SU_R_Cruickshank_DPI             ? 
_refine.overall_SU_R_free                        ? 
_refine.overall_FOM_free_R_set                   ? 
_refine.overall_FOM_work_R_set                   ? 
_refine.pdbx_average_fsc_overall                 ? 
_refine.pdbx_average_fsc_work                    ? 
_refine.pdbx_average_fsc_free                    ? 
# 
_refine_hist.pdbx_refine_id                   'X-RAY DIFFRACTION' 
_refine_hist.cycle_id                         1 
_refine_hist.details                          ? 
_refine_hist.d_res_high                       1.49 
_refine_hist.d_res_low                        52.22 
_refine_hist.number_atoms_solvent             113 
_refine_hist.number_atoms_total               1420 
_refine_hist.number_reflns_all                ? 
_refine_hist.number_reflns_obs                ? 
_refine_hist.number_reflns_R_free             ? 
_refine_hist.number_reflns_R_work             ? 
_refine_hist.R_factor_all                     ? 
_refine_hist.R_factor_obs                     ? 
_refine_hist.R_factor_R_free                  ? 
_refine_hist.R_factor_R_work                  ? 
_refine_hist.pdbx_number_residues_total       ? 
_refine_hist.pdbx_B_iso_mean_ligand           ? 
_refine_hist.pdbx_B_iso_mean_solvent          ? 
_refine_hist.pdbx_number_atoms_protein        1295 
_refine_hist.pdbx_number_atoms_nucleic_acid   0 
_refine_hist.pdbx_number_atoms_ligand         12 
_refine_hist.pdbx_number_atoms_lipid          ? 
_refine_hist.pdbx_number_atoms_carb           ? 
_refine_hist.pdbx_pseudo_atom_details         ? 
# 
loop_
_refine_ls_restr.pdbx_refine_id 
_refine_ls_restr.criterion 
_refine_ls_restr.dev_ideal 
_refine_ls_restr.dev_ideal_target 
_refine_ls_restr.number 
_refine_ls_restr.rejects 
_refine_ls_restr.type 
_refine_ls_restr.weight 
_refine_ls_restr.pdbx_Zscore 
_refine_ls_restr.pdbx_restraint_function 
'X-RAY DIFFRACTION' ? 0.010  0.012  1335 ? r_bond_refined_d             ? ? ? 
'X-RAY DIFFRACTION' ? 0.001  0.016  1305 ? r_bond_other_d               ? ? ? 
'X-RAY DIFFRACTION' ? 1.836  1.828  1801 ? r_angle_refined_deg          ? ? ? 
'X-RAY DIFFRACTION' ? 0.647  1.792  2979 ? r_angle_other_deg            ? ? ? 
'X-RAY DIFFRACTION' ? 5.388  5.000  166  ? r_dihedral_angle_1_deg       ? ? ? 
'X-RAY DIFFRACTION' ? 6.283  5.000  13   ? r_dihedral_angle_2_deg       ? ? ? 
'X-RAY DIFFRACTION' ? 10.388 10.000 245  ? r_dihedral_angle_3_deg       ? ? ? 
'X-RAY DIFFRACTION' ? ?      ?      ?    ? r_dihedral_angle_4_deg       ? ? ? 
'X-RAY DIFFRACTION' ? 0.094  0.200  198  ? r_chiral_restr               ? ? ? 
'X-RAY DIFFRACTION' ? 0.009  0.020  1620 ? r_gen_planes_refined         ? ? ? 
'X-RAY DIFFRACTION' ? 0.001  0.020  338  ? r_gen_planes_other           ? ? ? 
'X-RAY DIFFRACTION' ? ?      ?      ?    ? r_nbd_refined                ? ? ? 
'X-RAY DIFFRACTION' ? ?      ?      ?    ? r_nbd_other                  ? ? ? 
'X-RAY DIFFRACTION' ? ?      ?      ?    ? r_nbtor_refined              ? ? ? 
'X-RAY DIFFRACTION' ? ?      ?      ?    ? r_nbtor_other                ? ? ? 
'X-RAY DIFFRACTION' ? ?      ?      ?    ? r_xyhbond_nbd_refined        ? ? ? 
'X-RAY DIFFRACTION' ? ?      ?      ?    ? r_xyhbond_nbd_other          ? ? ? 
'X-RAY DIFFRACTION' ? ?      ?      ?    ? r_metal_ion_refined          ? ? ? 
'X-RAY DIFFRACTION' ? ?      ?      ?    ? r_metal_ion_other            ? ? ? 
'X-RAY DIFFRACTION' ? ?      ?      ?    ? r_symmetry_vdw_refined       ? ? ? 
'X-RAY DIFFRACTION' ? ?      ?      ?    ? r_symmetry_vdw_other         ? ? ? 
'X-RAY DIFFRACTION' ? ?      ?      ?    ? r_symmetry_hbond_refined     ? ? ? 
'X-RAY DIFFRACTION' ? ?      ?      ?    ? r_symmetry_hbond_other       ? ? ? 
'X-RAY DIFFRACTION' ? ?      ?      ?    ? r_symmetry_metal_ion_refined ? ? ? 
'X-RAY DIFFRACTION' ? ?      ?      ?    ? r_symmetry_metal_ion_other   ? ? ? 
'X-RAY DIFFRACTION' ? 1.671  1.962  655  ? r_mcbond_it                  ? ? ? 
'X-RAY DIFFRACTION' ? 1.670  1.968  656  ? r_mcbond_other               ? ? ? 
'X-RAY DIFFRACTION' ? 2.374  3.520  818  ? r_mcangle_it                 ? ? ? 
'X-RAY DIFFRACTION' ? 2.372  3.527  819  ? r_mcangle_other              ? ? ? 
'X-RAY DIFFRACTION' ? 3.010  2.311  680  ? r_scbond_it                  ? ? ? 
'X-RAY DIFFRACTION' ? 3.010  2.311  680  ? r_scbond_other               ? ? ? 
'X-RAY DIFFRACTION' ? ?      ?      ?    ? r_scangle_it                 ? ? ? 
'X-RAY DIFFRACTION' ? 4.584  4.085  982  ? r_scangle_other              ? ? ? 
'X-RAY DIFFRACTION' ? 5.381  19.70  1561 ? r_long_range_B_refined       ? ? ? 
'X-RAY DIFFRACTION' ? 5.359  19.46  1543 ? r_long_range_B_other         ? ? ? 
'X-RAY DIFFRACTION' ? ?      ?      ?    ? r_rigid_bond_restr           ? ? ? 
'X-RAY DIFFRACTION' ? ?      ?      ?    ? r_sphericity_free            ? ? ? 
'X-RAY DIFFRACTION' ? ?      ?      ?    ? r_sphericity_bonded          ? ? ? 
# 
_refine_ls_shell.pdbx_refine_id                      'X-RAY DIFFRACTION' 
_refine_ls_shell.d_res_high                          1.493 
_refine_ls_shell.d_res_low                           1.531 
_refine_ls_shell.number_reflns_all                   ? 
_refine_ls_shell.number_reflns_obs                   ? 
_refine_ls_shell.number_reflns_R_free                29 
_refine_ls_shell.number_reflns_R_work                453 
_refine_ls_shell.percent_reflns_obs                  19.51 
_refine_ls_shell.percent_reflns_R_free               ? 
_refine_ls_shell.R_factor_all                        ? 
_refine_ls_shell.R_factor_obs                        ? 
_refine_ls_shell.R_factor_R_free_error               ? 
_refine_ls_shell.R_factor_R_work                     0.276 
_refine_ls_shell.redundancy_reflns_all               ? 
_refine_ls_shell.redundancy_reflns_obs               ? 
_refine_ls_shell.wR_factor_all                       ? 
_refine_ls_shell.wR_factor_obs                       ? 
_refine_ls_shell.wR_factor_R_free                    ? 
_refine_ls_shell.wR_factor_R_work                    ? 
_refine_ls_shell.pdbx_R_complete                     ? 
_refine_ls_shell.correlation_coeff_Fo_to_Fc          ? 
_refine_ls_shell.correlation_coeff_Fo_to_Fc_free     ? 
_refine_ls_shell.correlation_coeff_I_to_Fcsqd_work   ? 
_refine_ls_shell.correlation_coeff_I_to_Fcsqd_free   ? 
_refine_ls_shell.pdbx_total_number_of_bins_used      20 
_refine_ls_shell.pdbx_phase_error                    ? 
_refine_ls_shell.pdbx_fsc_work                       ? 
_refine_ls_shell.pdbx_fsc_free                       ? 
_refine_ls_shell.R_factor_R_free                     0.356 
# 
_struct.entry_id                     9R4H 
_struct.title                        
;Spitrobot-2 advances time-resolvedcryo-trapping crystallography to under 25 ms: T4 Lysozyme, mutant L99A bound with indole (10 s soaking)
;
_struct.pdbx_model_details           ? 
_struct.pdbx_formula_weight          ? 
_struct.pdbx_formula_weight_method   ? 
_struct.pdbx_model_type_details      ? 
_struct.pdbx_CASP_flag               N 
# 
_struct_keywords.entry_id        9R4H 
_struct_keywords.text            'T4 lysozyme, L99A, HYDROLASE' 
_struct_keywords.pdbx_keywords   HYDROLASE 
# 
loop_
_struct_asym.id 
_struct_asym.pdbx_blank_PDB_chainid_flag 
_struct_asym.pdbx_modified 
_struct_asym.entity_id 
_struct_asym.details 
A N N 1 ? 
B N N 2 ? 
C N N 3 ? 
D N N 3 ? 
E N N 3 ? 
F N N 4 ? 
# 
_struct_ref.id                         1 
_struct_ref.db_name                    UNP 
_struct_ref.db_code                    A0A7S9SVX7_BPT4 
_struct_ref.pdbx_db_accession          A0A7S9SVX7 
_struct_ref.pdbx_db_isoform            ? 
_struct_ref.entity_id                  1 
_struct_ref.pdbx_seq_one_letter_code   
;MNIFEMLRIDEGLRLKIYKDTEGYYTIGIGHLLTKSPSLNAAKSELDKAIGRNCNGVITKDEAEKLFNQDVDAAVRGILR
NAKLKPVYDSLDAVRRCALINMVFQMGETGVAGFTNSLRMLQQKRWDEAAVNLAKSRWYNQTPNRAKRVITTFRTGTWDA
YKN
;
_struct_ref.pdbx_align_begin           1 
# 
_struct_ref_seq.align_id                      1 
_struct_ref_seq.ref_id                        1 
_struct_ref_seq.pdbx_PDB_id_code              9R4H 
_struct_ref_seq.pdbx_strand_id                A 
_struct_ref_seq.seq_align_beg                 1 
_struct_ref_seq.pdbx_seq_align_beg_ins_code   ? 
_struct_ref_seq.seq_align_end                 163 
_struct_ref_seq.pdbx_seq_align_end_ins_code   ? 
_struct_ref_seq.pdbx_db_accession             A0A7S9SVX7 
_struct_ref_seq.db_align_beg                  1 
_struct_ref_seq.pdbx_db_align_beg_ins_code    ? 
_struct_ref_seq.db_align_end                  163 
_struct_ref_seq.pdbx_db_align_end_ins_code    ? 
_struct_ref_seq.pdbx_auth_seq_align_beg       1 
_struct_ref_seq.pdbx_auth_seq_align_end       163 
# 
loop_
_struct_ref_seq_dif.align_id 
_struct_ref_seq_dif.pdbx_pdb_id_code 
_struct_ref_seq_dif.mon_id 
_struct_ref_seq_dif.pdbx_pdb_strand_id 
_struct_ref_seq_dif.seq_num 
_struct_ref_seq_dif.pdbx_pdb_ins_code 
_struct_ref_seq_dif.pdbx_seq_db_name 
_struct_ref_seq_dif.pdbx_seq_db_accession_code 
_struct_ref_seq_dif.db_mon_id 
_struct_ref_seq_dif.pdbx_seq_db_seq_num 
_struct_ref_seq_dif.details 
_struct_ref_seq_dif.pdbx_auth_seq_num 
_struct_ref_seq_dif.pdbx_ordinal 
1 9R4H ALA A 97  ? UNP A0A7S9SVX7 CYS 97  conflict              97  1 
1 9R4H ALA A 99  ? UNP A0A7S9SVX7 LEU 99  'engineered mutation' 99  2 
1 9R4H ASN A 162 ? UNP A0A7S9SVX7 LYS 162 conflict              162 3 
# 
_pdbx_struct_assembly.id                   1 
_pdbx_struct_assembly.details              author_and_software_defined_assembly 
_pdbx_struct_assembly.method_details       PISA 
_pdbx_struct_assembly.oligomeric_details   monomeric 
_pdbx_struct_assembly.oligomeric_count     1 
# 
loop_
_pdbx_struct_assembly_prop.biol_id 
_pdbx_struct_assembly_prop.type 
_pdbx_struct_assembly_prop.value 
_pdbx_struct_assembly_prop.details 
1 'ABSA (A^2)' 720  ? 
1 MORE         -31  ? 
1 'SSA (A^2)'  8820 ? 
# 
_pdbx_struct_assembly_gen.assembly_id       1 
_pdbx_struct_assembly_gen.oper_expression   1 
_pdbx_struct_assembly_gen.asym_id_list      A,B,C,D,E,F 
# 
_pdbx_struct_assembly_auth_evidence.id                     1 
_pdbx_struct_assembly_auth_evidence.assembly_id            1 
_pdbx_struct_assembly_auth_evidence.experimental_support   'gel filtration' 
_pdbx_struct_assembly_auth_evidence.details                ? 
# 
_pdbx_struct_oper_list.id                   1 
_pdbx_struct_oper_list.type                 'identity operation' 
_pdbx_struct_oper_list.name                 1_555 
_pdbx_struct_oper_list.symmetry_operation   x,y,z 
_pdbx_struct_oper_list.matrix[1][1]         1.0000000000 
_pdbx_struct_oper_list.matrix[1][2]         0.0000000000 
_pdbx_struct_oper_list.matrix[1][3]         0.0000000000 
_pdbx_struct_oper_list.vector[1]            0.0000000000 
_pdbx_struct_oper_list.matrix[2][1]         0.0000000000 
_pdbx_struct_oper_list.matrix[2][2]         1.0000000000 
_pdbx_struct_oper_list.matrix[2][3]         0.0000000000 
_pdbx_struct_oper_list.vector[2]            0.0000000000 
_pdbx_struct_oper_list.matrix[3][1]         0.0000000000 
_pdbx_struct_oper_list.matrix[3][2]         0.0000000000 
_pdbx_struct_oper_list.matrix[3][3]         1.0000000000 
_pdbx_struct_oper_list.vector[3]            0.0000000000 
# 
loop_
_struct_conf.conf_type_id 
_struct_conf.id 
_struct_conf.pdbx_PDB_helix_id 
_struct_conf.beg_label_comp_id 
_struct_conf.beg_label_asym_id 
_struct_conf.beg_label_seq_id 
_struct_conf.pdbx_beg_PDB_ins_code 
_struct_conf.end_label_comp_id 
_struct_conf.end_label_asym_id 
_struct_conf.end_label_seq_id 
_struct_conf.pdbx_end_PDB_ins_code 
_struct_conf.beg_auth_comp_id 
_struct_conf.beg_auth_asym_id 
_struct_conf.beg_auth_seq_id 
_struct_conf.end_auth_comp_id 
_struct_conf.end_auth_asym_id 
_struct_conf.end_auth_seq_id 
_struct_conf.pdbx_PDB_helix_class 
_struct_conf.details 
_struct_conf.pdbx_PDB_helix_length 
HELX_P HELX_P1  AA1 ASN A 2   ? GLY A 12  ? ASN A 2   GLY A 12  1 ? 11 
HELX_P HELX_P2  AA2 SER A 38  ? GLY A 51  ? SER A 38  GLY A 51  1 ? 14 
HELX_P HELX_P3  AA3 THR A 59  ? ARG A 80  ? THR A 59  ARG A 80  1 ? 22 
HELX_P HELX_P4  AA4 LYS A 83  ? LEU A 91  ? LYS A 83  LEU A 91  1 ? 9  
HELX_P HELX_P5  AA5 ASP A 92  ? ALA A 112 ? ASP A 92  ALA A 112 1 ? 21 
HELX_P HELX_P6  AA6 PHE A 114 ? GLN A 123 ? PHE A 114 GLN A 123 1 ? 10 
HELX_P HELX_P7  AA7 ARG A 125 ? ALA A 134 ? ARG A 125 ALA A 134 1 ? 10 
HELX_P HELX_P8  AA8 SER A 136 ? THR A 142 ? SER A 136 THR A 142 1 ? 7  
HELX_P HELX_P9  AA9 THR A 142 ? GLY A 156 ? THR A 142 GLY A 156 1 ? 15 
HELX_P HELX_P10 AB1 TRP A 158 ? ASN A 162 ? TRP A 158 ASN A 162 5 ? 5  
# 
_struct_conf_type.id          HELX_P 
_struct_conf_type.criteria    ? 
_struct_conf_type.reference   ? 
# 
loop_
_struct_conn.id 
_struct_conn.conn_type_id 
_struct_conn.pdbx_leaving_atom_flag 
_struct_conn.pdbx_PDB_id 
_struct_conn.ptnr1_label_asym_id 
_struct_conn.ptnr1_label_comp_id 
_struct_conn.ptnr1_label_seq_id 
_struct_conn.ptnr1_label_atom_id 
_struct_conn.pdbx_ptnr1_label_alt_id 
_struct_conn.pdbx_ptnr1_PDB_ins_code 
_struct_conn.pdbx_ptnr1_standard_comp_id 
_struct_conn.ptnr1_symmetry 
_struct_conn.ptnr2_label_asym_id 
_struct_conn.ptnr2_label_comp_id 
_struct_conn.ptnr2_label_seq_id 
_struct_conn.ptnr2_label_atom_id 
_struct_conn.pdbx_ptnr2_label_alt_id 
_struct_conn.pdbx_ptnr2_PDB_ins_code 
_struct_conn.ptnr1_auth_asym_id 
_struct_conn.ptnr1_auth_comp_id 
_struct_conn.ptnr1_auth_seq_id 
_struct_conn.ptnr2_auth_asym_id 
_struct_conn.ptnr2_auth_comp_id 
_struct_conn.ptnr2_auth_seq_id 
_struct_conn.ptnr2_symmetry 
_struct_conn.pdbx_ptnr3_label_atom_id 
_struct_conn.pdbx_ptnr3_label_seq_id 
_struct_conn.pdbx_ptnr3_label_comp_id 
_struct_conn.pdbx_ptnr3_label_asym_id 
_struct_conn.pdbx_ptnr3_label_alt_id 
_struct_conn.pdbx_ptnr3_PDB_ins_code 
_struct_conn.details 
_struct_conn.pdbx_dist_value 
_struct_conn.pdbx_value_order 
_struct_conn.pdbx_role 
metalc1 metalc ? ? A ILE 29  O   ? ? ? 1_555 D NA . NA ? ? A ILE 29  A NA 203 1_555 ? ? ? ? ? ? ? 2.804 ? ? 
metalc2 metalc ? ? A ALA 63  O   ? ? ? 1_555 C NA . NA ? ? A ALA 63  A NA 202 1_555 ? ? ? ? ? ? ? 2.790 ? ? 
metalc3 metalc ? ? A ASP 70  OD2 ? ? ? 1_555 D NA . NA ? ? A ASP 70  A NA 203 1_555 ? ? ? ? ? ? ? 2.754 ? ? 
metalc4 metalc ? ? A THR 152 OG1 ? ? ? 1_555 E NA . NA ? ? A THR 152 A NA 204 1_555 ? ? ? ? ? ? ? 2.818 ? ? 
metalc5 metalc ? ? A THR 157 O   ? ? ? 1_555 E NA . NA ? ? A THR 157 A NA 204 1_555 ? ? ? ? ? ? ? 2.738 ? ? 
# 
_struct_conn_type.id          metalc 
_struct_conn_type.criteria    ? 
_struct_conn_type.reference   ? 
# 
loop_
_pdbx_struct_conn_angle.id 
_pdbx_struct_conn_angle.ptnr1_label_atom_id 
_pdbx_struct_conn_angle.ptnr1_label_alt_id 
_pdbx_struct_conn_angle.ptnr1_label_asym_id 
_pdbx_struct_conn_angle.ptnr1_label_comp_id 
_pdbx_struct_conn_angle.ptnr1_label_seq_id 
_pdbx_struct_conn_angle.ptnr1_auth_atom_id 
_pdbx_struct_conn_angle.ptnr1_auth_asym_id 
_pdbx_struct_conn_angle.ptnr1_auth_comp_id 
_pdbx_struct_conn_angle.ptnr1_auth_seq_id 
_pdbx_struct_conn_angle.ptnr1_PDB_ins_code 
_pdbx_struct_conn_angle.ptnr1_symmetry 
_pdbx_struct_conn_angle.ptnr2_label_atom_id 
_pdbx_struct_conn_angle.ptnr2_label_alt_id 
_pdbx_struct_conn_angle.ptnr2_label_asym_id 
_pdbx_struct_conn_angle.ptnr2_label_comp_id 
_pdbx_struct_conn_angle.ptnr2_label_seq_id 
_pdbx_struct_conn_angle.ptnr2_auth_atom_id 
_pdbx_struct_conn_angle.ptnr2_auth_asym_id 
_pdbx_struct_conn_angle.ptnr2_auth_comp_id 
_pdbx_struct_conn_angle.ptnr2_auth_seq_id 
_pdbx_struct_conn_angle.ptnr2_PDB_ins_code 
_pdbx_struct_conn_angle.ptnr2_symmetry 
_pdbx_struct_conn_angle.ptnr3_label_atom_id 
_pdbx_struct_conn_angle.ptnr3_label_alt_id 
_pdbx_struct_conn_angle.ptnr3_label_asym_id 
_pdbx_struct_conn_angle.ptnr3_label_comp_id 
_pdbx_struct_conn_angle.ptnr3_label_seq_id 
_pdbx_struct_conn_angle.ptnr3_auth_atom_id 
_pdbx_struct_conn_angle.ptnr3_auth_asym_id 
_pdbx_struct_conn_angle.ptnr3_auth_comp_id 
_pdbx_struct_conn_angle.ptnr3_auth_seq_id 
_pdbx_struct_conn_angle.ptnr3_PDB_ins_code 
_pdbx_struct_conn_angle.ptnr3_symmetry 
_pdbx_struct_conn_angle.value 
_pdbx_struct_conn_angle.value_esd 
1 O   ? A ILE 29  ? A ILE 29  ? 1_555 NA ? D NA . ? A NA 203 ? 1_555 OD2 ? A ASP 70  ? A ASP 70  ? 1_555 134.1 ? 
2 OG1 ? A THR 152 ? A THR 152 ? 1_555 NA ? E NA . ? A NA 204 ? 1_555 O   ? A THR 157 ? A THR 157 ? 1_555 96.6  ? 
# 
_struct_sheet.id               AA1 
_struct_sheet.type             ? 
_struct_sheet.number_strands   3 
_struct_sheet.details          ? 
# 
loop_
_struct_sheet_order.sheet_id 
_struct_sheet_order.range_id_1 
_struct_sheet_order.range_id_2 
_struct_sheet_order.offset 
_struct_sheet_order.sense 
AA1 1 2 ? anti-parallel 
AA1 2 3 ? anti-parallel 
# 
loop_
_struct_sheet_range.sheet_id 
_struct_sheet_range.id 
_struct_sheet_range.beg_label_comp_id 
_struct_sheet_range.beg_label_asym_id 
_struct_sheet_range.beg_label_seq_id 
_struct_sheet_range.pdbx_beg_PDB_ins_code 
_struct_sheet_range.end_label_comp_id 
_struct_sheet_range.end_label_asym_id 
_struct_sheet_range.end_label_seq_id 
_struct_sheet_range.pdbx_end_PDB_ins_code 
_struct_sheet_range.beg_auth_comp_id 
_struct_sheet_range.beg_auth_asym_id 
_struct_sheet_range.beg_auth_seq_id 
_struct_sheet_range.end_auth_comp_id 
_struct_sheet_range.end_auth_asym_id 
_struct_sheet_range.end_auth_seq_id 
AA1 1 ARG A 14 ? LYS A 19 ? ARG A 14 LYS A 19 
AA1 2 TYR A 25 ? GLY A 28 ? TYR A 25 GLY A 28 
AA1 3 HIS A 31 ? LEU A 32 ? HIS A 31 LEU A 32 
# 
loop_
_pdbx_struct_sheet_hbond.sheet_id 
_pdbx_struct_sheet_hbond.range_id_1 
_pdbx_struct_sheet_hbond.range_id_2 
_pdbx_struct_sheet_hbond.range_1_label_atom_id 
_pdbx_struct_sheet_hbond.range_1_label_comp_id 
_pdbx_struct_sheet_hbond.range_1_label_asym_id 
_pdbx_struct_sheet_hbond.range_1_label_seq_id 
_pdbx_struct_sheet_hbond.range_1_PDB_ins_code 
_pdbx_struct_sheet_hbond.range_1_auth_atom_id 
_pdbx_struct_sheet_hbond.range_1_auth_comp_id 
_pdbx_struct_sheet_hbond.range_1_auth_asym_id 
_pdbx_struct_sheet_hbond.range_1_auth_seq_id 
_pdbx_struct_sheet_hbond.range_2_label_atom_id 
_pdbx_struct_sheet_hbond.range_2_label_comp_id 
_pdbx_struct_sheet_hbond.range_2_label_asym_id 
_pdbx_struct_sheet_hbond.range_2_label_seq_id 
_pdbx_struct_sheet_hbond.range_2_PDB_ins_code 
_pdbx_struct_sheet_hbond.range_2_auth_atom_id 
_pdbx_struct_sheet_hbond.range_2_auth_comp_id 
_pdbx_struct_sheet_hbond.range_2_auth_asym_id 
_pdbx_struct_sheet_hbond.range_2_auth_seq_id 
AA1 1 2 N TYR A 18 ? N TYR A 18 O THR A 26 ? O THR A 26 
AA1 2 3 N ILE A 27 ? N ILE A 27 O HIS A 31 ? O HIS A 31 
# 
_pdbx_entry_details.entry_id                   9R4H 
_pdbx_entry_details.nonpolymer_details         ? 
_pdbx_entry_details.sequence_details           ? 
_pdbx_entry_details.compound_details           ? 
_pdbx_entry_details.source_details             ? 
_pdbx_entry_details.has_ligand_of_interest     Y 
_pdbx_entry_details.has_protein_modification   N 
# 
loop_
_pdbx_validate_rmsd_angle.id 
_pdbx_validate_rmsd_angle.PDB_model_num 
_pdbx_validate_rmsd_angle.auth_atom_id_1 
_pdbx_validate_rmsd_angle.auth_asym_id_1 
_pdbx_validate_rmsd_angle.auth_comp_id_1 
_pdbx_validate_rmsd_angle.auth_seq_id_1 
_pdbx_validate_rmsd_angle.PDB_ins_code_1 
_pdbx_validate_rmsd_angle.label_alt_id_1 
_pdbx_validate_rmsd_angle.auth_atom_id_2 
_pdbx_validate_rmsd_angle.auth_asym_id_2 
_pdbx_validate_rmsd_angle.auth_comp_id_2 
_pdbx_validate_rmsd_angle.auth_seq_id_2 
_pdbx_validate_rmsd_angle.PDB_ins_code_2 
_pdbx_validate_rmsd_angle.label_alt_id_2 
_pdbx_validate_rmsd_angle.auth_atom_id_3 
_pdbx_validate_rmsd_angle.auth_asym_id_3 
_pdbx_validate_rmsd_angle.auth_comp_id_3 
_pdbx_validate_rmsd_angle.auth_seq_id_3 
_pdbx_validate_rmsd_angle.PDB_ins_code_3 
_pdbx_validate_rmsd_angle.label_alt_id_3 
_pdbx_validate_rmsd_angle.angle_value 
_pdbx_validate_rmsd_angle.angle_target_value 
_pdbx_validate_rmsd_angle.angle_deviation 
_pdbx_validate_rmsd_angle.angle_standard_deviation 
_pdbx_validate_rmsd_angle.linker_flag 
1 1 NE A ARG 8  ? ? CZ A ARG 8  ? ? NH1 A ARG 8  ? ? 123.40 120.30 3.10   0.50 N 
2 1 CG A ARG 80 ? ? CD A ARG 80 ? ? NE  A ARG 80 ? ? 98.42  111.80 -13.38 2.10 N 
3 1 NE A ARG 80 ? ? CZ A ARG 80 ? ? NH1 A ARG 80 ? ? 116.83 120.30 -3.47  0.50 N 
# 
_pdbx_validate_torsion.id              1 
_pdbx_validate_torsion.PDB_model_num   1 
_pdbx_validate_torsion.auth_comp_id    ILE 
_pdbx_validate_torsion.auth_asym_id    A 
_pdbx_validate_torsion.auth_seq_id     29 
_pdbx_validate_torsion.PDB_ins_code    ? 
_pdbx_validate_torsion.label_alt_id    ? 
_pdbx_validate_torsion.phi             -100.64 
_pdbx_validate_torsion.psi             70.80 
# 
loop_
_chem_comp_atom.comp_id 
_chem_comp_atom.atom_id 
_chem_comp_atom.type_symbol 
_chem_comp_atom.pdbx_aromatic_flag 
_chem_comp_atom.pdbx_stereo_config 
_chem_comp_atom.pdbx_ordinal 
ALA N    N  N N 1   
ALA CA   C  N S 2   
ALA C    C  N N 3   
ALA O    O  N N 4   
ALA CB   C  N N 5   
ALA OXT  O  N N 6   
ALA H    H  N N 7   
ALA H2   H  N N 8   
ALA HA   H  N N 9   
ALA HB1  H  N N 10  
ALA HB2  H  N N 11  
ALA HB3  H  N N 12  
ALA HXT  H  N N 13  
ARG N    N  N N 14  
ARG CA   C  N S 15  
ARG C    C  N N 16  
ARG O    O  N N 17  
ARG CB   C  N N 18  
ARG CG   C  N N 19  
ARG CD   C  N N 20  
ARG NE   N  N N 21  
ARG CZ   C  N N 22  
ARG NH1  N  N N 23  
ARG NH2  N  N N 24  
ARG OXT  O  N N 25  
ARG H    H  N N 26  
ARG H2   H  N N 27  
ARG HA   H  N N 28  
ARG HB2  H  N N 29  
ARG HB3  H  N N 30  
ARG HG2  H  N N 31  
ARG HG3  H  N N 32  
ARG HD2  H  N N 33  
ARG HD3  H  N N 34  
ARG HE   H  N N 35  
ARG HH11 H  N N 36  
ARG HH12 H  N N 37  
ARG HH21 H  N N 38  
ARG HH22 H  N N 39  
ARG HXT  H  N N 40  
ASN N    N  N N 41  
ASN CA   C  N S 42  
ASN C    C  N N 43  
ASN O    O  N N 44  
ASN CB   C  N N 45  
ASN CG   C  N N 46  
ASN OD1  O  N N 47  
ASN ND2  N  N N 48  
ASN OXT  O  N N 49  
ASN H    H  N N 50  
ASN H2   H  N N 51  
ASN HA   H  N N 52  
ASN HB2  H  N N 53  
ASN HB3  H  N N 54  
ASN HD21 H  N N 55  
ASN HD22 H  N N 56  
ASN HXT  H  N N 57  
ASP N    N  N N 58  
ASP CA   C  N S 59  
ASP C    C  N N 60  
ASP O    O  N N 61  
ASP CB   C  N N 62  
ASP CG   C  N N 63  
ASP OD1  O  N N 64  
ASP OD2  O  N N 65  
ASP OXT  O  N N 66  
ASP H    H  N N 67  
ASP H2   H  N N 68  
ASP HA   H  N N 69  
ASP HB2  H  N N 70  
ASP HB3  H  N N 71  
ASP HD2  H  N N 72  
ASP HXT  H  N N 73  
CYS N    N  N N 74  
CYS CA   C  N R 75  
CYS C    C  N N 76  
CYS O    O  N N 77  
CYS CB   C  N N 78  
CYS SG   S  N N 79  
CYS OXT  O  N N 80  
CYS H    H  N N 81  
CYS H2   H  N N 82  
CYS HA   H  N N 83  
CYS HB2  H  N N 84  
CYS HB3  H  N N 85  
CYS HG   H  N N 86  
CYS HXT  H  N N 87  
GLN N    N  N N 88  
GLN CA   C  N S 89  
GLN C    C  N N 90  
GLN O    O  N N 91  
GLN CB   C  N N 92  
GLN CG   C  N N 93  
GLN CD   C  N N 94  
GLN OE1  O  N N 95  
GLN NE2  N  N N 96  
GLN OXT  O  N N 97  
GLN H    H  N N 98  
GLN H2   H  N N 99  
GLN HA   H  N N 100 
GLN HB2  H  N N 101 
GLN HB3  H  N N 102 
GLN HG2  H  N N 103 
GLN HG3  H  N N 104 
GLN HE21 H  N N 105 
GLN HE22 H  N N 106 
GLN HXT  H  N N 107 
GLU N    N  N N 108 
GLU CA   C  N S 109 
GLU C    C  N N 110 
GLU O    O  N N 111 
GLU CB   C  N N 112 
GLU CG   C  N N 113 
GLU CD   C  N N 114 
GLU OE1  O  N N 115 
GLU OE2  O  N N 116 
GLU OXT  O  N N 117 
GLU H    H  N N 118 
GLU H2   H  N N 119 
GLU HA   H  N N 120 
GLU HB2  H  N N 121 
GLU HB3  H  N N 122 
GLU HG2  H  N N 123 
GLU HG3  H  N N 124 
GLU HE2  H  N N 125 
GLU HXT  H  N N 126 
GLY N    N  N N 127 
GLY CA   C  N N 128 
GLY C    C  N N 129 
GLY O    O  N N 130 
GLY OXT  O  N N 131 
GLY H    H  N N 132 
GLY H2   H  N N 133 
GLY HA2  H  N N 134 
GLY HA3  H  N N 135 
GLY HXT  H  N N 136 
HIS N    N  N N 137 
HIS CA   C  N S 138 
HIS C    C  N N 139 
HIS O    O  N N 140 
HIS CB   C  N N 141 
HIS CG   C  Y N 142 
HIS ND1  N  Y N 143 
HIS CD2  C  Y N 144 
HIS CE1  C  Y N 145 
HIS NE2  N  Y N 146 
HIS OXT  O  N N 147 
HIS H    H  N N 148 
HIS H2   H  N N 149 
HIS HA   H  N N 150 
HIS HB2  H  N N 151 
HIS HB3  H  N N 152 
HIS HD1  H  N N 153 
HIS HD2  H  N N 154 
HIS HE1  H  N N 155 
HIS HE2  H  N N 156 
HIS HXT  H  N N 157 
HOH O    O  N N 158 
HOH H1   H  N N 159 
HOH H2   H  N N 160 
ILE N    N  N N 161 
ILE CA   C  N S 162 
ILE C    C  N N 163 
ILE O    O  N N 164 
ILE CB   C  N S 165 
ILE CG1  C  N N 166 
ILE CG2  C  N N 167 
ILE CD1  C  N N 168 
ILE OXT  O  N N 169 
ILE H    H  N N 170 
ILE H2   H  N N 171 
ILE HA   H  N N 172 
ILE HB   H  N N 173 
ILE HG12 H  N N 174 
ILE HG13 H  N N 175 
ILE HG21 H  N N 176 
ILE HG22 H  N N 177 
ILE HG23 H  N N 178 
ILE HD11 H  N N 179 
ILE HD12 H  N N 180 
ILE HD13 H  N N 181 
ILE HXT  H  N N 182 
IND N1   N  Y N 183 
IND C2   C  Y N 184 
IND C3   C  Y N 185 
IND C4   C  Y N 186 
IND C5   C  Y N 187 
IND C6   C  Y N 188 
IND C7   C  Y N 189 
IND C8   C  Y N 190 
IND C9   C  Y N 191 
IND HN1  H  N N 192 
IND H2   H  N N 193 
IND H3   H  N N 194 
IND H4   H  N N 195 
IND H5   H  N N 196 
IND H6   H  N N 197 
IND H7   H  N N 198 
LEU N    N  N N 199 
LEU CA   C  N S 200 
LEU C    C  N N 201 
LEU O    O  N N 202 
LEU CB   C  N N 203 
LEU CG   C  N N 204 
LEU CD1  C  N N 205 
LEU CD2  C  N N 206 
LEU OXT  O  N N 207 
LEU H    H  N N 208 
LEU H2   H  N N 209 
LEU HA   H  N N 210 
LEU HB2  H  N N 211 
LEU HB3  H  N N 212 
LEU HG   H  N N 213 
LEU HD11 H  N N 214 
LEU HD12 H  N N 215 
LEU HD13 H  N N 216 
LEU HD21 H  N N 217 
LEU HD22 H  N N 218 
LEU HD23 H  N N 219 
LEU HXT  H  N N 220 
LYS N    N  N N 221 
LYS CA   C  N S 222 
LYS C    C  N N 223 
LYS O    O  N N 224 
LYS CB   C  N N 225 
LYS CG   C  N N 226 
LYS CD   C  N N 227 
LYS CE   C  N N 228 
LYS NZ   N  N N 229 
LYS OXT  O  N N 230 
LYS H    H  N N 231 
LYS H2   H  N N 232 
LYS HA   H  N N 233 
LYS HB2  H  N N 234 
LYS HB3  H  N N 235 
LYS HG2  H  N N 236 
LYS HG3  H  N N 237 
LYS HD2  H  N N 238 
LYS HD3  H  N N 239 
LYS HE2  H  N N 240 
LYS HE3  H  N N 241 
LYS HZ1  H  N N 242 
LYS HZ2  H  N N 243 
LYS HZ3  H  N N 244 
LYS HXT  H  N N 245 
MET N    N  N N 246 
MET CA   C  N S 247 
MET C    C  N N 248 
MET O    O  N N 249 
MET CB   C  N N 250 
MET CG   C  N N 251 
MET SD   S  N N 252 
MET CE   C  N N 253 
MET OXT  O  N N 254 
MET H    H  N N 255 
MET H2   H  N N 256 
MET HA   H  N N 257 
MET HB2  H  N N 258 
MET HB3  H  N N 259 
MET HG2  H  N N 260 
MET HG3  H  N N 261 
MET HE1  H  N N 262 
MET HE2  H  N N 263 
MET HE3  H  N N 264 
MET HXT  H  N N 265 
NA  NA   NA N N 266 
PHE N    N  N N 267 
PHE CA   C  N S 268 
PHE C    C  N N 269 
PHE O    O  N N 270 
PHE CB   C  N N 271 
PHE CG   C  Y N 272 
PHE CD1  C  Y N 273 
PHE CD2  C  Y N 274 
PHE CE1  C  Y N 275 
PHE CE2  C  Y N 276 
PHE CZ   C  Y N 277 
PHE OXT  O  N N 278 
PHE H    H  N N 279 
PHE H2   H  N N 280 
PHE HA   H  N N 281 
PHE HB2  H  N N 282 
PHE HB3  H  N N 283 
PHE HD1  H  N N 284 
PHE HD2  H  N N 285 
PHE HE1  H  N N 286 
PHE HE2  H  N N 287 
PHE HZ   H  N N 288 
PHE HXT  H  N N 289 
PRO N    N  N N 290 
PRO CA   C  N S 291 
PRO C    C  N N 292 
PRO O    O  N N 293 
PRO CB   C  N N 294 
PRO CG   C  N N 295 
PRO CD   C  N N 296 
PRO OXT  O  N N 297 
PRO H    H  N N 298 
PRO HA   H  N N 299 
PRO HB2  H  N N 300 
PRO HB3  H  N N 301 
PRO HG2  H  N N 302 
PRO HG3  H  N N 303 
PRO HD2  H  N N 304 
PRO HD3  H  N N 305 
PRO HXT  H  N N 306 
SER N    N  N N 307 
SER CA   C  N S 308 
SER C    C  N N 309 
SER O    O  N N 310 
SER CB   C  N N 311 
SER OG   O  N N 312 
SER OXT  O  N N 313 
SER H    H  N N 314 
SER H2   H  N N 315 
SER HA   H  N N 316 
SER HB2  H  N N 317 
SER HB3  H  N N 318 
SER HG   H  N N 319 
SER HXT  H  N N 320 
THR N    N  N N 321 
THR CA   C  N S 322 
THR C    C  N N 323 
THR O    O  N N 324 
THR CB   C  N R 325 
THR OG1  O  N N 326 
THR CG2  C  N N 327 
THR OXT  O  N N 328 
THR H    H  N N 329 
THR H2   H  N N 330 
THR HA   H  N N 331 
THR HB   H  N N 332 
THR HG1  H  N N 333 
THR HG21 H  N N 334 
THR HG22 H  N N 335 
THR HG23 H  N N 336 
THR HXT  H  N N 337 
TRP N    N  N N 338 
TRP CA   C  N S 339 
TRP C    C  N N 340 
TRP O    O  N N 341 
TRP CB   C  N N 342 
TRP CG   C  Y N 343 
TRP CD1  C  Y N 344 
TRP CD2  C  Y N 345 
TRP NE1  N  Y N 346 
TRP CE2  C  Y N 347 
TRP CE3  C  Y N 348 
TRP CZ2  C  Y N 349 
TRP CZ3  C  Y N 350 
TRP CH2  C  Y N 351 
TRP OXT  O  N N 352 
TRP H    H  N N 353 
TRP H2   H  N N 354 
TRP HA   H  N N 355 
TRP HB2  H  N N 356 
TRP HB3  H  N N 357 
TRP HD1  H  N N 358 
TRP HE1  H  N N 359 
TRP HE3  H  N N 360 
TRP HZ2  H  N N 361 
TRP HZ3  H  N N 362 
TRP HH2  H  N N 363 
TRP HXT  H  N N 364 
TYR N    N  N N 365 
TYR CA   C  N S 366 
TYR C    C  N N 367 
TYR O    O  N N 368 
TYR CB   C  N N 369 
TYR CG   C  Y N 370 
TYR CD1  C  Y N 371 
TYR CD2  C  Y N 372 
TYR CE1  C  Y N 373 
TYR CE2  C  Y N 374 
TYR CZ   C  Y N 375 
TYR OH   O  N N 376 
TYR OXT  O  N N 377 
TYR H    H  N N 378 
TYR H2   H  N N 379 
TYR HA   H  N N 380 
TYR HB2  H  N N 381 
TYR HB3  H  N N 382 
TYR HD1  H  N N 383 
TYR HD2  H  N N 384 
TYR HE1  H  N N 385 
TYR HE2  H  N N 386 
TYR HH   H  N N 387 
TYR HXT  H  N N 388 
VAL N    N  N N 389 
VAL CA   C  N S 390 
VAL C    C  N N 391 
VAL O    O  N N 392 
VAL CB   C  N N 393 
VAL CG1  C  N N 394 
VAL CG2  C  N N 395 
VAL OXT  O  N N 396 
VAL H    H  N N 397 
VAL H2   H  N N 398 
VAL HA   H  N N 399 
VAL HB   H  N N 400 
VAL HG11 H  N N 401 
VAL HG12 H  N N 402 
VAL HG13 H  N N 403 
VAL HG21 H  N N 404 
VAL HG22 H  N N 405 
VAL HG23 H  N N 406 
VAL HXT  H  N N 407 
# 
loop_
_chem_comp_bond.comp_id 
_chem_comp_bond.atom_id_1 
_chem_comp_bond.atom_id_2 
_chem_comp_bond.value_order 
_chem_comp_bond.pdbx_aromatic_flag 
_chem_comp_bond.pdbx_stereo_config 
_chem_comp_bond.pdbx_ordinal 
ALA N   CA   sing N N 1   
ALA N   H    sing N N 2   
ALA N   H2   sing N N 3   
ALA CA  C    sing N N 4   
ALA CA  CB   sing N N 5   
ALA CA  HA   sing N N 6   
ALA C   O    doub N N 7   
ALA C   OXT  sing N N 8   
ALA CB  HB1  sing N N 9   
ALA CB  HB2  sing N N 10  
ALA CB  HB3  sing N N 11  
ALA OXT HXT  sing N N 12  
ARG N   CA   sing N N 13  
ARG N   H    sing N N 14  
ARG N   H2   sing N N 15  
ARG CA  C    sing N N 16  
ARG CA  CB   sing N N 17  
ARG CA  HA   sing N N 18  
ARG C   O    doub N N 19  
ARG C   OXT  sing N N 20  
ARG CB  CG   sing N N 21  
ARG CB  HB2  sing N N 22  
ARG CB  HB3  sing N N 23  
ARG CG  CD   sing N N 24  
ARG CG  HG2  sing N N 25  
ARG CG  HG3  sing N N 26  
ARG CD  NE   sing N N 27  
ARG CD  HD2  sing N N 28  
ARG CD  HD3  sing N N 29  
ARG NE  CZ   sing N N 30  
ARG NE  HE   sing N N 31  
ARG CZ  NH1  sing N N 32  
ARG CZ  NH2  doub N N 33  
ARG NH1 HH11 sing N N 34  
ARG NH1 HH12 sing N N 35  
ARG NH2 HH21 sing N N 36  
ARG NH2 HH22 sing N N 37  
ARG OXT HXT  sing N N 38  
ASN N   CA   sing N N 39  
ASN N   H    sing N N 40  
ASN N   H2   sing N N 41  
ASN CA  C    sing N N 42  
ASN CA  CB   sing N N 43  
ASN CA  HA   sing N N 44  
ASN C   O    doub N N 45  
ASN C   OXT  sing N N 46  
ASN CB  CG   sing N N 47  
ASN CB  HB2  sing N N 48  
ASN CB  HB3  sing N N 49  
ASN CG  OD1  doub N N 50  
ASN CG  ND2  sing N N 51  
ASN ND2 HD21 sing N N 52  
ASN ND2 HD22 sing N N 53  
ASN OXT HXT  sing N N 54  
ASP N   CA   sing N N 55  
ASP N   H    sing N N 56  
ASP N   H2   sing N N 57  
ASP CA  C    sing N N 58  
ASP CA  CB   sing N N 59  
ASP CA  HA   sing N N 60  
ASP C   O    doub N N 61  
ASP C   OXT  sing N N 62  
ASP CB  CG   sing N N 63  
ASP CB  HB2  sing N N 64  
ASP CB  HB3  sing N N 65  
ASP CG  OD1  doub N N 66  
ASP CG  OD2  sing N N 67  
ASP OD2 HD2  sing N N 68  
ASP OXT HXT  sing N N 69  
CYS N   CA   sing N N 70  
CYS N   H    sing N N 71  
CYS N   H2   sing N N 72  
CYS CA  C    sing N N 73  
CYS CA  CB   sing N N 74  
CYS CA  HA   sing N N 75  
CYS C   O    doub N N 76  
CYS C   OXT  sing N N 77  
CYS CB  SG   sing N N 78  
CYS CB  HB2  sing N N 79  
CYS CB  HB3  sing N N 80  
CYS SG  HG   sing N N 81  
CYS OXT HXT  sing N N 82  
GLN N   CA   sing N N 83  
GLN N   H    sing N N 84  
GLN N   H2   sing N N 85  
GLN CA  C    sing N N 86  
GLN CA  CB   sing N N 87  
GLN CA  HA   sing N N 88  
GLN C   O    doub N N 89  
GLN C   OXT  sing N N 90  
GLN CB  CG   sing N N 91  
GLN CB  HB2  sing N N 92  
GLN CB  HB3  sing N N 93  
GLN CG  CD   sing N N 94  
GLN CG  HG2  sing N N 95  
GLN CG  HG3  sing N N 96  
GLN CD  OE1  doub N N 97  
GLN CD  NE2  sing N N 98  
GLN NE2 HE21 sing N N 99  
GLN NE2 HE22 sing N N 100 
GLN OXT HXT  sing N N 101 
GLU N   CA   sing N N 102 
GLU N   H    sing N N 103 
GLU N   H2   sing N N 104 
GLU CA  C    sing N N 105 
GLU CA  CB   sing N N 106 
GLU CA  HA   sing N N 107 
GLU C   O    doub N N 108 
GLU C   OXT  sing N N 109 
GLU CB  CG   sing N N 110 
GLU CB  HB2  sing N N 111 
GLU CB  HB3  sing N N 112 
GLU CG  CD   sing N N 113 
GLU CG  HG2  sing N N 114 
GLU CG  HG3  sing N N 115 
GLU CD  OE1  doub N N 116 
GLU CD  OE2  sing N N 117 
GLU OE2 HE2  sing N N 118 
GLU OXT HXT  sing N N 119 
GLY N   CA   sing N N 120 
GLY N   H    sing N N 121 
GLY N   H2   sing N N 122 
GLY CA  C    sing N N 123 
GLY CA  HA2  sing N N 124 
GLY CA  HA3  sing N N 125 
GLY C   O    doub N N 126 
GLY C   OXT  sing N N 127 
GLY OXT HXT  sing N N 128 
HIS N   CA   sing N N 129 
HIS N   H    sing N N 130 
HIS N   H2   sing N N 131 
HIS CA  C    sing N N 132 
HIS CA  CB   sing N N 133 
HIS CA  HA   sing N N 134 
HIS C   O    doub N N 135 
HIS C   OXT  sing N N 136 
HIS CB  CG   sing N N 137 
HIS CB  HB2  sing N N 138 
HIS CB  HB3  sing N N 139 
HIS CG  ND1  sing Y N 140 
HIS CG  CD2  doub Y N 141 
HIS ND1 CE1  doub Y N 142 
HIS ND1 HD1  sing N N 143 
HIS CD2 NE2  sing Y N 144 
HIS CD2 HD2  sing N N 145 
HIS CE1 NE2  sing Y N 146 
HIS CE1 HE1  sing N N 147 
HIS NE2 HE2  sing N N 148 
HIS OXT HXT  sing N N 149 
HOH O   H1   sing N N 150 
HOH O   H2   sing N N 151 
ILE N   CA   sing N N 152 
ILE N   H    sing N N 153 
ILE N   H2   sing N N 154 
ILE CA  C    sing N N 155 
ILE CA  CB   sing N N 156 
ILE CA  HA   sing N N 157 
ILE C   O    doub N N 158 
ILE C   OXT  sing N N 159 
ILE CB  CG1  sing N N 160 
ILE CB  CG2  sing N N 161 
ILE CB  HB   sing N N 162 
ILE CG1 CD1  sing N N 163 
ILE CG1 HG12 sing N N 164 
ILE CG1 HG13 sing N N 165 
ILE CG2 HG21 sing N N 166 
ILE CG2 HG22 sing N N 167 
ILE CG2 HG23 sing N N 168 
ILE CD1 HD11 sing N N 169 
ILE CD1 HD12 sing N N 170 
ILE CD1 HD13 sing N N 171 
ILE OXT HXT  sing N N 172 
IND N1  C2   sing Y N 173 
IND N1  C8   sing Y N 174 
IND N1  HN1  sing N N 175 
IND C2  C3   doub Y N 176 
IND C2  H2   sing N N 177 
IND C3  C9   sing Y N 178 
IND C3  H3   sing N N 179 
IND C4  C5   doub Y N 180 
IND C4  C9   sing Y N 181 
IND C4  H4   sing N N 182 
IND C5  C6   sing Y N 183 
IND C5  H5   sing N N 184 
IND C6  C7   doub Y N 185 
IND C6  H6   sing N N 186 
IND C7  C8   sing Y N 187 
IND C7  H7   sing N N 188 
IND C8  C9   doub Y N 189 
LEU N   CA   sing N N 190 
LEU N   H    sing N N 191 
LEU N   H2   sing N N 192 
LEU CA  C    sing N N 193 
LEU CA  CB   sing N N 194 
LEU CA  HA   sing N N 195 
LEU C   O    doub N N 196 
LEU C   OXT  sing N N 197 
LEU CB  CG   sing N N 198 
LEU CB  HB2  sing N N 199 
LEU CB  HB3  sing N N 200 
LEU CG  CD1  sing N N 201 
LEU CG  CD2  sing N N 202 
LEU CG  HG   sing N N 203 
LEU CD1 HD11 sing N N 204 
LEU CD1 HD12 sing N N 205 
LEU CD1 HD13 sing N N 206 
LEU CD2 HD21 sing N N 207 
LEU CD2 HD22 sing N N 208 
LEU CD2 HD23 sing N N 209 
LEU OXT HXT  sing N N 210 
LYS N   CA   sing N N 211 
LYS N   H    sing N N 212 
LYS N   H2   sing N N 213 
LYS CA  C    sing N N 214 
LYS CA  CB   sing N N 215 
LYS CA  HA   sing N N 216 
LYS C   O    doub N N 217 
LYS C   OXT  sing N N 218 
LYS CB  CG   sing N N 219 
LYS CB  HB2  sing N N 220 
LYS CB  HB3  sing N N 221 
LYS CG  CD   sing N N 222 
LYS CG  HG2  sing N N 223 
LYS CG  HG3  sing N N 224 
LYS CD  CE   sing N N 225 
LYS CD  HD2  sing N N 226 
LYS CD  HD3  sing N N 227 
LYS CE  NZ   sing N N 228 
LYS CE  HE2  sing N N 229 
LYS CE  HE3  sing N N 230 
LYS NZ  HZ1  sing N N 231 
LYS NZ  HZ2  sing N N 232 
LYS NZ  HZ3  sing N N 233 
LYS OXT HXT  sing N N 234 
MET N   CA   sing N N 235 
MET N   H    sing N N 236 
MET N   H2   sing N N 237 
MET CA  C    sing N N 238 
MET CA  CB   sing N N 239 
MET CA  HA   sing N N 240 
MET C   O    doub N N 241 
MET C   OXT  sing N N 242 
MET CB  CG   sing N N 243 
MET CB  HB2  sing N N 244 
MET CB  HB3  sing N N 245 
MET CG  SD   sing N N 246 
MET CG  HG2  sing N N 247 
MET CG  HG3  sing N N 248 
MET SD  CE   sing N N 249 
MET CE  HE1  sing N N 250 
MET CE  HE2  sing N N 251 
MET CE  HE3  sing N N 252 
MET OXT HXT  sing N N 253 
PHE N   CA   sing N N 254 
PHE N   H    sing N N 255 
PHE N   H2   sing N N 256 
PHE CA  C    sing N N 257 
PHE CA  CB   sing N N 258 
PHE CA  HA   sing N N 259 
PHE C   O    doub N N 260 
PHE C   OXT  sing N N 261 
PHE CB  CG   sing N N 262 
PHE CB  HB2  sing N N 263 
PHE CB  HB3  sing N N 264 
PHE CG  CD1  doub Y N 265 
PHE CG  CD2  sing Y N 266 
PHE CD1 CE1  sing Y N 267 
PHE CD1 HD1  sing N N 268 
PHE CD2 CE2  doub Y N 269 
PHE CD2 HD2  sing N N 270 
PHE CE1 CZ   doub Y N 271 
PHE CE1 HE1  sing N N 272 
PHE CE2 CZ   sing Y N 273 
PHE CE2 HE2  sing N N 274 
PHE CZ  HZ   sing N N 275 
PHE OXT HXT  sing N N 276 
PRO N   CA   sing N N 277 
PRO N   CD   sing N N 278 
PRO N   H    sing N N 279 
PRO CA  C    sing N N 280 
PRO CA  CB   sing N N 281 
PRO CA  HA   sing N N 282 
PRO C   O    doub N N 283 
PRO C   OXT  sing N N 284 
PRO CB  CG   sing N N 285 
PRO CB  HB2  sing N N 286 
PRO CB  HB3  sing N N 287 
PRO CG  CD   sing N N 288 
PRO CG  HG2  sing N N 289 
PRO CG  HG3  sing N N 290 
PRO CD  HD2  sing N N 291 
PRO CD  HD3  sing N N 292 
PRO OXT HXT  sing N N 293 
SER N   CA   sing N N 294 
SER N   H    sing N N 295 
SER N   H2   sing N N 296 
SER CA  C    sing N N 297 
SER CA  CB   sing N N 298 
SER CA  HA   sing N N 299 
SER C   O    doub N N 300 
SER C   OXT  sing N N 301 
SER CB  OG   sing N N 302 
SER CB  HB2  sing N N 303 
SER CB  HB3  sing N N 304 
SER OG  HG   sing N N 305 
SER OXT HXT  sing N N 306 
THR N   CA   sing N N 307 
THR N   H    sing N N 308 
THR N   H2   sing N N 309 
THR CA  C    sing N N 310 
THR CA  CB   sing N N 311 
THR CA  HA   sing N N 312 
THR C   O    doub N N 313 
THR C   OXT  sing N N 314 
THR CB  OG1  sing N N 315 
THR CB  CG2  sing N N 316 
THR CB  HB   sing N N 317 
THR OG1 HG1  sing N N 318 
THR CG2 HG21 sing N N 319 
THR CG2 HG22 sing N N 320 
THR CG2 HG23 sing N N 321 
THR OXT HXT  sing N N 322 
TRP N   CA   sing N N 323 
TRP N   H    sing N N 324 
TRP N   H2   sing N N 325 
TRP CA  C    sing N N 326 
TRP CA  CB   sing N N 327 
TRP CA  HA   sing N N 328 
TRP C   O    doub N N 329 
TRP C   OXT  sing N N 330 
TRP CB  CG   sing N N 331 
TRP CB  HB2  sing N N 332 
TRP CB  HB3  sing N N 333 
TRP CG  CD1  doub Y N 334 
TRP CG  CD2  sing Y N 335 
TRP CD1 NE1  sing Y N 336 
TRP CD1 HD1  sing N N 337 
TRP CD2 CE2  doub Y N 338 
TRP CD2 CE3  sing Y N 339 
TRP NE1 CE2  sing Y N 340 
TRP NE1 HE1  sing N N 341 
TRP CE2 CZ2  sing Y N 342 
TRP CE3 CZ3  doub Y N 343 
TRP CE3 HE3  sing N N 344 
TRP CZ2 CH2  doub Y N 345 
TRP CZ2 HZ2  sing N N 346 
TRP CZ3 CH2  sing Y N 347 
TRP CZ3 HZ3  sing N N 348 
TRP CH2 HH2  sing N N 349 
TRP OXT HXT  sing N N 350 
TYR N   CA   sing N N 351 
TYR N   H    sing N N 352 
TYR N   H2   sing N N 353 
TYR CA  C    sing N N 354 
TYR CA  CB   sing N N 355 
TYR CA  HA   sing N N 356 
TYR C   O    doub N N 357 
TYR C   OXT  sing N N 358 
TYR CB  CG   sing N N 359 
TYR CB  HB2  sing N N 360 
TYR CB  HB3  sing N N 361 
TYR CG  CD1  doub Y N 362 
TYR CG  CD2  sing Y N 363 
TYR CD1 CE1  sing Y N 364 
TYR CD1 HD1  sing N N 365 
TYR CD2 CE2  doub Y N 366 
TYR CD2 HD2  sing N N 367 
TYR CE1 CZ   doub Y N 368 
TYR CE1 HE1  sing N N 369 
TYR CE2 CZ   sing Y N 370 
TYR CE2 HE2  sing N N 371 
TYR CZ  OH   sing N N 372 
TYR OH  HH   sing N N 373 
TYR OXT HXT  sing N N 374 
VAL N   CA   sing N N 375 
VAL N   H    sing N N 376 
VAL N   H2   sing N N 377 
VAL CA  C    sing N N 378 
VAL CA  CB   sing N N 379 
VAL CA  HA   sing N N 380 
VAL C   O    doub N N 381 
VAL C   OXT  sing N N 382 
VAL CB  CG1  sing N N 383 
VAL CB  CG2  sing N N 384 
VAL CB  HB   sing N N 385 
VAL CG1 HG11 sing N N 386 
VAL CG1 HG12 sing N N 387 
VAL CG1 HG13 sing N N 388 
VAL CG2 HG21 sing N N 389 
VAL CG2 HG22 sing N N 390 
VAL CG2 HG23 sing N N 391 
VAL OXT HXT  sing N N 392 
# 
loop_
_pdbx_audit_support.funding_organization 
_pdbx_audit_support.country 
_pdbx_audit_support.grant_number 
_pdbx_audit_support.ordinal 
'Max Planck Society'                                 Germany          ?         1 
'European Research Council (ERC)'                    'European Union' ?         2 
'German Research Foundation (DFG)'                   Germany          458246365 3 
'German Research Foundation (DFG)'                   Germany          451079909 4 
'German Federal Ministry for Education and Research' Germany          01KI2114  5 
# 
_pdbx_initial_refinement_model.id               1 
_pdbx_initial_refinement_model.entity_id_list   ? 
_pdbx_initial_refinement_model.type             'experimental model' 
_pdbx_initial_refinement_model.source_name      PDB 
_pdbx_initial_refinement_model.accession_code   4w51 
_pdbx_initial_refinement_model.details          ? 
# 
_atom_sites.entry_id                    9R4H 
_atom_sites.Cartn_transf_matrix[1][1]   ? 
_atom_sites.Cartn_transf_matrix[1][2]   ? 
_atom_sites.Cartn_transf_matrix[1][3]   ? 
_atom_sites.Cartn_transf_matrix[2][1]   ? 
_atom_sites.Cartn_transf_matrix[2][2]   ? 
_atom_sites.Cartn_transf_matrix[2][3]   ? 
_atom_sites.Cartn_transf_matrix[3][1]   ? 
_atom_sites.Cartn_transf_matrix[3][2]   ? 
_atom_sites.Cartn_transf_matrix[3][3]   ? 
_atom_sites.Cartn_transf_vector[1]      ? 
_atom_sites.Cartn_transf_vector[2]      ? 
_atom_sites.Cartn_transf_vector[3]      ? 
_atom_sites.Cartn_transform_axes        ? 
_atom_sites.fract_transf_matrix[1][1]   -0.01661354 
_atom_sites.fract_transf_matrix[1][2]   -0.00066851 
_atom_sites.fract_transf_matrix[1][3]   0.00953710 
_atom_sites.fract_transf_matrix[2][1]   -0.00283694 
_atom_sites.fract_transf_matrix[2][2]   0.01143234 
_atom_sites.fract_transf_matrix[2][3]   0.01512170 
_atom_sites.fract_transf_matrix[3][1]   -0.00383232 
_atom_sites.fract_transf_matrix[3][2]   0.00721071 
_atom_sites.fract_transf_matrix[3][3]   -0.00617043 
_atom_sites.fract_transf_vector[1]      -0.316479 
_atom_sites.fract_transf_vector[2]      0.223743 
_atom_sites.fract_transf_vector[3]      0.100920 
_atom_sites.solution_primary            ? 
_atom_sites.solution_secondary          ? 
_atom_sites.solution_hydrogens          ? 
_atom_sites.special_details             ? 
# 
loop_
_atom_type.symbol 
C  
N  
NA 
O  
S  
# 
loop_
_atom_site.group_PDB 
_atom_site.id 
_atom_site.type_symbol 
_atom_site.label_atom_id 
_atom_site.label_alt_id 
_atom_site.label_comp_id 
_atom_site.label_asym_id 
_atom_site.label_entity_id 
_atom_site.label_seq_id 
_atom_site.pdbx_PDB_ins_code 
_atom_site.Cartn_x 
_atom_site.Cartn_y 
_atom_site.Cartn_z 
_atom_site.occupancy 
_atom_site.B_iso_or_equiv 
_atom_site.pdbx_formal_charge 
_atom_site.auth_seq_id 
_atom_site.auth_comp_id 
_atom_site.auth_asym_id 
_atom_site.auth_atom_id 
_atom_site.pdbx_PDB_model_num 
ATOM   1    N  N   . MET A 1 1   ? -6.187  -12.253 -10.326 1.00 30.31 ? 1   MET A N   1 
ATOM   2    C  CA  . MET A 1 1   ? -5.559  -11.383 -9.295  1.00 25.89 ? 1   MET A CA  1 
ATOM   3    C  C   . MET A 1 1   ? -4.393  -10.611 -9.915  1.00 23.02 ? 1   MET A C   1 
ATOM   4    O  O   . MET A 1 1   ? -3.656  -11.084 -10.776 1.00 23.85 ? 1   MET A O   1 
ATOM   5    C  CB  . MET A 1 1   ? -5.127  -12.265 -8.111  1.00 25.48 ? 1   MET A CB  1 
ATOM   6    C  CG  . MET A 1 1   ? -4.805  -11.562 -6.827  1.00 28.79 ? 1   MET A CG  1 
ATOM   7    S  SD  . MET A 1 1   ? -6.038  -10.405 -6.165  1.00 29.73 ? 1   MET A SD  1 
ATOM   8    C  CE  . MET A 1 1   ? -7.400  -11.551 -6.136  1.00 23.27 ? 1   MET A CE  1 
ATOM   9    N  N   . ASN A 1 2   ? -4.199  -9.388  -9.416  1.00 19.22 ? 2   ASN A N   1 
ATOM   10   C  CA  . ASN A 1 2   ? -3.136  -8.498  -9.787  1.00 19.48 ? 2   ASN A CA  1 
ATOM   11   C  C   . ASN A 1 2   ? -3.073  -7.449  -8.675  1.00 17.35 ? 2   ASN A C   1 
ATOM   12   O  O   . ASN A 1 2   ? -3.895  -7.517  -7.771  1.00 17.56 ? 2   ASN A O   1 
ATOM   13   C  CB  . ASN A 1 2   ? -3.357  -7.836  -11.152 1.00 20.73 ? 2   ASN A CB  1 
ATOM   14   C  CG  . ASN A 1 2   ? -4.675  -7.123  -11.275 1.00 20.10 ? 2   ASN A CG  1 
ATOM   15   O  OD1 . ASN A 1 2   ? -4.973  -6.228  -10.468 1.00 20.68 ? 2   ASN A OD1 1 
ATOM   16   N  ND2 . ASN A 1 2   ? -5.525  -7.540  -12.191 1.00 18.70 ? 2   ASN A ND2 1 
ATOM   17   N  N   . ILE A 1 3   ? -2.102  -6.548  -8.763  1.00 18.07 ? 3   ILE A N   1 
ATOM   18   C  CA  . ILE A 1 3   ? -1.875  -5.533  -7.755  1.00 17.98 ? 3   ILE A CA  1 
ATOM   19   C  C   . ILE A 1 3   ? -3.123  -4.688  -7.514  1.00 17.69 ? 3   ILE A C   1 
ATOM   20   O  O   . ILE A 1 3   ? -3.378  -4.276  -6.382  1.00 17.13 ? 3   ILE A O   1 
ATOM   21   C  CB  . ILE A 1 3   ? -0.650  -4.661  -8.063  1.00 18.00 ? 3   ILE A CB  1 
ATOM   22   C  CG1 . ILE A 1 3   ? -0.399  -3.669  -6.940  1.00 18.06 ? 3   ILE A CG1 1 
ATOM   23   C  CG2 . ILE A 1 3   ? -0.773  -3.961  -9.428  1.00 20.39 ? 3   ILE A CG2 1 
ATOM   24   C  CD1 . ILE A 1 3   ? -0.253  -4.283  -5.558  1.00 16.94 ? 3   ILE A CD1 1 
ATOM   25   N  N   . PHE A 1 4   ? -3.872  -4.370  -8.575  1.00 17.41 ? 4   PHE A N   1 
ATOM   26   C  CA  . PHE A 1 4   ? -5.044  -3.540  -8.386  1.00 17.73 ? 4   PHE A CA  1 
ATOM   27   C  C   . PHE A 1 4   ? -6.122  -4.271  -7.597  1.00 16.27 ? 4   PHE A C   1 
ATOM   28   O  O   . PHE A 1 4   ? -6.731  -3.715  -6.672  1.00 18.25 ? 4   PHE A O   1 
ATOM   29   C  CB  . PHE A 1 4   ? -5.590  -3.041  -9.725  1.00 17.72 ? 4   PHE A CB  1 
ATOM   30   C  CG  . PHE A 1 4   ? -4.697  -2.073  -10.457 1.00 19.00 ? 4   PHE A CG  1 
ATOM   31   C  CD1 . PHE A 1 4   ? -4.789  -0.709  -10.208 1.00 23.73 ? 4   PHE A CD1 1 
ATOM   32   C  CD2 . PHE A 1 4   ? -3.741  -2.509  -11.342 1.00 21.99 ? 4   PHE A CD2 1 
ATOM   33   C  CE1 . PHE A 1 4   ? -3.958  0.183   -10.871 1.00 24.44 ? 4   PHE A CE1 1 
ATOM   34   C  CE2 . PHE A 1 4   ? -2.884  -1.620  -11.957 1.00 23.07 ? 4   PHE A CE2 1 
ATOM   35   C  CZ  . PHE A 1 4   ? -3.028  -0.273  -11.761 1.00 24.52 ? 4   PHE A CZ  1 
ATOM   36   N  N   . GLU A 1 5   ? -6.397  -5.538  -7.939  1.00 18.75 ? 5   GLU A N   1 
ATOM   37   C  CA  . GLU A 1 5   ? -7.423  -6.308  -7.224  1.00 19.92 ? 5   GLU A CA  1 
ATOM   38   C  C   . GLU A 1 5   ? -6.949  -6.569  -5.788  1.00 18.43 ? 5   GLU A C   1 
ATOM   39   O  O   . GLU A 1 5   ? -7.768  -6.607  -4.845  1.00 18.40 ? 5   GLU A O   1 
ATOM   40   C  CB  . GLU A 1 5   ? -7.689  -7.650  -7.917  1.00 22.13 ? 5   GLU A CB  1 
ATOM   41   C  CG  . GLU A 1 5   ? -8.222  -7.558  -9.337  1.00 25.93 ? 5   GLU A CG  1 
ATOM   42   C  CD  . GLU A 1 5   ? -8.648  -8.909  -9.939  1.00 31.32 ? 5   GLU A CD  1 
ATOM   43   O  OE1 . GLU A 1 5   ? -8.794  -9.928  -9.218  1.00 32.86 ? 5   GLU A OE1 1 
ATOM   44   O  OE2 . GLU A 1 5   ? -8.852  -8.949  -11.160 1.00 35.70 ? 5   GLU A OE2 1 
ATOM   45   N  N   . MET A 1 6   ? -5.637  -6.758  -5.635  1.00 16.71 ? 6   MET A N   1 
ATOM   46   C  CA  . MET A 1 6   ? -5.072  -7.070  -4.324  1.00 16.91 ? 6   MET A CA  1 
ATOM   47   C  C   . MET A 1 6   ? -5.248  -5.892  -3.360  1.00 17.88 ? 6   MET A C   1 
ATOM   48   O  O   . MET A 1 6   ? -5.739  -6.041  -2.259  1.00 17.08 ? 6   MET A O   1 
ATOM   49   C  CB  . MET A 1 6   ? -3.592  -7.400  -4.459  1.00 16.75 ? 6   MET A CB  1 
ATOM   50   C  CG  . MET A 1 6   ? -2.872  -7.868  -3.199  1.00 16.48 ? 6   MET A CG  1 
ATOM   51   S  SD  . MET A 1 6   ? -1.107  -7.581  -3.426  1.00 17.73 ? 6   MET A SD  1 
ATOM   52   C  CE  . MET A 1 6   ? -0.406  -8.725  -2.246  1.00 16.75 ? 6   MET A CE  1 
ATOM   53   N  N   . LEU A 1 7   ? -4.861  -4.689  -3.820  1.00 15.68 ? 7   LEU A N   1 
ATOM   54   C  CA  . LEU A 1 7   ? -4.993  -3.516  -2.977  1.00 16.30 ? 7   LEU A CA  1 
ATOM   55   C  C   . LEU A 1 7   ? -6.467  -3.160  -2.794  1.00 18.16 ? 7   LEU A C   1 
ATOM   56   O  O   . LEU A 1 7   ? -6.868  -2.636  -1.760  1.00 16.64 ? 7   LEU A O   1 
ATOM   57   C  CB  . LEU A 1 7   ? -4.169  -2.343  -3.522  1.00 17.76 ? 7   LEU A CB  1 
ATOM   58   C  CG  . LEU A 1 7   ? -2.692  -2.358  -3.125  1.00 18.16 ? 7   LEU A CG  1 
ATOM   59   C  CD1 . LEU A 1 7   ? -1.872  -1.363  -3.947  1.00 17.84 ? 7   LEU A CD1 1 
ATOM   60   C  CD2 . LEU A 1 7   ? -2.539  -2.026  -1.645  1.00 16.65 ? 7   LEU A CD2 1 
ATOM   61   N  N   . ARG A 1 8   ? -7.318  -3.376  -3.808  1.00 18.11 ? 8   ARG A N   1 
ATOM   62   C  CA  . ARG A 1 8   ? -8.732  -3.122  -3.606  1.00 19.47 ? 8   ARG A CA  1 
ATOM   63   C  C   . ARG A 1 8   ? -9.296  -3.973  -2.470  1.00 19.15 ? 8   ARG A C   1 
ATOM   64   O  O   . ARG A 1 8   ? -10.113 -3.491  -1.668  1.00 20.24 ? 8   ARG A O   1 
ATOM   65   C  CB  . ARG A 1 8   ? -9.506  -3.368  -4.899  1.00 19.83 ? 8   ARG A CB  1 
ATOM   66   C  CG  . ARG A 1 8   ? -11.023 -3.364  -4.810  1.00 22.59 ? 8   ARG A CG  1 
ATOM   67   C  CD  . ARG A 1 8   ? -11.609 -2.001  -4.392  1.00 24.09 ? 8   ARG A CD  1 
ATOM   68   N  NE  . ARG A 1 8   ? -13.055 -2.098  -4.164  1.00 25.89 ? 8   ARG A NE  1 
ATOM   69   C  CZ  . ARG A 1 8   ? -13.669 -2.648  -3.112  1.00 29.90 ? 8   ARG A CZ  1 
ATOM   70   N  NH1 . ARG A 1 8   ? -13.030 -3.115  -2.064  1.00 30.01 ? 8   ARG A NH1 1 
ATOM   71   N  NH2 . ARG A 1 8   ? -14.996 -2.704  -3.080  1.00 34.46 ? 8   ARG A NH2 1 
ATOM   72   N  N   . ILE A 1 9   ? -8.844  -5.241  -2.320  1.00 16.26 ? 9   ILE A N   1 
ATOM   73   C  CA  . ILE A 1 9   ? -9.250  -6.073  -1.202  1.00 18.90 ? 9   ILE A CA  1 
ATOM   74   C  C   . ILE A 1 9   ? -8.737  -5.515  0.128   1.00 18.61 ? 9   ILE A C   1 
ATOM   75   O  O   . ILE A 1 9   ? -9.480  -5.373  1.116   1.00 19.89 ? 9   ILE A O   1 
ATOM   76   C  CB  . ILE A 1 9   ? -8.786  -7.514  -1.421  1.00 19.97 ? 9   ILE A CB  1 
ATOM   77   C  CG1 . ILE A 1 9   ? -9.591  -8.153  -2.557  1.00 20.73 ? 9   ILE A CG1 1 
ATOM   78   C  CG2 . ILE A 1 9   ? -8.896  -8.322  -0.133  1.00 20.97 ? 9   ILE A CG2 1 
ATOM   79   C  CD1 . ILE A 1 9   ? -8.996  -9.454  -3.077  1.00 22.92 ? 9   ILE A CD1 1 
ATOM   80   N  N   . ASP A 1 10  ? -7.463  -5.168  0.159   1.00 16.10 ? 10  ASP A N   1 
ATOM   81   C  CA  . ASP A 1 10  ? -6.822  -4.758  1.381   1.00 16.39 ? 10  ASP A CA  1 
ATOM   82   C  C   . ASP A 1 10  ? -7.305  -3.381  1.847   1.00 18.82 ? 10  ASP A C   1 
ATOM   83   O  O   . ASP A 1 10  ? -7.367  -3.140  3.051   1.00 21.23 ? 10  ASP A O   1 
ATOM   84   C  CB  . ASP A 1 10  ? -5.313  -4.786  1.268   1.00 16.79 ? 10  ASP A CB  1 
ATOM   85   C  CG  . ASP A 1 10  ? -4.720  -6.192  1.305   1.00 18.37 ? 10  ASP A CG  1 
ATOM   86   O  OD1 . ASP A 1 10  ? -5.377  -7.069  1.918   1.00 17.70 ? 10  ASP A OD1 1 
ATOM   87   O  OD2 . ASP A 1 10  ? -3.619  -6.390  0.770   1.00 17.95 ? 10  ASP A OD2 1 
ATOM   88   N  N   . GLU A 1 11  ? -7.650  -2.485  0.905   1.00 17.13 ? 11  GLU A N   1 
ATOM   89   C  CA  . GLU A 1 11  ? -7.949  -1.100  1.278   1.00 19.49 ? 11  GLU A CA  1 
ATOM   90   C  C   . GLU A 1 11  ? -9.440  -0.798  1.323   1.00 19.73 ? 11  GLU A C   1 
ATOM   91   O  O   . GLU A 1 11  ? -9.816  0.168   1.984   1.00 20.36 ? 11  GLU A O   1 
ATOM   92   C  CB  . GLU A 1 11  ? -7.264  -0.135  0.304   1.00 19.24 ? 11  GLU A CB  1 
ATOM   93   C  CG  . GLU A 1 11  ? -5.746  -0.169  0.415   1.00 20.69 ? 11  GLU A CG  1 
ATOM   94   C  CD  . GLU A 1 11  ? -5.142  0.376   1.715   1.00 25.32 ? 11  GLU A CD  1 
ATOM   95   O  OE1 . GLU A 1 11  ? -5.899  1.036   2.521   1.00 24.24 ? 11  GLU A OE1 1 
ATOM   96   O  OE2 . GLU A 1 11  ? -3.911  0.196   1.878   1.00 24.90 ? 11  GLU A OE2 1 
ATOM   97   N  N   . GLY A 1 12  ? -10.286 -1.590  0.662   1.00 20.48 ? 12  GLY A N   1 
ATOM   98   C  CA  . GLY A 1 12  ? -11.705 -1.291  0.563   1.00 20.36 ? 12  GLY A CA  1 
ATOM   99   C  C   . GLY A 1 12  ? -11.986 -0.134  -0.400  1.00 20.76 ? 12  GLY A C   1 
ATOM   100  O  O   . GLY A 1 12  ? -11.094 0.303   -1.146  1.00 22.31 ? 12  GLY A O   1 
ATOM   101  N  N   . LEU A 1 13  ? -13.240 0.311   -0.387  1.00 19.32 ? 13  LEU A N   1 
ATOM   102  C  CA  . LEU A 1 13  ? -13.654 1.459   -1.178  1.00 20.88 ? 13  LEU A CA  1 
ATOM   103  C  C   . LEU A 1 13  ? -14.697 2.232   -0.397  1.00 19.48 ? 13  LEU A C   1 
ATOM   104  O  O   . LEU A 1 13  ? -15.776 1.679   -0.089  1.00 20.58 ? 13  LEU A O   1 
ATOM   105  C  CB  . LEU A 1 13  ? -14.231 0.962   -2.502  1.00 22.82 ? 13  LEU A CB  1 
ATOM   106  C  CG  . LEU A 1 13  ? -14.954 1.997   -3.360  1.00 26.16 ? 13  LEU A CG  1 
ATOM   107  C  CD1 . LEU A 1 13  ? -14.043 3.144   -3.797  1.00 25.18 ? 13  LEU A CD1 1 
ATOM   108  C  CD2 . LEU A 1 13  ? -15.499 1.201   -4.564  1.00 32.51 ? 13  LEU A CD2 1 
ATOM   109  N  N   . ARG A 1 14  ? -14.371 3.492   -0.051  1.00 20.61 ? 14  ARG A N   1 
ATOM   110  C  CA  . ARG A 1 14  ? -15.309 4.372   0.617   1.00 20.21 ? 14  ARG A CA  1 
ATOM   111  C  C   . ARG A 1 14  ? -15.355 5.688   -0.162  1.00 19.78 ? 14  ARG A C   1 
ATOM   112  O  O   . ARG A 1 14  ? -14.294 6.245   -0.463  1.00 19.79 ? 14  ARG A O   1 
ATOM   113  C  CB  . ARG A 1 14  ? -14.956 4.555   2.093   1.00 22.73 ? 14  ARG A CB  1 
ATOM   114  C  CG  . ARG A 1 14  ? -14.901 3.191   2.781   1.00 25.47 ? 14  ARG A CG  1 
ATOM   115  C  CD  . ARG A 1 14  ? -14.575 3.187   4.272   1.00 29.85 ? 14  ARG A CD  1 
ATOM   116  N  NE  . ARG A 1 14  ? -15.673 3.838   4.985   1.00 31.45 ? 14  ARG A NE  1 
ATOM   117  C  CZ  . ARG A 1 14  ? -15.638 4.163   6.274   1.00 34.21 ? 14  ARG A CZ  1 
ATOM   118  N  NH1 . ARG A 1 14  ? -14.608 3.803   7.005   1.00 32.58 ? 14  ARG A NH1 1 
ATOM   119  N  NH2 . ARG A 1 14  ? -16.623 4.849   6.803   1.00 36.60 ? 14  ARG A NH2 1 
ATOM   120  N  N   . LEU A 1 15  ? -16.554 6.221   -0.420  1.00 18.49 ? 15  LEU A N   1 
ATOM   121  C  CA  . LEU A 1 15  ? -16.687 7.429   -1.236  1.00 18.55 ? 15  LEU A CA  1 
ATOM   122  C  C   . LEU A 1 15  ? -16.765 8.717   -0.422  1.00 21.43 ? 15  LEU A C   1 
ATOM   123  O  O   . LEU A 1 15  ? -16.843 9.786   -1.023  1.00 22.24 ? 15  LEU A O   1 
ATOM   124  C  CB  . LEU A 1 15  ? -17.926 7.227   -2.097  1.00 21.23 ? 15  LEU A CB  1 
ATOM   125  C  CG  . LEU A 1 15  ? -17.865 6.036   -3.051  1.00 21.28 ? 15  LEU A CG  1 
ATOM   126  C  CD1 . LEU A 1 15  ? -19.098 6.008   -3.972  1.00 25.13 ? 15  LEU A CD1 1 
ATOM   127  C  CD2 . LEU A 1 15  ? -16.590 6.064   -3.852  1.00 24.71 ? 15  LEU A CD2 1 
ATOM   128  N  N   . LYS A 1 16  ? -16.749 8.626   0.913   1.00 19.97 ? 16  LYS A N   1 
ATOM   129  C  CA  . LYS A 1 16  ? -16.673 9.787   1.800   1.00 20.55 ? 16  LYS A CA  1 
ATOM   130  C  C   . LYS A 1 16  ? -15.414 9.729   2.644   1.00 18.69 ? 16  LYS A C   1 
ATOM   131  O  O   . LYS A 1 16  ? -14.920 8.644   2.921   1.00 20.08 ? 16  LYS A O   1 
ATOM   132  C  CB  . LYS A 1 16  ? -17.889 9.877   2.731   1.00 26.13 ? 16  LYS A CB  1 
ATOM   133  C  CG  . LYS A 1 16  ? -19.205 9.877   1.967   1.00 34.24 ? 16  LYS A CG  1 
ATOM   134  C  CD  . LYS A 1 16  ? -20.489 9.816   2.803   1.00 42.85 ? 16  LYS A CD  1 
ATOM   135  C  CE  . LYS A 1 16  ? -21.708 9.898   1.899   1.00 46.94 ? 16  LYS A CE  1 
ATOM   136  N  NZ  . LYS A 1 16  ? -23.015 9.902   2.571   1.00 52.45 ? 16  LYS A NZ  1 
ATOM   137  N  N   . ILE A 1 17  ? -14.912 10.891  3.065   1.00 17.95 ? 17  ILE A N   1 
ATOM   138  C  CA  . ILE A 1 17  ? -13.702 10.965  3.866   1.00 18.12 ? 17  ILE A CA  1 
ATOM   139  C  C   . ILE A 1 17  ? -13.915 10.103  5.099   1.00 17.85 ? 17  ILE A C   1 
ATOM   140  O  O   . ILE A 1 17  ? -14.934 10.223  5.788   1.00 18.25 ? 17  ILE A O   1 
ATOM   141  C  CB  . ILE A 1 17  ? -13.323 12.412  4.212   1.00 18.93 ? 17  ILE A CB  1 
ATOM   142  C  CG1 . ILE A 1 17  ? -12.956 13.192  2.944   1.00 21.05 ? 17  ILE A CG1 1 
ATOM   143  C  CG2 . ILE A 1 17  ? -12.200 12.435  5.257   1.00 20.43 ? 17  ILE A CG2 1 
ATOM   144  C  CD1 . ILE A 1 17  ? -12.730 14.689  3.152   1.00 21.21 ? 17  ILE A CD1 1 
ATOM   145  N  N   . TYR A 1 18  ? -12.911 9.278   5.369   1.00 18.45 ? 18  TYR A N   1 
ATOM   146  C  CA  . TYR A 1 18  ? -12.863 8.465   6.573   1.00 19.73 ? 18  TYR A CA  1 
ATOM   147  C  C   . TYR A 1 18  ? -11.469 8.537   7.171   1.00 17.54 ? 18  TYR A C   1 
ATOM   148  O  O   . TYR A 1 18  ? -10.518 9.002   6.549   1.00 18.05 ? 18  TYR A O   1 
ATOM   149  C  CB  . TYR A 1 18  ? -13.281 7.032   6.219   1.00 19.39 ? 18  TYR A CB  1 
ATOM   150  C  CG  . TYR A 1 18  ? -12.341 6.249   5.332   1.00 18.96 ? 18  TYR A CG  1 
ATOM   151  C  CD1 . TYR A 1 18  ? -12.336 6.404   3.952   1.00 20.56 ? 18  TYR A CD1 1 
ATOM   152  C  CD2 . TYR A 1 18  ? -11.430 5.333   5.886   1.00 20.97 ? 18  TYR A CD2 1 
ATOM   153  C  CE1 . TYR A 1 18  ? -11.499 5.666   3.138   1.00 20.29 ? 18  TYR A CE1 1 
ATOM   154  C  CE2 . TYR A 1 18  ? -10.584 4.596   5.075   1.00 22.00 ? 18  TYR A CE2 1 
ATOM   155  C  CZ  . TYR A 1 18  ? -10.609 4.767   3.702   1.00 23.69 ? 18  TYR A CZ  1 
ATOM   156  O  OH  . TYR A 1 18  ? -9.813  4.079   2.813   1.00 25.77 ? 18  TYR A OH  1 
ATOM   157  N  N   . LYS A 1 19  ? -11.313 7.939   8.357   1.00 17.77 ? 19  LYS A N   1 
ATOM   158  C  CA  . LYS A 1 19  ? -10.001 7.820   8.961   1.00 17.07 ? 19  LYS A CA  1 
ATOM   159  C  C   . LYS A 1 19  ? -9.480  6.385   8.762   1.00 17.98 ? 19  LYS A C   1 
ATOM   160  O  O   . LYS A 1 19  ? -10.205 5.414   8.921   1.00 18.75 ? 19  LYS A O   1 
ATOM   161  C  CB  . LYS A 1 19  ? -9.963  8.149   10.457  1.00 18.93 ? 19  LYS A CB  1 
ATOM   162  C  CG  . LYS A 1 19  ? -10.191 9.635   10.746  1.00 19.70 ? 19  LYS A CG  1 
ATOM   163  C  CD  . LYS A 1 19  ? -10.261 9.941   12.226  1.00 22.12 ? 19  LYS A CD  1 
ATOM   164  C  CE  . LYS A 1 19  ? -10.512 11.388  12.541  1.00 23.67 ? 19  LYS A CE  1 
ATOM   165  N  NZ  . LYS A 1 19  ? -10.488 11.505  14.002  1.00 23.36 ? 19  LYS A NZ  1 
ATOM   166  N  N   . ASP A 1 20  ? -8.219  6.285   8.350   1.00 17.57 ? 20  ASP A N   1 
ATOM   167  C  CA  . ASP A 1 20  ? -7.566  5.005   8.142   1.00 17.92 ? 20  ASP A CA  1 
ATOM   168  C  C   . ASP A 1 20  ? -7.206  4.353   9.473   1.00 18.22 ? 20  ASP A C   1 
ATOM   169  O  O   . ASP A 1 20  ? -7.575  4.871   10.531  1.00 18.96 ? 20  ASP A O   1 
ATOM   170  C  CB  . ASP A 1 20  ? -6.347  5.169   7.238   1.00 19.82 ? 20  ASP A CB  1 
ATOM   171  C  CG  . ASP A 1 20  ? -5.126  5.870   7.786   1.00 19.49 ? 20  ASP A CG  1 
ATOM   172  O  OD1 . ASP A 1 20  ? -5.109  6.177   8.997   1.00 20.89 ? 20  ASP A OD1 1 
ATOM   173  O  OD2 . ASP A 1 20  ? -4.152  6.110   6.971   1.00 21.06 ? 20  ASP A OD2 1 
ATOM   174  N  N   . THR A 1 21  ? -6.442  3.269   9.381   1.00 18.89 ? 21  THR A N   1 
ATOM   175  C  CA  . THR A 1 21  ? -6.123  2.502   10.587  1.00 18.24 ? 21  THR A CA  1 
ATOM   176  C  C   . THR A 1 21  ? -5.244  3.329   11.535  1.00 19.61 ? 21  THR A C   1 
ATOM   177  O  O   . THR A 1 21  ? -5.182  3.035   12.735  1.00 18.58 ? 21  THR A O   1 
ATOM   178  C  CB  . THR A 1 21  ? -5.468  1.158   10.249  1.00 19.83 ? 21  THR A CB  1 
ATOM   179  O  OG1 . THR A 1 21  ? -4.167  1.306   9.708   1.00 21.64 ? 21  THR A OG1 1 
ATOM   180  C  CG2 . THR A 1 21  ? -6.237  0.298   9.267   1.00 22.18 ? 21  THR A CG2 1 
ATOM   181  N  N   . GLU A 1 22  ? -4.506  4.327   11.027  1.00 17.98 ? 22  GLU A N   1 
ATOM   182  C  CA  . GLU A 1 22  ? -3.619  5.147   11.833  1.00 17.16 ? 22  GLU A CA  1 
ATOM   183  C  C   . GLU A 1 22  ? -4.300  6.414   12.338  1.00 19.45 ? 22  GLU A C   1 
ATOM   184  O  O   . GLU A 1 22  ? -3.673  7.175   13.059  1.00 21.02 ? 22  GLU A O   1 
ATOM   185  C  CB  . GLU A 1 22  ? -2.381  5.522   11.024  1.00 21.55 ? 22  GLU A CB  1 
ATOM   186  C  CG  . GLU A 1 22  ? -1.506  4.326   10.685  1.00 21.39 ? 22  GLU A CG  1 
ATOM   187  C  CD  . GLU A 1 22  ? -0.768  3.697   11.851  1.00 27.78 ? 22  GLU A CD  1 
ATOM   188  O  OE1 . GLU A 1 22  ? -0.723  4.199   12.985  1.00 27.11 ? 22  GLU A OE1 1 
ATOM   189  O  OE2 . GLU A 1 22  ? -0.176  2.630   11.555  1.00 30.84 ? 22  GLU A OE2 1 
ATOM   190  N  N   . GLY A 1 23  ? -5.573  6.622   11.985  1.00 18.11 ? 23  GLY A N   1 
ATOM   191  C  CA  . GLY A 1 23  ? -6.302  7.807   12.400  1.00 18.05 ? 23  GLY A CA  1 
ATOM   192  C  C   . GLY A 1 23  ? -6.282  8.959   11.386  1.00 17.75 ? 23  GLY A C   1 
ATOM   193  O  O   . GLY A 1 23  ? -6.680  10.067  11.740  1.00 18.90 ? 23  GLY A O   1 
ATOM   194  N  N   . TYR A 1 24  ? -5.758  8.722   10.191  1.00 17.82 ? 24  TYR A N   1 
ATOM   195  C  CA  . TYR A 1 24  ? -5.545  9.798   9.225   1.00 18.43 ? 24  TYR A CA  1 
ATOM   196  C  C   . TYR A 1 24  ? -6.635  9.853   8.164   1.00 17.28 ? 24  TYR A C   1 
ATOM   197  O  O   . TYR A 1 24  ? -7.077  8.833   7.633   1.00 17.27 ? 24  TYR A O   1 
ATOM   198  C  CB  . TYR A 1 24  ? -4.207  9.640   8.517   1.00 19.09 ? 24  TYR A CB  1 
ATOM   199  C  CG  . TYR A 1 24  ? -2.964  9.630   9.385   1.00 20.80 ? 24  TYR A CG  1 
ATOM   200  C  CD1 . TYR A 1 24  ? -2.786  10.578  10.370  1.00 24.12 ? 24  TYR A CD1 1 
ATOM   201  C  CD2 . TYR A 1 24  ? -1.958  8.708   9.145   1.00 23.24 ? 24  TYR A CD2 1 
ATOM   202  C  CE1 . TYR A 1 24  ? -1.627  10.626  11.122  1.00 28.30 ? 24  TYR A CE1 1 
ATOM   203  C  CE2 . TYR A 1 24  ? -0.810  8.705   9.931   1.00 25.51 ? 24  TYR A CE2 1 
ATOM   204  C  CZ  . TYR A 1 24  ? -0.665  9.654   10.925  1.00 28.32 ? 24  TYR A CZ  1 
ATOM   205  O  OH  . TYR A 1 24  ? 0.471   9.700   11.710  1.00 31.96 ? 24  TYR A OH  1 
ATOM   206  N  N   . TYR A 1 25  ? -7.043  11.086  7.823   1.00 17.70 ? 25  TYR A N   1 
ATOM   207  C  CA  . TYR A 1 25  ? -8.061  11.284  6.818   1.00 17.44 ? 25  TYR A CA  1 
ATOM   208  C  C   . TYR A 1 25  ? -7.637  10.705  5.466   1.00 16.57 ? 25  TYR A C   1 
ATOM   209  O  O   . TYR A 1 25  ? -6.555  11.009  4.947   1.00 16.98 ? 25  TYR A O   1 
ATOM   210  C  CB  . TYR A 1 25  ? -8.413  12.766  6.677   1.00 18.27 ? 25  TYR A CB  1 
ATOM   211  C  CG  . TYR A 1 25  ? -9.102  13.339  7.911   1.00 17.08 ? 25  TYR A CG  1 
ATOM   212  C  CD1 . TYR A 1 25  ? -10.329 12.853  8.334   1.00 19.06 ? 25  TYR A CD1 1 
ATOM   213  C  CD2 . TYR A 1 25  ? -8.527  14.394  8.601   1.00 21.37 ? 25  TYR A CD2 1 
ATOM   214  C  CE1 . TYR A 1 25  ? -10.958 13.400  9.444   1.00 21.51 ? 25  TYR A CE1 1 
ATOM   215  C  CE2 . TYR A 1 25  ? -9.147  14.942  9.710   1.00 22.90 ? 25  TYR A CE2 1 
ATOM   216  C  CZ  . TYR A 1 25  ? -10.342 14.409  10.154  1.00 24.01 ? 25  TYR A CZ  1 
ATOM   217  O  OH  . TYR A 1 25  ? -10.975 14.970  11.254  1.00 23.13 ? 25  TYR A OH  1 
ATOM   218  N  N   . THR A 1 26  ? -8.591  10.029  4.846   1.00 16.25 ? 26  THR A N   1 
ATOM   219  C  CA  . THR A 1 26  ? -8.394  9.130   3.701   1.00 16.37 ? 26  THR A CA  1 
ATOM   220  C  C   . THR A 1 26  ? -9.691  9.111   2.902   1.00 15.91 ? 26  THR A C   1 
ATOM   221  O  O   . THR A 1 26  ? -10.768 9.379   3.437   1.00 17.65 ? 26  THR A O   1 
ATOM   222  C  CB  . THR A 1 26  ? -8.024  7.729   4.216   1.00 16.67 ? 26  THR A CB  1 
ATOM   223  O  OG1 . THR A 1 26  ? -6.828  7.843   4.976   1.00 17.82 ? 26  THR A OG1 1 
ATOM   224  C  CG2 . THR A 1 26  ? -7.763  6.670   3.147   1.00 16.84 ? 26  THR A CG2 1 
ATOM   225  N  N   . ILE A 1 27  ? -9.624  8.744   1.603   1.00 17.33 ? 27  ILE A N   1 
ATOM   226  C  CA  . ILE A 1 27  ? -10.818 8.546   0.807   1.00 16.87 ? 27  ILE A CA  1 
ATOM   227  C  C   . ILE A 1 27  ? -10.545 7.463   -0.230  1.00 18.10 ? 27  ILE A C   1 
ATOM   228  O  O   . ILE A 1 27  ? -9.380  7.154   -0.499  1.00 17.52 ? 27  ILE A O   1 
ATOM   229  C  CB  . ILE A 1 27  ? -11.270 9.861   0.143   1.00 19.94 ? 27  ILE A CB  1 
ATOM   230  C  CG1 . ILE A 1 27  ? -12.779 9.738   -0.251  1.00 23.71 ? 27  ILE A CG1 1 
ATOM   231  C  CG2 . ILE A 1 27  ? -10.338 10.188  -1.009  1.00 22.09 ? 27  ILE A CG2 1 
ATOM   232  C  CD1 . ILE A 1 27  ? -13.526 11.036  -0.474  1.00 24.07 ? 27  ILE A CD1 1 
ATOM   233  N  N   . GLY A 1 28  ? -11.627 6.889   -0.773  1.00 17.25 ? 28  GLY A N   1 
ATOM   234  C  CA  . GLY A 1 28  ? -11.532 6.027   -1.946  1.00 16.95 ? 28  GLY A CA  1 
ATOM   235  C  C   . GLY A 1 28  ? -10.948 4.670   -1.568  1.00 17.69 ? 28  GLY A C   1 
ATOM   236  O  O   . GLY A 1 28  ? -11.429 4.023   -0.629  1.00 18.79 ? 28  GLY A O   1 
ATOM   237  N  N   . ILE A 1 29  ? -9.956  4.254   -2.342  1.00 17.52 ? 29  ILE A N   1 
ATOM   238  C  CA  . ILE A 1 29  ? -9.273  2.986   -2.113  1.00 18.17 ? 29  ILE A CA  1 
ATOM   239  C  C   . ILE A 1 29  ? -7.961  3.306   -1.401  1.00 17.64 ? 29  ILE A C   1 
ATOM   240  O  O   . ILE A 1 29  ? -6.902  3.323   -2.012  1.00 17.90 ? 29  ILE A O   1 
ATOM   241  C  CB  . ILE A 1 29  ? -9.100  2.209   -3.442  1.00 16.76 ? 29  ILE A CB  1 
ATOM   242  C  CG1 . ILE A 1 29  ? -10.464 2.073   -4.170  1.00 19.96 ? 29  ILE A CG1 1 
ATOM   243  C  CG2 . ILE A 1 29  ? -8.419  0.849   -3.233  1.00 17.14 ? 29  ILE A CG2 1 
ATOM   244  C  CD1 . ILE A 1 29  ? -10.364 1.716   -5.632  1.00 21.80 ? 29  ILE A CD1 1 
ATOM   245  N  N   . GLY A 1 30  ? -8.051  3.715   -0.134  1.00 18.92 ? 30  GLY A N   1 
ATOM   246  C  CA  . GLY A 1 30  ? -6.845  3.943   0.644   1.00 18.42 ? 30  GLY A CA  1 
ATOM   247  C  C   . GLY A 1 30  ? -5.988  5.127   0.186   1.00 19.20 ? 30  GLY A C   1 
ATOM   248  O  O   . GLY A 1 30  ? -4.782  5.159   0.410   1.00 18.26 ? 30  GLY A O   1 
ATOM   249  N  N   . HIS A 1 31  ? -6.625  6.158   -0.386  1.00 17.94 ? 31  HIS A N   1 
ATOM   250  C  CA  . HIS A 1 31  ? -5.895  7.377   -0.737  1.00 16.69 ? 31  HIS A CA  1 
ATOM   251  C  C   . HIS A 1 31  ? -5.742  8.307   0.479   1.00 17.62 ? 31  HIS A C   1 
ATOM   252  O  O   . HIS A 1 31  ? -6.711  8.957   0.908   1.00 19.20 ? 31  HIS A O   1 
ATOM   253  C  CB  . HIS A 1 31  ? -6.622  8.185   -1.807  1.00 17.08 ? 31  HIS A CB  1 
ATOM   254  C  CG  . HIS A 1 31  ? -5.832  9.384   -2.246  1.00 19.19 ? 31  HIS A CG  1 
ATOM   255  N  ND1 . HIS A 1 31  ? -4.782  9.349   -3.141  1.00 22.15 ? 31  HIS A ND1 1 
ATOM   256  C  CD2 . HIS A 1 31  ? -5.935  10.687  -1.842  1.00 21.74 ? 31  HIS A CD2 1 
ATOM   257  C  CE1 . HIS A 1 31  ? -4.302  10.594  -3.313  1.00 24.24 ? 31  HIS A CE1 1 
ATOM   258  N  NE2 . HIS A 1 31  ? -4.969  11.426  -2.529  1.00 21.96 ? 31  HIS A NE2 1 
ATOM   259  N  N   . LEU A 1 32  ? -4.523  8.328   1.058   1.00 17.18 ? 32  LEU A N   1 
ATOM   260  C  CA  . LEU A 1 32  ? -4.281  9.208   2.203   1.00 18.50 ? 32  LEU A CA  1 
ATOM   261  C  C   . LEU A 1 32  ? -4.371  10.657  1.758   1.00 18.55 ? 32  LEU A C   1 
ATOM   262  O  O   . LEU A 1 32  ? -3.761  11.036  0.756   1.00 20.62 ? 32  LEU A O   1 
ATOM   263  C  CB  . LEU A 1 32  ? -2.931  8.836   2.817   1.00 19.70 ? 32  LEU A CB  1 
ATOM   264  C  CG  . LEU A 1 32  ? -2.381  9.773   3.893   1.00 23.69 ? 32  LEU A CG  1 
ATOM   265  C  CD1 . LEU A 1 32  ? -3.225  9.640   5.133   1.00 24.87 ? 32  LEU A CD1 1 
ATOM   266  C  CD2 . LEU A 1 32  ? -0.936  9.428   4.234   1.00 28.51 ? 32  LEU A CD2 1 
ATOM   267  N  N   . LEU A 1 33  ? -5.159  11.464  2.479   1.00 17.73 ? 33  LEU A N   1 
ATOM   268  C  CA  . LEU A 1 33  ? -5.320  12.880  2.155   1.00 17.29 ? 33  LEU A CA  1 
ATOM   269  C  C   . LEU A 1 33  ? -4.315  13.728  2.915   1.00 19.65 ? 33  LEU A C   1 
ATOM   270  O  O   . LEU A 1 33  ? -3.680  14.609  2.308   1.00 22.94 ? 33  LEU A O   1 
ATOM   271  C  CB  . LEU A 1 33  ? -6.739  13.313  2.441   1.00 17.45 ? 33  LEU A CB  1 
ATOM   272  C  CG  . LEU A 1 33  ? -7.772  12.749  1.464   1.00 19.51 ? 33  LEU A CG  1 
ATOM   273  C  CD1 . LEU A 1 33  ? -9.154  12.999  2.043   1.00 18.90 ? 33  LEU A CD1 1 
ATOM   274  C  CD2 . LEU A 1 33  ? -7.638  13.326  0.026   1.00 18.11 ? 33  LEU A CD2 1 
ATOM   275  N  N   . THR A 1 34  ? -4.199  13.480  4.230   1.00 19.40 ? 34  THR A N   1 
ATOM   276  C  CA  . THR A 1 34  ? -3.287  14.258  5.040   1.00 20.01 ? 34  THR A CA  1 
ATOM   277  C  C   . THR A 1 34  ? -3.090  13.560  6.367   1.00 21.11 ? 34  THR A C   1 
ATOM   278  O  O   . THR A 1 34  ? -3.977  12.840  6.808   1.00 21.06 ? 34  THR A O   1 
ATOM   279  C  CB  . THR A 1 34  ? -3.854  15.664  5.238   1.00 22.75 ? 34  THR A CB  1 
ATOM   280  O  OG1 . THR A 1 34  ? -2.891  16.444  5.948   1.00 23.74 ? 34  THR A OG1 1 
ATOM   281  C  CG2 . THR A 1 34  ? -5.178  15.688  5.977   1.00 24.01 ? 34  THR A CG2 1 
ATOM   282  N  N   . LYS A 1 35  ? -1.972  13.881  7.025   1.00 22.47 ? 35  LYS A N   1 
ATOM   283  C  CA  . LYS A 1 35  ? -1.773  13.495  8.408   1.00 24.74 ? 35  LYS A CA  1 
ATOM   284  C  C   . LYS A 1 35  ? -2.250  14.580  9.366   1.00 24.99 ? 35  LYS A C   1 
ATOM   285  O  O   . LYS A 1 35  ? -2.256  14.346  10.576  1.00 25.15 ? 35  LYS A O   1 
ATOM   286  C  CB  . LYS A 1 35  ? -0.318  13.105  8.684   1.00 24.57 ? 35  LYS A CB  1 
ATOM   287  C  CG  . LYS A 1 35  ? 0.094   11.873  7.926   1.00 26.23 ? 35  LYS A CG  1 
ATOM   288  C  CD  . LYS A 1 35  ? 1.490   11.347  8.200   1.00 31.74 ? 35  LYS A CD  1 
ATOM   289  C  CE  . LYS A 1 35  ? 1.734   10.176  7.303   1.00 32.59 ? 35  LYS A CE  1 
ATOM   290  N  NZ  . LYS A 1 35  ? 3.015   9.561   7.654   1.00 39.52 ? 35  LYS A NZ  1 
ATOM   291  N  N   . SER A 1 36  ? -2.653  15.741  8.852   1.00 23.76 ? 36  SER A N   1 
ATOM   292  C  CA  . SER A 1 36  ? -3.177  16.808  9.697   1.00 25.77 ? 36  SER A CA  1 
ATOM   293  C  C   . SER A 1 36  ? -4.478  16.373  10.360  1.00 24.29 ? 36  SER A C   1 
ATOM   294  O  O   . SER A 1 36  ? -5.345  15.765  9.714   1.00 22.71 ? 36  SER A O   1 
ATOM   295  C  CB  . SER A 1 36  ? -3.421  18.079  8.884   1.00 28.29 ? 36  SER A CB  1 
ATOM   296  O  OG  . SER A 1 36  ? -4.194  19.035  9.607   1.00 28.07 ? 36  SER A OG  1 
ATOM   297  N  N   . PRO A 1 37  ? -4.724  16.765  11.633  1.00 26.34 ? 37  PRO A N   1 
ATOM   298  C  CA  . PRO A 1 37  ? -6.018  16.552  12.289  1.00 24.42 ? 37  PRO A CA  1 
ATOM   299  C  C   . PRO A 1 37  ? -7.169  17.436  11.840  1.00 24.19 ? 37  PRO A C   1 
ATOM   300  O  O   . PRO A 1 37  ? -8.304  17.229  12.268  1.00 26.70 ? 37  PRO A O   1 
ATOM   301  C  CB  . PRO A 1 37  ? -5.696  16.794  13.768  1.00 28.17 ? 37  PRO A CB  1 
ATOM   302  C  CG  . PRO A 1 37  ? -4.607  17.787  13.726  1.00 27.96 ? 37  PRO A CG  1 
ATOM   303  C  CD  . PRO A 1 37  ? -3.760  17.458  12.506  1.00 29.25 ? 37  PRO A CD  1 
ATOM   304  N  N   . SER A 1 38  ? -6.878  18.352  10.904  1.00 26.75 ? 38  SER A N   1 
ATOM   305  C  CA  . SER A 1 38  ? -7.863  19.275  10.368  1.00 24.17 ? 38  SER A CA  1 
ATOM   306  C  C   . SER A 1 38  ? -8.686  18.659  9.236   1.00 23.96 ? 38  SER A C   1 
ATOM   307  O  O   . SER A 1 38  ? -8.146  18.383  8.160   1.00 23.44 ? 38  SER A O   1 
ATOM   308  C  CB  . SER A 1 38  ? -7.161  20.532  9.888   1.00 24.00 ? 38  SER A CB  1 
ATOM   309  O  OG  . SER A 1 38  ? -8.102  21.331  9.186   1.00 24.08 ? 38  SER A OG  1 
ATOM   310  N  N   . LEU A 1 39  ? -9.981  18.467  9.449   1.00 22.65 ? 39  LEU A N   1 
ATOM   311  C  CA  . LEU A 1 39  ? -10.865 17.971  8.407   1.00 23.09 ? 39  LEU A CA  1 
ATOM   312  C  C   . LEU A 1 39  ? -10.921 18.949  7.227   1.00 23.39 ? 39  LEU A C   1 
ATOM   313  O  O   . LEU A 1 39  ? -10.993 18.532  6.058   1.00 22.96 ? 39  LEU A O   1 
ATOM   314  C  CB  . LEU A 1 39  ? -12.247 17.647  8.970   1.00 22.72 ? 39  LEU A CB  1 
ATOM   315  C  CG  . LEU A 1 39  ? -13.305 17.166  7.965   1.00 23.50 ? 39  LEU A CG  1 
ATOM   316  C  CD1 . LEU A 1 39  ? -12.890 15.895  7.228   1.00 24.79 ? 39  LEU A CD1 1 
ATOM   317  C  CD2 . LEU A 1 39  ? -14.690 17.022  8.607   1.00 26.21 ? 39  LEU A CD2 1 
ATOM   318  N  N   . ASN A 1 40  ? -10.873 20.247  7.518   1.00 25.34 ? 40  ASN A N   1 
ATOM   319  C  CA  . ASN A 1 40  ? -10.839 21.217  6.434   1.00 25.62 ? 40  ASN A CA  1 
ATOM   320  C  C   . ASN A 1 40  ? -9.575  21.030  5.576   1.00 22.80 ? 40  ASN A C   1 
ATOM   321  O  O   . ASN A 1 40  ? -9.672  21.148  4.362   1.00 23.71 ? 40  ASN A O   1 
ATOM   322  C  CB  . ASN A 1 40  ? -10.983 22.639  6.970   1.00 28.63 ? 40  ASN A CB  1 
ATOM   323  C  CG  . ASN A 1 40  ? -12.416 22.933  7.329   1.00 31.48 ? 40  ASN A CG  1 
ATOM   324  O  OD1 . ASN A 1 40  ? -13.349 22.430  6.691   1.00 34.70 ? 40  ASN A OD1 1 
ATOM   325  N  ND2 . ASN A 1 40  ? -12.619 23.750  8.348   1.00 40.97 ? 40  ASN A ND2 1 
ATOM   326  N  N   . ALA A 1 41  ? -8.403  20.772  6.189   1.00 21.84 ? 41  ALA A N   1 
ATOM   327  C  CA  . ALA A 1 41  ? -7.178  20.534  5.440   1.00 22.37 ? 41  ALA A CA  1 
ATOM   328  C  C   . ALA A 1 41  ? -7.359  19.309  4.540   1.00 22.89 ? 41  ALA A C   1 
ATOM   329  O  O   . ALA A 1 41  ? -6.914  19.316  3.394   1.00 20.07 ? 41  ALA A O   1 
ATOM   330  C  CB  . ALA A 1 41  ? -5.985  20.404  6.335   1.00 25.33 ? 41  ALA A CB  1 
ATOM   331  N  N   . ALA A 1 42  ? -7.994  18.239  5.055   1.00 19.06 ? 42  ALA A N   1 
ATOM   332  C  CA  . ALA A 1 42  ? -8.239  17.041  4.234   1.00 19.11 ? 42  ALA A CA  1 
ATOM   333  C  C   . ALA A 1 42  ? -9.168  17.320  3.056   1.00 18.83 ? 42  ALA A C   1 
ATOM   334  O  O   . ALA A 1 42  ? -8.963  16.784  1.946   1.00 19.77 ? 42  ALA A O   1 
ATOM   335  C  CB  . ALA A 1 42  ? -8.830  15.923  5.088   1.00 19.49 ? 42  ALA A CB  1 
ATOM   336  N  N   . LYS A 1 43  ? -10.250 18.076  3.284   1.00 20.10 ? 43  LYS A N   1 
ATOM   337  C  CA  . LYS A 1 43  ? -11.203 18.409  2.228   1.00 20.38 ? 43  LYS A CA  1 
ATOM   338  C  C   . LYS A 1 43  ? -10.557 19.260  1.126   1.00 20.40 ? 43  LYS A C   1 
ATOM   339  O  O   . LYS A 1 43  ? -10.859 19.087  -0.063  1.00 20.21 ? 43  LYS A O   1 
ATOM   340  C  CB  . LYS A 1 43  ? -12.384 19.226  2.762   1.00 22.29 ? 43  LYS A CB  1 
ATOM   341  C  CG  . LYS A 1 43  ? -13.419 18.388  3.489   1.00 26.38 ? 43  LYS A CG  1 
ATOM   342  C  CD  . LYS A 1 43  ? -14.552 19.194  4.104   1.00 31.82 ? 43  LYS A CD  1 
ATOM   343  C  CE  . LYS A 1 43  ? -15.514 18.260  4.757   1.00 33.49 ? 43  LYS A CE  1 
ATOM   344  N  NZ  . LYS A 1 43  ? -16.647 18.988  5.324   1.00 37.38 ? 43  LYS A NZ  1 
ATOM   345  N  N   . SER A 1 44  ? -9.633  20.113  1.541   1.00 19.59 ? 44  SER A N   1 
ATOM   346  C  CA  . SER A 1 44  ? -8.838  20.895  0.609   1.00 21.66 ? 44  SER A CA  1 
ATOM   347  C  C   . SER A 1 44  ? -7.947  19.997  -0.238  1.00 19.23 ? 44  SER A C   1 
ATOM   348  O  O   . SER A 1 44  ? -7.842  20.185  -1.444  1.00 21.35 ? 44  SER A O   1 
ATOM   349  C  CB  . SER A 1 44  ? -8.056  21.952  1.324   1.00 23.39 ? 44  SER A CB  1 
ATOM   350  O  OG  . SER A 1 44  ? -7.322  22.689  0.387   1.00 29.44 ? 44  SER A OG  1 
ATOM   351  N  N   . GLU A 1 45  ? -7.252  19.036  0.394   1.00 17.71 ? 45  GLU A N   1 
ATOM   352  C  CA  . GLU A 1 45  ? -6.445  18.085  -0.359  1.00 17.66 ? 45  GLU A CA  1 
ATOM   353  C  C   . GLU A 1 45  ? -7.274  17.314  -1.389  1.00 18.59 ? 45  GLU A C   1 
ATOM   354  O  O   . GLU A 1 45  ? -6.792  16.966  -2.496  1.00 18.72 ? 45  GLU A O   1 
ATOM   355  C  CB  . GLU A 1 45  ? -5.696  17.086  0.538   1.00 18.55 ? 45  GLU A CB  1 
ATOM   356  C  CG  . GLU A 1 45  ? -4.557  17.743  1.318   1.00 21.53 ? 45  GLU A CG  1 
ATOM   357  C  CD  . GLU A 1 45  ? -3.418  18.234  0.440   1.00 23.58 ? 45  GLU A CD  1 
ATOM   358  O  OE1 . GLU A 1 45  ? -2.827  17.460  -0.369  1.00 22.89 ? 45  GLU A OE1 1 
ATOM   359  O  OE2 . GLU A 1 45  ? -3.124  19.436  0.498   1.00 24.91 ? 45  GLU A OE2 1 
ATOM   360  N  N   . LEU A 1 46  ? -8.479  16.921  -0.976  1.00 18.36 ? 46  LEU A N   1 
ATOM   361  C  CA  . LEU A 1 46  ? -9.364  16.158  -1.834  1.00 18.24 ? 46  LEU A CA  1 
ATOM   362  C  C   . LEU A 1 46  ? -9.770  17.010  -3.042  1.00 17.24 ? 46  LEU A C   1 
ATOM   363  O  O   . LEU A 1 46  ? -9.706  16.534  -4.166  1.00 18.94 ? 46  LEU A O   1 
ATOM   364  C  CB  . LEU A 1 46  ? -10.583 15.721  -1.040  1.00 18.20 ? 46  LEU A CB  1 
ATOM   365  C  CG  . LEU A 1 46  ? -11.591 14.905  -1.823  1.00 17.36 ? 46  LEU A CG  1 
ATOM   366  C  CD1 . LEU A 1 46  ? -10.883 13.693  -2.401  1.00 19.57 ? 46  LEU A CD1 1 
ATOM   367  C  CD2 . LEU A 1 46  ? -12.745 14.488  -0.928  1.00 19.53 ? 46  LEU A CD2 1 
ATOM   368  N  N   . ASP A 1 47  ? -10.152 18.269  -2.820  1.00 19.00 ? 47  ASP A N   1 
ATOM   369  C  CA  . ASP A 1 47  ? -10.490 19.144  -3.926  1.00 21.16 ? 47  ASP A CA  1 
ATOM   370  C  C   . ASP A 1 47  ? -9.330  19.338  -4.906  1.00 20.32 ? 47  ASP A C   1 
ATOM   371  O  O   . ASP A 1 47  ? -9.550  19.371  -6.108  1.00 20.41 ? 47  ASP A O   1 
ATOM   372  C  CB  . ASP A 1 47  ? -10.964 20.497  -3.409  1.00 19.88 ? 47  ASP A CB  1 
ATOM   373  C  CG  . ASP A 1 47  ? -12.258 20.394  -2.608  1.00 25.54 ? 47  ASP A CG  1 
ATOM   374  O  OD1 . ASP A 1 47  ? -12.907 19.284  -2.612  1.00 25.40 ? 47  ASP A OD1 1 
ATOM   375  O  OD2 . ASP A 1 47  ? -12.662 21.459  -2.053  1.00 28.15 ? 47  ASP A OD2 1 
ATOM   376  N  N   . LYS A 1 48  ? -8.117  19.497  -4.406  1.00 19.61 ? 48  LYS A N   1 
ATOM   377  C  CA  . LYS A 1 48  ? -6.931  19.620  -5.232  1.00 18.57 ? 48  LYS A CA  1 
ATOM   378  C  C   . LYS A 1 48  ? -6.729  18.335  -6.049  1.00 19.56 ? 48  LYS A C   1 
ATOM   379  O  O   . LYS A 1 48  ? -6.377  18.380  -7.237  1.00 17.68 ? 48  LYS A O   1 
ATOM   380  C  CB  . LYS A 1 48  ? -5.777  19.835  -4.225  1.00 19.59 ? 48  LYS A CB  1 
ATOM   381  C  CG  . LYS A 1 48  ? -4.441  20.043  -4.856  1.00 20.30 ? 48  LYS A CG  1 
ATOM   382  C  CD  . LYS A 1 48  ? -3.291  20.667  -4.058  1.00 20.33 ? 48  LYS A CD  1 
ATOM   383  C  CE  . LYS A 1 48  ? -3.125  20.118  -2.680  1.00 22.80 ? 48  LYS A CE  1 
ATOM   384  N  NZ  . LYS A 1 48  ? -2.425  18.856  -2.775  1.00 22.30 ? 48  LYS A NZ  1 
ATOM   385  N  N   . ALA A 1 49  ? -6.916  17.184  -5.388  1.00 17.48 ? 49  ALA A N   1 
ATOM   386  C  CA  . ALA A 1 49  ? -6.709  15.910  -6.064  1.00 18.84 ? 49  ALA A CA  1 
ATOM   387  C  C   . ALA A 1 49  ? -7.715  15.613  -7.182  1.00 18.10 ? 49  ALA A C   1 
ATOM   388  O  O   . ALA A 1 49  ? -7.346  15.036  -8.205  1.00 18.35 ? 49  ALA A O   1 
ATOM   389  C  CB  . ALA A 1 49  ? -6.678  14.790  -5.048  1.00 19.25 ? 49  ALA A CB  1 
ATOM   390  N  N   . ILE A 1 50  ? -8.979  15.965  -6.995  1.00 19.88 ? 50  ILE A N   1 
ATOM   391  C  CA  . ILE A 1 50  ? -10.030 15.645  -7.939  1.00 20.07 ? 50  ILE A CA  1 
ATOM   392  C  C   . ILE A 1 50  ? -10.229 16.774  -8.952  1.00 19.38 ? 50  ILE A C   1 
ATOM   393  O  O   . ILE A 1 50  ? -10.754 16.520  -10.027 1.00 22.34 ? 50  ILE A O   1 
ATOM   394  C  CB  . ILE A 1 50  ? -11.350 15.383  -7.176  1.00 19.50 ? 50  ILE A CB  1 
ATOM   395  C  CG1 . ILE A 1 50  ? -11.157 14.313  -6.137  1.00 21.75 ? 50  ILE A CG1 1 
ATOM   396  C  CG2 . ILE A 1 50  ? -12.505 15.084  -8.135  1.00 22.48 ? 50  ILE A CG2 1 
ATOM   397  C  CD1 . ILE A 1 50  ? -10.735 12.979  -6.714  1.00 24.03 ? 50  ILE A CD1 1 
ATOM   398  N  N   . GLY A 1 51  ? -9.896  18.009  -8.562  1.00 19.22 ? 51  GLY A N   1 
ATOM   399  C  CA  . GLY A 1 51  ? -9.994  19.139  -9.484  1.00 22.75 ? 51  GLY A CA  1 
ATOM   400  C  C   . GLY A 1 51  ? -11.338 19.832  -9.459  1.00 24.86 ? 51  GLY A C   1 
ATOM   401  O  O   . GLY A 1 51  ? -11.649 20.600  -10.380 1.00 23.83 ? 51  GLY A O   1 
ATOM   402  N  N   . ARG A 1 52  ? -12.113 19.638  -8.384  1.00 22.46 ? 52  ARG A N   1 
ATOM   403  C  CA  . ARG A 1 52  ? -13.388 20.330  -8.247  1.00 22.86 ? 52  ARG A CA  1 
ATOM   404  C  C   . ARG A 1 52  ? -13.711 20.446  -6.756  1.00 22.86 ? 52  ARG A C   1 
ATOM   405  O  O   . ARG A 1 52  ? -13.063 19.806  -5.922  1.00 21.65 ? 52  ARG A O   1 
ATOM   406  C  CB  . ARG A 1 52  ? -14.511 19.572  -8.975  1.00 23.26 ? 52  ARG A CB  1 
ATOM   407  C  CG  . ARG A 1 52  ? -14.887 18.227  -8.350  1.00 23.53 ? 52  ARG A CG  1 
ATOM   408  C  CD  . ARG A 1 52  ? -15.920 17.448  -9.136  1.00 24.86 ? 52  ARG A CD  1 
ATOM   409  N  NE  . ARG A 1 52  ? -16.169 16.132  -8.561  1.00 23.81 ? 52  ARG A NE  1 
ATOM   410  C  CZ  . ARG A 1 52  ? -16.951 15.926  -7.528  1.00 25.96 ? 52  ARG A CZ  1 
ATOM   411  N  NH1 . ARG A 1 52  ? -17.649 16.923  -7.009  1.00 29.96 ? 52  ARG A NH1 1 
ATOM   412  N  NH2 . ARG A 1 52  ? -17.046 14.718  -7.003  1.00 26.45 ? 52  ARG A NH2 1 
ATOM   413  N  N   . ASN A 1 53  ? -14.755 21.230  -6.423  1.00 25.58 ? 53  ASN A N   1 
ATOM   414  C  CA  . ASN A 1 53  ? -15.208 21.347  -5.044  1.00 26.43 ? 53  ASN A CA  1 
ATOM   415  C  C   . ASN A 1 53  ? -16.103 20.143  -4.714  1.00 23.61 ? 53  ASN A C   1 
ATOM   416  O  O   . ASN A 1 53  ? -17.242 20.039  -5.144  1.00 24.36 ? 53  ASN A O   1 
ATOM   417  C  CB  . ASN A 1 53  ? -15.857 22.712  -4.830  1.00 29.94 ? 53  ASN A CB  1 
ATOM   418  C  CG  . ASN A 1 53  ? -16.440 22.896  -3.445  1.00 38.86 ? 53  ASN A CG  1 
ATOM   419  O  OD1 . ASN A 1 53  ? -16.508 21.968  -2.621  1.00 38.18 ? 53  ASN A OD1 1 
ATOM   420  N  ND2 . ASN A 1 53  ? -16.922 24.103  -3.191  1.00 45.79 ? 53  ASN A ND2 1 
ATOM   421  N  N   . CYS A 1 54  ? -15.578 19.191  -3.933  1.00 21.99 ? 54  CYS A N   1 
ATOM   422  C  CA  A CYS A 1 54  ? -16.297 17.937  -3.775  0.50 23.79 ? 54  CYS A CA  1 
ATOM   423  C  CA  B CYS A 1 54  ? -16.208 17.902  -3.702  0.50 23.99 ? 54  CYS A CA  1 
ATOM   424  C  C   . CYS A 1 54  ? -17.095 17.867  -2.471  1.00 26.68 ? 54  CYS A C   1 
ATOM   425  O  O   . CYS A 1 54  ? -17.929 16.974  -2.342  1.00 26.83 ? 54  CYS A O   1 
ATOM   426  C  CB  A CYS A 1 54  ? -15.332 16.771  -3.665  0.50 26.81 ? 54  CYS A CB  1 
ATOM   427  C  CB  B CYS A 1 54  ? -15.164 16.851  -3.352  0.50 25.51 ? 54  CYS A CB  1 
ATOM   428  S  SG  A CYS A 1 54  ? -14.369 16.966  -2.161  0.50 27.18 ? 54  CYS A SG  1 
ATOM   429  S  SG  B CYS A 1 54  ? -14.025 16.671  -4.734  0.50 31.96 ? 54  CYS A SG  1 
ATOM   430  N  N   . ASN A 1 55  ? -16.795 18.739  -1.505  1.00 28.83 ? 55  ASN A N   1 
ATOM   431  C  CA  . ASN A 1 55  ? -17.546 18.731  -0.251  1.00 35.48 ? 55  ASN A CA  1 
ATOM   432  C  C   . ASN A 1 55  ? -17.319 17.413  0.509   1.00 33.75 ? 55  ASN A C   1 
ATOM   433  O  O   . ASN A 1 55  ? -18.105 17.030  1.364   1.00 34.22 ? 55  ASN A O   1 
ATOM   434  C  CB  . ASN A 1 55  ? -19.017 19.026  -0.560  1.00 41.29 ? 55  ASN A CB  1 
ATOM   435  C  CG  . ASN A 1 55  ? -19.854 19.366  0.656   1.00 53.24 ? 55  ASN A CG  1 
ATOM   436  O  OD1 . ASN A 1 55  ? -19.310 19.635  1.737   1.00 57.81 ? 55  ASN A OD1 1 
ATOM   437  N  ND2 . ASN A 1 55  ? -21.176 19.351  0.499   1.00 52.39 ? 55  ASN A ND2 1 
ATOM   438  N  N   . GLY A 1 56  ? -16.219 16.716  0.242   1.00 27.30 ? 56  GLY A N   1 
ATOM   439  C  CA  . GLY A 1 56  ? -15.842 15.526  0.986   1.00 26.50 ? 56  GLY A CA  1 
ATOM   440  C  C   . GLY A 1 56  ? -16.411 14.222  0.428   1.00 25.31 ? 56  GLY A C   1 
ATOM   441  O  O   . GLY A 1 56  ? -16.262 13.191  1.089   1.00 23.26 ? 56  GLY A O   1 
ATOM   442  N  N   . VAL A 1 57  ? -17.077 14.266  -0.728  1.00 23.66 ? 57  VAL A N   1 
ATOM   443  C  CA  . VAL A 1 57  ? -17.617 13.088  -1.391  1.00 22.41 ? 57  VAL A CA  1 
ATOM   444  C  C   . VAL A 1 57  ? -17.119 13.010  -2.840  1.00 22.04 ? 57  VAL A C   1 
ATOM   445  O  O   . VAL A 1 57  ? -17.146 13.992  -3.599  1.00 22.68 ? 57  VAL A O   1 
ATOM   446  C  CB  . VAL A 1 57  ? -19.158 13.079  -1.398  1.00 24.56 ? 57  VAL A CB  1 
ATOM   447  C  CG1 . VAL A 1 57  ? -19.714 11.776  -1.925  1.00 27.44 ? 57  VAL A CG1 1 
ATOM   448  C  CG2 . VAL A 1 57  ? -19.706 13.366  -0.011  1.00 30.80 ? 57  VAL A CG2 1 
ATOM   449  N  N   . ILE A 1 58  ? -16.810 11.783  -3.263  1.00 18.73 ? 58  ILE A N   1 
ATOM   450  C  CA  . ILE A 1 58  ? -16.434 11.497  -4.634  1.00 19.80 ? 58  ILE A CA  1 
ATOM   451  C  C   . ILE A 1 58  ? -17.256 10.348  -5.212  1.00 19.28 ? 58  ILE A C   1 
ATOM   452  O  O   . ILE A 1 58  ? -17.953 9.620   -4.504  1.00 20.64 ? 58  ILE A O   1 
ATOM   453  C  CB  . ILE A 1 58  ? -14.927 11.215  -4.775  1.00 18.66 ? 58  ILE A CB  1 
ATOM   454  C  CG1 . ILE A 1 58  ? -14.499 9.928   -4.032  1.00 19.20 ? 58  ILE A CG1 1 
ATOM   455  C  CG2 . ILE A 1 58  ? -14.102 12.438  -4.344  1.00 18.92 ? 58  ILE A CG2 1 
ATOM   456  C  CD1 . ILE A 1 58  ? -13.023 9.606   -4.205  1.00 19.92 ? 58  ILE A CD1 1 
ATOM   457  N  N   . THR A 1 59  ? -17.123 10.168  -6.535  1.00 18.60 ? 59  THR A N   1 
ATOM   458  C  CA  . THR A 1 59  ? -17.730 9.046   -7.214  1.00 21.35 ? 59  THR A CA  1 
ATOM   459  C  C   . THR A 1 59  ? -16.782 7.847   -7.236  1.00 20.73 ? 59  THR A C   1 
ATOM   460  O  O   . THR A 1 59  ? -15.578 7.973   -7.049  1.00 22.24 ? 59  THR A O   1 
ATOM   461  C  CB  . THR A 1 59  ? -18.127 9.490   -8.623  1.00 23.09 ? 59  THR A CB  1 
ATOM   462  O  OG1 . THR A 1 59  ? -16.915 9.676   -9.355  1.00 23.40 ? 59  THR A OG1 1 
ATOM   463  C  CG2 . THR A 1 59  ? -18.978 10.751  -8.614  1.00 26.35 ? 59  THR A CG2 1 
ATOM   464  N  N   . LYS A 1 60  ? -17.330 6.694   -7.584  1.00 22.48 ? 60  LYS A N   1 
ATOM   465  C  CA  . LYS A 1 60  ? -16.542 5.483   -7.753  1.00 22.07 ? 60  LYS A CA  1 
ATOM   466  C  C   . LYS A 1 60  ? -15.484 5.677   -8.835  1.00 20.47 ? 60  LYS A C   1 
ATOM   467  O  O   . LYS A 1 60  ? -14.331 5.292   -8.681  1.00 20.38 ? 60  LYS A O   1 
ATOM   468  C  CB  . LYS A 1 60  ? -17.441 4.292   -8.091  1.00 23.02 ? 60  LYS A CB  1 
ATOM   469  C  CG  . LYS A 1 60  ? -16.685 2.996   -8.102  1.00 25.35 ? 60  LYS A CG  1 
ATOM   470  C  CD  . LYS A 1 60  ? -17.533 1.743   -8.294  1.00 30.58 ? 60  LYS A CD  1 
ATOM   471  C  CE  . LYS A 1 60  ? -16.656 0.538   -8.291  1.00 35.61 ? 60  LYS A CE  1 
ATOM   472  N  NZ  . LYS A 1 60  ? -17.410 -0.703  -8.492  1.00 42.06 ? 60  LYS A NZ  1 
ATOM   473  N  N   . ASP A 1 61  ? -15.874 6.282   -9.959  1.00 20.91 ? 61  ASP A N   1 
ATOM   474  C  CA  . ASP A 1 61  ? -14.940 6.509   -11.047 1.00 21.57 ? 61  ASP A CA  1 
ATOM   475  C  C   . ASP A 1 61  ? -13.767 7.373   -10.582 1.00 19.31 ? 61  ASP A C   1 
ATOM   476  O  O   . ASP A 1 61  ? -12.627 7.133   -10.992 1.00 19.67 ? 61  ASP A O   1 
ATOM   477  C  CB  . ASP A 1 61  ? -15.599 7.088   -12.300 1.00 23.43 ? 61  ASP A CB  1 
ATOM   478  C  CG  . ASP A 1 61  ? -16.472 6.130   -13.104 1.00 29.68 ? 61  ASP A CG  1 
ATOM   479  O  OD1 . ASP A 1 61  ? -16.473 4.922   -12.807 1.00 30.70 ? 61  ASP A OD1 1 
ATOM   480  O  OD2 . ASP A 1 61  ? -17.175 6.610   -14.012 1.00 33.63 ? 61  ASP A OD2 1 
ATOM   481  N  N   . GLU A 1 62  ? -14.065 8.434   -9.802  1.00 19.06 ? 62  GLU A N   1 
ATOM   482  C  CA  . GLU A 1 62  ? -13.032 9.308   -9.293  1.00 16.07 ? 62  GLU A CA  1 
ATOM   483  C  C   . GLU A 1 62  ? -12.113 8.547   -8.330  1.00 18.03 ? 62  GLU A C   1 
ATOM   484  O  O   . GLU A 1 62  ? -10.901 8.734   -8.361  1.00 18.44 ? 62  GLU A O   1 
ATOM   485  C  CB  . GLU A 1 62  ? -13.638 10.518  -8.606  1.00 18.45 ? 62  GLU A CB  1 
ATOM   486  C  CG  . GLU A 1 62  ? -14.285 11.504  -9.593  1.00 19.66 ? 62  GLU A CG  1 
ATOM   487  C  CD  . GLU A 1 62  ? -15.147 12.603  -8.975  1.00 23.48 ? 62  GLU A CD  1 
ATOM   488  O  OE1 . GLU A 1 62  ? -15.615 12.435  -7.821  1.00 22.14 ? 62  GLU A OE1 1 
ATOM   489  O  OE2 . GLU A 1 62  ? -15.352 13.657  -9.659  1.00 23.34 ? 62  GLU A OE2 1 
ATOM   490  N  N   . ALA A 1 63  ? -12.712 7.741   -7.465  1.00 17.20 ? 63  ALA A N   1 
ATOM   491  C  CA  . ALA A 1 63  ? -11.894 6.924   -6.556  1.00 18.35 ? 63  ALA A CA  1 
ATOM   492  C  C   . ALA A 1 63  ? -10.949 5.998   -7.327  1.00 17.21 ? 63  ALA A C   1 
ATOM   493  O  O   . ALA A 1 63  ? -9.775  5.799   -6.931  1.00 18.14 ? 63  ALA A O   1 
ATOM   494  C  CB  . ALA A 1 63  ? -12.765 6.119   -5.626  1.00 19.29 ? 63  ALA A CB  1 
ATOM   495  N  N   . GLU A 1 64  ? -11.443 5.367   -8.398  1.00 17.83 ? 64  GLU A N   1 
ATOM   496  C  CA  . GLU A 1 64  ? -10.625 4.445   -9.168  1.00 18.04 ? 64  GLU A CA  1 
ATOM   497  C  C   . GLU A 1 64  ? -9.513  5.222   -9.881  1.00 18.27 ? 64  GLU A C   1 
ATOM   498  O  O   . GLU A 1 64  ? -8.418  4.709   -10.083 1.00 17.57 ? 64  GLU A O   1 
ATOM   499  C  CB  . GLU A 1 64  ? -11.514 3.611   -10.106 1.00 18.66 ? 64  GLU A CB  1 
ATOM   500  C  CG  . GLU A 1 64  ? -12.366 2.611   -9.324  1.00 20.37 ? 64  GLU A CG  1 
ATOM   501  C  CD  . GLU A 1 64  ? -13.325 1.753   -10.109 1.00 27.12 ? 64  GLU A CD  1 
ATOM   502  O  OE1 . GLU A 1 64  ? -13.631 2.203   -11.219 1.00 26.28 ? 64  GLU A OE1 1 
ATOM   503  O  OE2 . GLU A 1 64  ? -13.776 0.719   -9.592  1.00 28.13 ? 64  GLU A OE2 1 
ATOM   504  N  N   . LYS A 1 65  ? -9.813  6.438   -10.370 1.00 17.61 ? 65  LYS A N   1 
ATOM   505  C  CA  . LYS A 1 65  ? -8.792  7.262   -10.997 1.00 19.96 ? 65  LYS A CA  1 
ATOM   506  C  C   . LYS A 1 65  ? -7.639  7.583   -10.046 1.00 16.47 ? 65  LYS A C   1 
ATOM   507  O  O   . LYS A 1 65  ? -6.494  7.428   -10.437 1.00 18.29 ? 65  LYS A O   1 
ATOM   508  C  CB  . LYS A 1 65  ? -9.465  8.516   -11.570 1.00 21.00 ? 65  LYS A CB  1 
ATOM   509  C  CG  . LYS A 1 65  ? -8.506  9.345   -12.346 1.00 24.85 ? 65  LYS A CG  1 
ATOM   510  C  CD  . LYS A 1 65  ? -9.149  10.498  -13.092 1.00 29.79 ? 65  LYS A CD  1 
ATOM   511  C  CE  . LYS A 1 65  ? -7.988  11.271  -13.658 1.00 36.76 ? 65  LYS A CE  1 
ATOM   512  N  NZ  . LYS A 1 65  ? -8.218  11.618  -15.053 1.00 37.44 ? 65  LYS A NZ  1 
ATOM   513  N  N   . LEU A 1 66  ? -7.947  8.059   -8.835  1.00 18.47 ? 66  LEU A N   1 
ATOM   514  C  CA  . LEU A 1 66  ? -6.940  8.331   -7.823  1.00 16.97 ? 66  LEU A CA  1 
ATOM   515  C  C   . LEU A 1 66  ? -6.165  7.046   -7.529  1.00 16.25 ? 66  LEU A C   1 
ATOM   516  O  O   . LEU A 1 66  ? -4.941  7.078   -7.403  1.00 17.33 ? 66  LEU A O   1 
ATOM   517  C  CB  . LEU A 1 66  ? -7.545  8.849   -6.509  1.00 21.12 ? 66  LEU A CB  1 
ATOM   518  C  CG  . LEU A 1 66  ? -8.145  10.250  -6.508  1.00 22.90 ? 66  LEU A CG  1 
ATOM   519  C  CD1 . LEU A 1 66  ? -8.493  10.613  -5.058  1.00 27.38 ? 66  LEU A CD1 1 
ATOM   520  C  CD2 . LEU A 1 66  ? -7.257  11.295  -7.131  1.00 25.25 ? 66  LEU A CD2 1 
ATOM   521  N  N   . PHE A 1 67  ? -6.860  5.913   -7.467  1.00 17.51 ? 67  PHE A N   1 
ATOM   522  C  CA  . PHE A 1 67  ? -6.196  4.654   -7.129  1.00 17.31 ? 67  PHE A CA  1 
ATOM   523  C  C   . PHE A 1 67  ? -5.170  4.300   -8.188  1.00 17.47 ? 67  PHE A C   1 
ATOM   524  O  O   . PHE A 1 67  ? -4.049  3.876   -7.892  1.00 17.73 ? 67  PHE A O   1 
ATOM   525  C  CB  . PHE A 1 67  ? -7.249  3.546   -7.032  1.00 17.62 ? 67  PHE A CB  1 
ATOM   526  C  CG  . PHE A 1 67  ? -6.758  2.152   -6.673  1.00 16.68 ? 67  PHE A CG  1 
ATOM   527  C  CD1 . PHE A 1 67  ? -5.901  1.960   -5.599  1.00 18.26 ? 67  PHE A CD1 1 
ATOM   528  C  CD2 . PHE A 1 67  ? -7.202  1.064   -7.393  1.00 18.88 ? 67  PHE A CD2 1 
ATOM   529  C  CE1 . PHE A 1 67  ? -5.496  0.697   -5.270  1.00 19.43 ? 67  PHE A CE1 1 
ATOM   530  C  CE2 . PHE A 1 67  ? -6.788  -0.214  -7.045  1.00 21.15 ? 67  PHE A CE2 1 
ATOM   531  C  CZ  . PHE A 1 67  ? -5.953  -0.383  -5.981  1.00 19.77 ? 67  PHE A CZ  1 
ATOM   532  N  N   . ASN A 1 68  ? -5.583  4.397   -9.459  1.00 17.23 ? 68  ASN A N   1 
ATOM   533  C  CA  . ASN A 1 68  ? -4.655  4.081   -10.550 1.00 18.20 ? 68  ASN A CA  1 
ATOM   534  C  C   . ASN A 1 68  ? -3.418  4.971   -10.503 1.00 18.77 ? 68  ASN A C   1 
ATOM   535  O  O   . ASN A 1 68  ? -2.301  4.529   -10.756 1.00 18.54 ? 68  ASN A O   1 
ATOM   536  C  CB  . ASN A 1 68  ? -5.352  4.111   -11.892 1.00 19.73 ? 68  ASN A CB  1 
ATOM   537  C  CG  . ASN A 1 68  ? -6.407  3.029   -12.001 1.00 30.08 ? 68  ASN A CG  1 
ATOM   538  O  OD1 . ASN A 1 68  ? -6.496  2.095   -11.175 1.00 34.78 ? 68  ASN A OD1 1 
ATOM   539  N  ND2 . ASN A 1 68  ? -7.293  3.185   -12.965 1.00 30.00 ? 68  ASN A ND2 1 
ATOM   540  N  N   . GLN A 1 69  ? -3.610  6.269   -10.225 1.00 16.13 ? 69  GLN A N   1 
ATOM   541  C  CA  . GLN A 1 69  ? -2.491  7.178   -10.102 1.00 15.45 ? 69  GLN A CA  1 
ATOM   542  C  C   . GLN A 1 69  ? -1.571  6.748   -8.967  1.00 17.36 ? 69  GLN A C   1 
ATOM   543  O  O   . GLN A 1 69  ? -0.356  6.841   -9.108  1.00 17.38 ? 69  GLN A O   1 
ATOM   544  C  CB  . GLN A 1 69  ? -2.977  8.605   -9.874  1.00 16.95 ? 69  GLN A CB  1 
ATOM   545  C  CG  . GLN A 1 69  ? -3.697  9.167   -11.087 1.00 16.67 ? 69  GLN A CG  1 
ATOM   546  C  CD  . GLN A 1 69  ? -4.318  10.525  -10.894 1.00 18.75 ? 69  GLN A CD  1 
ATOM   547  O  OE1 . GLN A 1 69  ? -4.721  11.174  -11.889 1.00 19.54 ? 69  GLN A OE1 1 
ATOM   548  N  NE2 . GLN A 1 69  ? -4.376  11.001  -9.651  1.00 19.27 ? 69  GLN A NE2 1 
ATOM   549  N  N   . ASP A 1 70  ? -2.194  6.380   -7.830  1.00 17.61 ? 70  ASP A N   1 
ATOM   550  C  CA  . ASP A 1 70  ? -1.455  6.008   -6.622  1.00 17.56 ? 70  ASP A CA  1 
ATOM   551  C  C   . ASP A 1 70  ? -0.617  4.748   -6.810  1.00 18.35 ? 70  ASP A C   1 
ATOM   552  O  O   . ASP A 1 70  ? 0.516   4.713   -6.356  1.00 19.42 ? 70  ASP A O   1 
ATOM   553  C  CB  . ASP A 1 70  ? -2.393  5.833   -5.430  1.00 18.29 ? 70  ASP A CB  1 
ATOM   554  C  CG  . ASP A 1 70  ? -3.056  7.111   -4.945  1.00 20.08 ? 70  ASP A CG  1 
ATOM   555  O  OD1 . ASP A 1 70  ? -2.536  8.229   -5.259  1.00 21.96 ? 70  ASP A OD1 1 
ATOM   556  O  OD2 . ASP A 1 70  ? -4.096  6.996   -4.213  1.00 21.57 ? 70  ASP A OD2 1 
ATOM   557  N  N   . VAL A 1 71  ? -1.165  3.748   -7.473  1.00 19.07 ? 71  VAL A N   1 
ATOM   558  C  CA  . VAL A 1 71  ? -0.400  2.517   -7.707  1.00 18.63 ? 71  VAL A CA  1 
ATOM   559  C  C   . VAL A 1 71  ? 0.762   2.811   -8.639  1.00 19.56 ? 71  VAL A C   1 
ATOM   560  O  O   . VAL A 1 71  ? 1.873   2.381   -8.416  1.00 19.18 ? 71  VAL A O   1 
ATOM   561  C  CB  . VAL A 1 71  ? -1.303  1.434   -8.309  1.00 19.89 ? 71  VAL A CB  1 
ATOM   562  C  CG1 . VAL A 1 71  ? -0.513  0.182   -8.702  1.00 20.40 ? 71  VAL A CG1 1 
ATOM   563  C  CG2 . VAL A 1 71  ? -2.438  1.047   -7.381  1.00 19.90 ? 71  VAL A CG2 1 
ATOM   564  N  N   . ASP A 1 72  ? 0.494   3.545   -9.722  1.00 18.41 ? 72  ASP A N   1 
ATOM   565  C  CA  . ASP A 1 72  ? 1.552   3.896   -10.646 1.00 19.97 ? 72  ASP A CA  1 
ATOM   566  C  C   . ASP A 1 72  ? 2.670   4.635   -9.910  1.00 21.16 ? 72  ASP A C   1 
ATOM   567  O  O   . ASP A 1 72  ? 3.857   4.377   -10.121 1.00 20.74 ? 72  ASP A O   1 
ATOM   568  C  CB  . ASP A 1 72  ? 0.924   4.711   -11.776 1.00 21.63 ? 72  ASP A CB  1 
ATOM   569  C  CG  . ASP A 1 72  ? 1.779   5.132   -12.963 1.00 33.37 ? 72  ASP A CG  1 
ATOM   570  O  OD1 . ASP A 1 72  ? 2.958   4.820   -12.971 1.00 40.03 ? 72  ASP A OD1 1 
ATOM   571  O  OD2 . ASP A 1 72  ? 1.222   5.811   -13.876 1.00 39.71 ? 72  ASP A OD2 1 
ATOM   572  N  N   . ALA A 1 73  ? 2.306   5.640   -9.093  1.00 19.70 ? 73  ALA A N   1 
ATOM   573  C  CA  . ALA A 1 73  ? 3.298   6.480   -8.464  1.00 18.65 ? 73  ALA A CA  1 
ATOM   574  C  C   . ALA A 1 73  ? 4.122   5.644   -7.475  1.00 18.43 ? 73  ALA A C   1 
ATOM   575  O  O   . ALA A 1 73  ? 5.313   5.911   -7.282  1.00 20.65 ? 73  ALA A O   1 
ATOM   576  C  CB  . ALA A 1 73  ? 2.628   7.641   -7.784  1.00 22.23 ? 73  ALA A CB  1 
ATOM   577  N  N   . ALA A 1 74  ? 3.467   4.673   -6.822  1.00 17.96 ? 74  ALA A N   1 
ATOM   578  C  CA  . ALA A 1 74  ? 4.167   3.785   -5.910  1.00 18.86 ? 74  ALA A CA  1 
ATOM   579  C  C   . ALA A 1 74  ? 5.270   3.033   -6.640  1.00 19.26 ? 74  ALA A C   1 
ATOM   580  O  O   . ALA A 1 74  ? 6.390   2.956   -6.111  1.00 19.66 ? 74  ALA A O   1 
ATOM   581  C  CB  . ALA A 1 74  ? 3.216   2.842   -5.238  1.00 20.05 ? 74  ALA A CB  1 
ATOM   582  N  N   . VAL A 1 75  ? 4.912   2.405   -7.763  1.00 18.32 ? 75  VAL A N   1 
ATOM   583  C  CA  . VAL A 1 75  ? 5.899   1.611   -8.483  1.00 19.54 ? 75  VAL A CA  1 
ATOM   584  C  C   . VAL A 1 75  ? 7.004   2.523   -9.029  1.00 19.55 ? 75  VAL A C   1 
ATOM   585  O  O   . VAL A 1 75  ? 8.181   2.190   -9.005  1.00 20.81 ? 75  VAL A O   1 
ATOM   586  C  CB  . VAL A 1 75  ? 5.308   0.762   -9.614  1.00 24.63 ? 75  VAL A CB  1 
ATOM   587  C  CG1 . VAL A 1 75  ? 6.382   -0.215  -10.128 1.00 24.08 ? 75  VAL A CG1 1 
ATOM   588  C  CG2 . VAL A 1 75  ? 4.083   0.016   -9.167  1.00 26.33 ? 75  VAL A CG2 1 
ATOM   589  N  N   . ARG A 1 76  ? 6.653   3.703   -9.562  1.00 18.44 ? 76  ARG A N   1 
ATOM   590  C  CA  . ARG A 1 76  ? 7.694   4.548   -10.120 1.00 20.30 ? 76  ARG A CA  1 
ATOM   591  C  C   . ARG A 1 76  ? 8.651   5.030   -9.027  1.00 20.60 ? 76  ARG A C   1 
ATOM   592  O  O   . ARG A 1 76  ? 9.836   5.228   -9.295  1.00 20.35 ? 76  ARG A O   1 
ATOM   593  C  CB  . ARG A 1 76  ? 7.032   5.730   -10.838 1.00 22.04 ? 76  ARG A CB  1 
ATOM   594  C  CG  . ARG A 1 76  ? 6.313   5.322   -12.110 1.00 25.42 ? 76  ARG A CG  1 
ATOM   595  C  CD  . ARG A 1 76  ? 7.184   4.650   -13.174 1.00 26.94 ? 76  ARG A CD  1 
ATOM   596  N  NE  . ARG A 1 76  ? 8.214   5.510   -13.783 1.00 28.97 ? 76  ARG A NE  1 
ATOM   597  C  CZ  . ARG A 1 76  ? 8.033   6.382   -14.790 1.00 27.64 ? 76  ARG A CZ  1 
ATOM   598  N  NH1 . ARG A 1 76  ? 6.835   6.553   -15.313 1.00 28.30 ? 76  ARG A NH1 1 
ATOM   599  N  NH2 . ARG A 1 76  ? 9.060   7.097   -15.246 1.00 25.78 ? 76  ARG A NH2 1 
ATOM   600  N  N   . GLY A 1 77  ? 8.154   5.196   -7.798  1.00 19.76 ? 77  GLY A N   1 
ATOM   601  C  CA  . GLY A 1 77  ? 8.991   5.541   -6.665  1.00 21.12 ? 77  GLY A CA  1 
ATOM   602  C  C   . GLY A 1 77  ? 9.983   4.432   -6.320  1.00 21.66 ? 77  GLY A C   1 
ATOM   603  O  O   . GLY A 1 77  ? 11.166  4.677   -6.082  1.00 20.84 ? 77  GLY A O   1 
ATOM   604  N  N   . ILE A 1 78  ? 9.496   3.196   -6.384  1.00 18.08 ? 78  ILE A N   1 
ATOM   605  C  CA  . ILE A 1 78  ? 10.364  2.047   -6.168  1.00 17.70 ? 78  ILE A CA  1 
ATOM   606  C  C   . ILE A 1 78  ? 11.507  2.094   -7.187  1.00 18.87 ? 78  ILE A C   1 
ATOM   607  O  O   . ILE A 1 78  ? 12.668  1.889   -6.842  1.00 20.13 ? 78  ILE A O   1 
ATOM   608  C  CB  . ILE A 1 78  ? 9.577   0.731   -6.221  1.00 18.07 ? 78  ILE A CB  1 
ATOM   609  C  CG1 . ILE A 1 78  ? 8.693   0.553   -4.988  1.00 17.57 ? 78  ILE A CG1 1 
ATOM   610  C  CG2 . ILE A 1 78  ? 10.540  -0.450  -6.346  1.00 19.59 ? 78  ILE A CG2 1 
ATOM   611  C  CD1 . ILE A 1 78  ? 7.682   -0.530  -5.143  1.00 18.91 ? 78  ILE A CD1 1 
ATOM   612  N  N   . LEU A 1 79  ? 11.169  2.305   -8.461  1.00 19.73 ? 79  LEU A N   1 
ATOM   613  C  CA  . LEU A 1 79  ? 12.179  2.209   -9.527  1.00 19.47 ? 79  LEU A CA  1 
ATOM   614  C  C   . LEU A 1 79  ? 13.172  3.362   -9.472  1.00 23.09 ? 79  LEU A C   1 
ATOM   615  O  O   . LEU A 1 79  ? 14.295  3.189   -9.960  1.00 22.52 ? 79  LEU A O   1 
ATOM   616  C  CB  . LEU A 1 79  ? 11.489  2.143   -10.884 1.00 20.56 ? 79  LEU A CB  1 
ATOM   617  C  CG  . LEU A 1 79  ? 10.587  0.936   -11.124 1.00 22.72 ? 79  LEU A CG  1 
ATOM   618  C  CD1 . LEU A 1 79  ? 9.908   1.050   -12.474 1.00 26.69 ? 79  LEU A CD1 1 
ATOM   619  C  CD2 . LEU A 1 79  ? 11.296  -0.400  -10.996 1.00 25.81 ? 79  LEU A CD2 1 
ATOM   620  N  N   . ARG A 1 80  ? 12.819  4.472   -8.813  1.00 20.10 ? 80  ARG A N   1 
ATOM   621  C  CA  . ARG A 1 80  ? 13.776  5.555   -8.570  1.00 25.71 ? 80  ARG A CA  1 
ATOM   622  C  C   . ARG A 1 80  ? 14.594  5.438   -7.286  1.00 25.25 ? 80  ARG A C   1 
ATOM   623  O  O   . ARG A 1 80  ? 15.422  6.314   -7.013  1.00 28.63 ? 80  ARG A O   1 
ATOM   624  C  CB  . ARG A 1 80  ? 13.040  6.883   -8.347  1.00 26.90 ? 80  ARG A CB  1 
ATOM   625  C  CG  . ARG A 1 80  ? 12.626  7.542   -9.632  1.00 32.39 ? 80  ARG A CG  1 
ATOM   626  C  CD  . ARG A 1 80  ? 11.999  8.875   -9.226  1.00 34.96 ? 80  ARG A CD  1 
ATOM   627  N  NE  . ARG A 1 80  ? 11.074  9.024   -10.338 1.00 40.44 ? 80  ARG A NE  1 
ATOM   628  C  CZ  . ARG A 1 80  ? 9.767   8.888   -10.240 1.00 45.17 ? 80  ARG A CZ  1 
ATOM   629  N  NH1 . ARG A 1 80  ? 9.096   8.757   -11.367 1.00 40.09 ? 80  ARG A NH1 1 
ATOM   630  N  NH2 . ARG A 1 80  ? 9.175   8.813   -9.043  1.00 39.63 ? 80  ARG A NH2 1 
ATOM   631  N  N   . ASN A 1 81  ? 14.333  4.421   -6.456  1.00 21.39 ? 81  ASN A N   1 
ATOM   632  C  CA  . ASN A 1 81  ? 14.941  4.272   -5.152  1.00 24.13 ? 81  ASN A CA  1 
ATOM   633  C  C   . ASN A 1 81  ? 16.083  3.263   -5.263  1.00 25.51 ? 81  ASN A C   1 
ATOM   634  O  O   . ASN A 1 81  ? 15.877  2.091   -5.585  1.00 23.82 ? 81  ASN A O   1 
ATOM   635  C  CB  . ASN A 1 81  ? 13.890  3.856   -4.134  1.00 22.48 ? 81  ASN A CB  1 
ATOM   636  C  CG  . ASN A 1 81  ? 14.429  3.825   -2.725  1.00 26.07 ? 81  ASN A CG  1 
ATOM   637  O  OD1 . ASN A 1 81  ? 15.500  3.268   -2.465  1.00 30.49 ? 81  ASN A OD1 1 
ATOM   638  N  ND2 . ASN A 1 81  ? 13.739  4.471   -1.807  1.00 25.62 ? 81  ASN A ND2 1 
ATOM   639  N  N   . ALA A 1 82  ? 17.321  3.747   -5.088  1.00 25.00 ? 82  ALA A N   1 
ATOM   640  C  CA  . ALA A 1 82  ? 18.497  2.911   -5.276  1.00 28.26 ? 82  ALA A CA  1 
ATOM   641  C  C   . ALA A 1 82  ? 18.486  1.685   -4.359  1.00 26.00 ? 82  ALA A C   1 
ATOM   642  O  O   . ALA A 1 82  ? 19.164  0.699   -4.631  1.00 31.15 ? 82  ALA A O   1 
ATOM   643  C  CB  . ALA A 1 82  ? 19.734  3.745   -5.032  1.00 28.67 ? 82  ALA A CB  1 
ATOM   644  N  N   . LYS A 1 83  ? 17.846  1.771   -3.210  1.00 25.26 ? 83  LYS A N   1 
ATOM   645  C  CA  . LYS A 1 83  ? 17.832  0.648   -2.276  1.00 28.61 ? 83  LYS A CA  1 
ATOM   646  C  C   . LYS A 1 83  ? 16.737  -0.363  -2.616  1.00 29.99 ? 83  LYS A C   1 
ATOM   647  O  O   . LYS A 1 83  ? 16.906  -1.579  -2.445  1.00 31.84 ? 83  LYS A O   1 
ATOM   648  C  CB  . LYS A 1 83  ? 17.654  1.111   -0.835  1.00 34.43 ? 83  LYS A CB  1 
ATOM   649  C  CG  . LYS A 1 83  ? 18.953  1.680   -0.266  1.00 44.94 ? 83  LYS A CG  1 
ATOM   650  C  CD  . LYS A 1 83  ? 18.780  2.570   0.951   1.00 54.33 ? 83  LYS A CD  1 
ATOM   651  C  CE  . LYS A 1 83  ? 20.064  3.270   1.265   1.00 60.97 ? 83  LYS A CE  1 
ATOM   652  N  NZ  . LYS A 1 83  ? 19.924  4.015   2.516   1.00 65.72 ? 83  LYS A NZ  1 
ATOM   653  N  N   . LEU A 1 84  ? 15.589  0.135   -3.066  1.00 22.96 ? 84  LEU A N   1 
ATOM   654  C  CA  . LEU A 1 84  ? 14.461  -0.723  -3.332  1.00 19.76 ? 84  LEU A CA  1 
ATOM   655  C  C   . LEU A 1 84  ? 14.506  -1.358  -4.728  1.00 19.06 ? 84  LEU A C   1 
ATOM   656  O  O   . LEU A 1 84  ? 14.062  -2.494  -4.915  1.00 18.72 ? 84  LEU A O   1 
ATOM   657  C  CB  . LEU A 1 84  ? 13.157  0.056   -3.150  1.00 21.17 ? 84  LEU A CB  1 
ATOM   658  C  CG  . LEU A 1 84  ? 12.905  0.684   -1.780  1.00 23.04 ? 84  LEU A CG  1 
ATOM   659  C  CD1 . LEU A 1 84  ? 11.574  1.399   -1.778  1.00 22.56 ? 84  LEU A CD1 1 
ATOM   660  C  CD2 . LEU A 1 84  ? 12.945  -0.357  -0.678  1.00 25.26 ? 84  LEU A CD2 1 
ATOM   661  N  N   . LYS A 1 85  ? 14.985  -0.620  -5.745  1.00 19.34 ? 85  LYS A N   1 
ATOM   662  C  CA  . LYS A 1 85  ? 14.912  -1.110  -7.111  1.00 19.02 ? 85  LYS A CA  1 
ATOM   663  C  C   . LYS A 1 85  ? 15.553  -2.489  -7.280  1.00 18.64 ? 85  LYS A C   1 
ATOM   664  O  O   . LYS A 1 85  ? 14.968  -3.364  -7.929  1.00 16.67 ? 85  LYS A O   1 
ATOM   665  C  CB  . LYS A 1 85  ? 15.466  -0.092  -8.130  1.00 20.45 ? 85  LYS A CB  1 
ATOM   666  C  CG  . LYS A 1 85  ? 15.286  -0.530  -9.546  1.00 22.15 ? 85  LYS A CG  1 
ATOM   667  C  CD  . LYS A 1 85  ? 15.916  0.417   -10.551 1.00 25.42 ? 85  LYS A CD  1 
ATOM   668  C  CE  . LYS A 1 85  ? 15.656  -0.033  -11.963 1.00 28.89 ? 85  LYS A CE  1 
ATOM   669  N  NZ  . LYS A 1 85  ? 16.546  -1.115  -12.329 1.00 37.87 ? 85  LYS A NZ  1 
ATOM   670  N  N   . PRO A 1 86  ? 16.786  -2.734  -6.794  1.00 20.97 ? 86  PRO A N   1 
ATOM   671  C  CA  . PRO A 1 86  ? 17.418  -4.040  -6.985  1.00 22.21 ? 86  PRO A CA  1 
ATOM   672  C  C   . PRO A 1 86  ? 16.643  -5.188  -6.355  1.00 19.87 ? 86  PRO A C   1 
ATOM   673  O  O   . PRO A 1 86  ? 16.564  -6.274  -6.943  1.00 18.37 ? 86  PRO A O   1 
ATOM   674  C  CB  . PRO A 1 86  ? 18.828  -3.951  -6.378  1.00 25.72 ? 86  PRO A CB  1 
ATOM   675  C  CG  . PRO A 1 86  ? 18.920  -2.585  -5.788  1.00 28.31 ? 86  PRO A CG  1 
ATOM   676  C  CD  . PRO A 1 86  ? 17.695  -1.761  -6.184  1.00 24.29 ? 86  PRO A CD  1 
ATOM   677  N  N   . VAL A 1 87  ? 16.040  -4.952  -5.183  1.00 18.25 ? 87  VAL A N   1 
ATOM   678  C  CA  . VAL A 1 87  ? 15.232  -6.001  -4.589  1.00 18.59 ? 87  VAL A CA  1 
ATOM   679  C  C   . VAL A 1 87  ? 13.971  -6.254  -5.425  1.00 16.74 ? 87  VAL A C   1 
ATOM   680  O  O   . VAL A 1 87  ? 13.627  -7.381  -5.754  1.00 17.80 ? 87  VAL A O   1 
ATOM   681  C  CB  . VAL A 1 87  ? 14.867  -5.648  -3.139  1.00 20.05 ? 87  VAL A CB  1 
ATOM   682  C  CG1 . VAL A 1 87  ? 14.096  -6.793  -2.488  1.00 19.69 ? 87  VAL A CG1 1 
ATOM   683  C  CG2 . VAL A 1 87  ? 16.122  -5.327  -2.321  1.00 21.18 ? 87  VAL A CG2 1 
ATOM   684  N  N   . TYR A 1 88  ? 13.262  -5.193  -5.819  1.00 15.99 ? 88  TYR A N   1 
ATOM   685  C  CA  . TYR A 1 88  ? 12.079  -5.346  -6.644  1.00 15.40 ? 88  TYR A CA  1 
ATOM   686  C  C   . TYR A 1 88  ? 12.382  -6.103  -7.930  1.00 17.61 ? 88  TYR A C   1 
ATOM   687  O  O   . TYR A 1 88  ? 11.656  -7.017  -8.305  1.00 17.41 ? 88  TYR A O   1 
ATOM   688  C  CB  . TYR A 1 88  ? 11.571  -3.936  -6.934  1.00 17.11 ? 88  TYR A CB  1 
ATOM   689  C  CG  . TYR A 1 88  ? 10.313  -3.891  -7.751  1.00 16.93 ? 88  TYR A CG  1 
ATOM   690  C  CD1 . TYR A 1 88  ? 9.062   -4.028  -7.143  1.00 18.11 ? 88  TYR A CD1 1 
ATOM   691  C  CD2 . TYR A 1 88  ? 10.351  -3.667  -9.110  1.00 19.81 ? 88  TYR A CD2 1 
ATOM   692  C  CE1 . TYR A 1 88  ? 7.901   -3.974  -7.880  1.00 20.62 ? 88  TYR A CE1 1 
ATOM   693  C  CE2 . TYR A 1 88  ? 9.178   -3.569  -9.839  1.00 21.89 ? 88  TYR A CE2 1 
ATOM   694  C  CZ  . TYR A 1 88  ? 7.955   -3.756  -9.236  1.00 23.43 ? 88  TYR A CZ  1 
ATOM   695  O  OH  . TYR A 1 88  ? 6.810   -3.712  -10.004 1.00 23.97 ? 88  TYR A OH  1 
ATOM   696  N  N   . ASP A 1 89  ? 13.459  -5.687  -8.613  1.00 17.08 ? 89  ASP A N   1 
ATOM   697  C  CA  . ASP A 1 89  ? 13.811  -6.298  -9.893  1.00 19.46 ? 89  ASP A CA  1 
ATOM   698  C  C   . ASP A 1 89  ? 14.192  -7.772  -9.745  1.00 18.27 ? 89  ASP A C   1 
ATOM   699  O  O   . ASP A 1 89  ? 14.170  -8.537  -10.716 1.00 20.27 ? 89  ASP A O   1 
ATOM   700  C  CB  . ASP A 1 89  ? 14.851  -5.429  -10.573 1.00 20.32 ? 89  ASP A CB  1 
ATOM   701  C  CG  . ASP A 1 89  ? 14.215  -4.261  -11.329 1.00 23.83 ? 89  ASP A CG  1 
ATOM   702  O  OD1 . ASP A 1 89  ? 12.978  -4.213  -11.405 1.00 28.75 ? 89  ASP A OD1 1 
ATOM   703  O  OD2 . ASP A 1 89  ? 14.958  -3.473  -11.857 1.00 29.91 ? 89  ASP A OD2 1 
ATOM   704  N  N   . SER A 1 90  ? 14.597  -8.190  -8.549  1.00 17.35 ? 90  SER A N   1 
ATOM   705  C  CA  . SER A 1 90  ? 14.962  -9.578  -8.283  1.00 17.95 ? 90  SER A CA  1 
ATOM   706  C  C   . SER A 1 90  ? 13.749  -10.510 -8.179  1.00 18.46 ? 90  SER A C   1 
ATOM   707  O  O   . SER A 1 90  ? 13.879  -11.743 -8.234  1.00 17.14 ? 90  SER A O   1 
ATOM   708  C  CB  . SER A 1 90  ? 15.825  -9.657  -7.034  1.00 18.42 ? 90  SER A CB  1 
ATOM   709  O  OG  . SER A 1 90  ? 15.086  -9.639  -5.823  1.00 17.33 ? 90  SER A OG  1 
ATOM   710  N  N   . LEU A 1 91  ? 12.577  -9.929  -7.921  1.00 17.28 ? 91  LEU A N   1 
ATOM   711  C  CA  . LEU A 1 91  ? 11.359  -10.659 -7.610  1.00 15.92 ? 91  LEU A CA  1 
ATOM   712  C  C   . LEU A 1 91  ? 10.587  -11.059 -8.872  1.00 17.59 ? 91  LEU A C   1 
ATOM   713  O  O   . LEU A 1 91  ? 10.579  -10.328 -9.875  1.00 18.12 ? 91  LEU A O   1 
ATOM   714  C  CB  . LEU A 1 91  ? 10.447  -9.810  -6.725  1.00 17.44 ? 91  LEU A CB  1 
ATOM   715  C  CG  . LEU A 1 91  ? 11.027  -9.419  -5.365  1.00 18.22 ? 91  LEU A CG  1 
ATOM   716  C  CD1 . LEU A 1 91  ? 10.166  -8.411  -4.691  1.00 21.08 ? 91  LEU A CD1 1 
ATOM   717  C  CD2 . LEU A 1 91  ? 11.173  -10.659 -4.498  1.00 19.09 ? 91  LEU A CD2 1 
ATOM   718  N  N   . ASP A 1 92  ? 9.819   -12.136 -8.750  1.00 17.20 ? 92  ASP A N   1 
ATOM   719  C  CA  . ASP A 1 92  ? 8.783   -12.508 -9.683  1.00 17.98 ? 92  ASP A CA  1 
ATOM   720  C  C   . ASP A 1 92  ? 7.572   -11.576 -9.573  1.00 17.31 ? 92  ASP A C   1 
ATOM   721  O  O   . ASP A 1 92  ? 7.429   -10.819 -8.610  1.00 17.14 ? 92  ASP A O   1 
ATOM   722  C  CB  . ASP A 1 92  ? 8.381   -13.942 -9.413  1.00 20.93 ? 92  ASP A CB  1 
ATOM   723  C  CG  . ASP A 1 92  ? 7.851   -14.067 -7.997  1.00 21.97 ? 92  ASP A CG  1 
ATOM   724  O  OD1 . ASP A 1 92  ? 8.688   -14.203 -7.069  1.00 20.91 ? 92  ASP A OD1 1 
ATOM   725  O  OD2 . ASP A 1 92  ? 6.619   -13.872 -7.836  1.00 20.69 ? 92  ASP A OD2 1 
ATOM   726  N  N   . ALA A 1 93  ? 6.668   -11.641 -10.545 1.00 20.83 ? 93  ALA A N   1 
ATOM   727  C  CA  . ALA A 1 93  ? 5.568   -10.685 -10.615 1.00 18.39 ? 93  ALA A CA  1 
ATOM   728  C  C   . ALA A 1 93  ? 4.597   -10.739 -9.439  1.00 19.40 ? 93  ALA A C   1 
ATOM   729  O  O   . ALA A 1 93  ? 4.049   -9.702  -9.043  1.00 19.94 ? 93  ALA A O   1 
ATOM   730  C  CB  . ALA A 1 93  ? 4.765   -10.856 -11.897 1.00 21.12 ? 93  ALA A CB  1 
ATOM   731  N  N   . VAL A 1 94  ? 4.393   -11.923 -8.873  1.00 17.71 ? 94  VAL A N   1 
ATOM   732  C  CA  . VAL A 1 94  ? 3.481   -12.022 -7.741  1.00 19.03 ? 94  VAL A CA  1 
ATOM   733  C  C   . VAL A 1 94  ? 4.103   -11.309 -6.546  1.00 19.41 ? 94  VAL A C   1 
ATOM   734  O  O   . VAL A 1 94  ? 3.445   -10.562 -5.833  1.00 17.13 ? 94  VAL A O   1 
ATOM   735  C  CB  . VAL A 1 94  ? 3.124   -13.473 -7.421  1.00 19.15 ? 94  VAL A CB  1 
ATOM   736  C  CG1 . VAL A 1 94  ? 2.303   -13.594 -6.144  1.00 20.36 ? 94  VAL A CG1 1 
ATOM   737  C  CG2 . VAL A 1 94  ? 2.430   -14.164 -8.592  1.00 19.18 ? 94  VAL A CG2 1 
ATOM   738  N  N   . ARG A 1 95  ? 5.359   -11.651 -6.254  1.00 17.37 ? 95  ARG A N   1 
ATOM   739  C  CA  . ARG A 1 95  ? 6.061   -10.997 -5.165  1.00 15.88 ? 95  ARG A CA  1 
ATOM   740  C  C   . ARG A 1 95  ? 6.246   -9.494  -5.386  1.00 16.02 ? 95  ARG A C   1 
ATOM   741  O  O   . ARG A 1 95  ? 6.194   -8.719  -4.416  1.00 16.24 ? 95  ARG A O   1 
ATOM   742  C  CB  . ARG A 1 95  ? 7.340   -11.759 -4.852  1.00 16.83 ? 95  ARG A CB  1 
ATOM   743  C  CG  . ARG A 1 95  ? 7.109   -13.143 -4.278  1.00 17.18 ? 95  ARG A CG  1 
ATOM   744  C  CD  . ARG A 1 95  ? 8.426   -13.786 -3.912  1.00 17.73 ? 95  ARG A CD  1 
ATOM   745  N  NE  . ARG A 1 95  ? 8.192   -15.093 -3.303  1.00 17.33 ? 95  ARG A NE  1 
ATOM   746  C  CZ  . ARG A 1 95  ? 8.265   -16.276 -3.933  1.00 16.36 ? 95  ARG A CZ  1 
ATOM   747  N  NH1 . ARG A 1 95  ? 8.428   -16.340 -5.241  1.00 17.28 ? 95  ARG A NH1 1 
ATOM   748  N  NH2 . ARG A 1 95  ? 8.251   -17.396 -3.207  1.00 18.23 ? 95  ARG A NH2 1 
ATOM   749  N  N   . ARG A 1 96  ? 6.397   -9.034  -6.636  1.00 15.13 ? 96  ARG A N   1 
ATOM   750  C  CA  . ARG A 1 96  ? 6.430   -7.610  -6.919  1.00 16.39 ? 96  ARG A CA  1 
ATOM   751  C  C   . ARG A 1 96  ? 5.158   -6.908  -6.471  1.00 16.57 ? 96  ARG A C   1 
ATOM   752  O  O   . ARG A 1 96  ? 5.250   -5.784  -5.962  1.00 15.42 ? 96  ARG A O   1 
ATOM   753  C  CB  . ARG A 1 96  ? 6.675   -7.365  -8.411  1.00 17.56 ? 96  ARG A CB  1 
ATOM   754  C  CG  . ARG A 1 96  ? 8.122   -7.620  -8.823  1.00 19.36 ? 96  ARG A CG  1 
ATOM   755  C  CD  . ARG A 1 96  ? 8.270   -7.294  -10.311 1.00 22.13 ? 96  ARG A CD  1 
ATOM   756  N  NE  . ARG A 1 96  ? 9.672   -7.538  -10.649 1.00 23.66 ? 96  ARG A NE  1 
ATOM   757  C  CZ  . ARG A 1 96  ? 10.153  -7.638  -11.889 1.00 32.77 ? 96  ARG A CZ  1 
ATOM   758  N  NH1 . ARG A 1 96  ? 9.361   -7.295  -12.890 1.00 33.93 ? 96  ARG A NH1 1 
ATOM   759  N  NH2 . ARG A 1 96  ? 11.405  -8.037  -12.112 1.00 30.13 ? 96  ARG A NH2 1 
ATOM   760  N  N   . ALA A 1 97  ? 3.998   -7.570  -6.627  1.00 15.68 ? 97  ALA A N   1 
ATOM   761  C  CA  . ALA A 1 97  ? 2.739   -7.000  -6.129  1.00 15.97 ? 97  ALA A CA  1 
ATOM   762  C  C   . ALA A 1 97  ? 2.778   -6.826  -4.613  1.00 15.89 ? 97  ALA A C   1 
ATOM   763  O  O   . ALA A 1 97  ? 2.321   -5.834  -4.082  1.00 16.33 ? 97  ALA A O   1 
ATOM   764  C  CB  . ALA A 1 97  ? 1.544   -7.844  -6.505  1.00 16.97 ? 97  ALA A CB  1 
ATOM   765  N  N   . ALA A 1 98  ? 3.330   -7.819  -3.893  1.00 15.56 ? 98  ALA A N   1 
ATOM   766  C  CA  . ALA A 1 98  ? 3.435   -7.702  -2.453  1.00 15.96 ? 98  ALA A CA  1 
ATOM   767  C  C   . ALA A 1 98  ? 4.312   -6.527  -2.036  1.00 15.34 ? 98  ALA A C   1 
ATOM   768  O  O   . ALA A 1 98  ? 4.022   -5.825  -1.055  1.00 16.43 ? 98  ALA A O   1 
ATOM   769  C  CB  . ALA A 1 98  ? 3.966   -8.975  -1.831  1.00 15.16 ? 98  ALA A CB  1 
ATOM   770  N  N   . ALA A 1 99  ? 5.380   -6.289  -2.802  1.00 16.24 ? 99  ALA A N   1 
ATOM   771  C  CA  . ALA A 1 99  ? 6.265   -5.164  -2.534  1.00 16.57 ? 99  ALA A CA  1 
ATOM   772  C  C   . ALA A 1 99  ? 5.498   -3.849  -2.736  1.00 15.61 ? 99  ALA A C   1 
ATOM   773  O  O   . ALA A 1 99  ? 5.629   -2.939  -1.922  1.00 17.18 ? 99  ALA A O   1 
ATOM   774  C  CB  . ALA A 1 99  ? 7.490   -5.210  -3.416  1.00 16.54 ? 99  ALA A CB  1 
ATOM   775  N  N   . ILE A 1 100 ? 4.727   -3.741  -3.830  1.00 15.71 ? 100 ILE A N   1 
ATOM   776  C  CA  . ILE A 1 100 ? 3.985   -2.498  -4.092  1.00 16.40 ? 100 ILE A CA  1 
ATOM   777  C  C   . ILE A 1 100 ? 2.960   -2.287  -2.987  1.00 17.00 ? 100 ILE A C   1 
ATOM   778  O  O   . ILE A 1 100 ? 2.713   -1.167  -2.528  1.00 15.67 ? 100 ILE A O   1 
ATOM   779  C  CB  . ILE A 1 100 ? 3.333   -2.549  -5.475  1.00 15.83 ? 100 ILE A CB  1 
ATOM   780  C  CG1 . ILE A 1 100 ? 4.393   -2.627  -6.583  1.00 16.66 ? 100 ILE A CG1 1 
ATOM   781  C  CG2 . ILE A 1 100 ? 2.467   -1.305  -5.691  1.00 16.39 ? 100 ILE A CG2 1 
ATOM   782  C  CD1 . ILE A 1 100 ? 3.893   -3.162  -7.902  1.00 17.86 ? 100 ILE A CD1 1 
ATOM   783  N  N   . ASN A 1 101 ? 2.325   -3.379  -2.552  1.00 16.58 ? 101 ASN A N   1 
ATOM   784  C  CA  . ASN A 1 101 ? 1.328   -3.328  -1.480  1.00 15.76 ? 101 ASN A CA  1 
ATOM   785  C  C   . ASN A 1 101 ? 1.943   -2.667  -0.248  1.00 15.61 ? 101 ASN A C   1 
ATOM   786  O  O   . ASN A 1 101 ? 1.378   -1.721  0.324   1.00 16.28 ? 101 ASN A O   1 
ATOM   787  C  CB  . ASN A 1 101 ? 0.801   -4.728  -1.180  1.00 16.21 ? 101 ASN A CB  1 
ATOM   788  C  CG  . ASN A 1 101 ? -0.421  -4.763  -0.301  1.00 15.05 ? 101 ASN A CG  1 
ATOM   789  O  OD1 . ASN A 1 101 ? -0.438  -4.154  0.781   1.00 15.98 ? 101 ASN A OD1 1 
ATOM   790  N  ND2 . ASN A 1 101 ? -1.467  -5.420  -0.788  1.00 16.86 ? 101 ASN A ND2 1 
ATOM   791  N  N   . MET A 1 102 ? 3.122   -3.132  0.173   1.00 15.99 ? 102 MET A N   1 
ATOM   792  C  CA  . MET A 1 102 ? 3.825   -2.534  1.304   1.00 16.84 ? 102 MET A CA  1 
ATOM   793  C  C   . MET A 1 102 ? 4.060   -1.042  1.113   1.00 17.36 ? 102 MET A C   1 
ATOM   794  O  O   . MET A 1 102 ? 3.841   -0.266  2.059   1.00 16.89 ? 102 MET A O   1 
ATOM   795  C  CB  . MET A 1 102 ? 5.160   -3.208  1.626   1.00 18.17 ? 102 MET A CB  1 
ATOM   796  C  CG  . MET A 1 102 ? 5.016   -4.620  2.057   1.00 16.42 ? 102 MET A CG  1 
ATOM   797  S  SD  . MET A 1 102 ? 6.534   -5.335  2.710   1.00 19.05 ? 102 MET A SD  1 
ATOM   798  C  CE  . MET A 1 102 ? 6.793   -4.515  4.288   1.00 19.23 ? 102 MET A CE  1 
ATOM   799  N  N   . VAL A 1 103 ? 4.598   -0.640  -0.044  1.00 17.35 ? 103 VAL A N   1 
ATOM   800  C  CA  . VAL A 1 103 ? 4.881   0.786   -0.261  1.00 16.98 ? 103 VAL A CA  1 
ATOM   801  C  C   . VAL A 1 103 ? 3.619   1.627   -0.241  1.00 17.59 ? 103 VAL A C   1 
ATOM   802  O  O   . VAL A 1 103 ? 3.577   2.741   0.352   1.00 18.07 ? 103 VAL A O   1 
ATOM   803  C  CB  . VAL A 1 103 ? 5.661   0.998   -1.561  1.00 19.03 ? 103 VAL A CB  1 
ATOM   804  C  CG1 . VAL A 1 103 ? 5.695   2.472   -1.990  1.00 20.85 ? 103 VAL A CG1 1 
ATOM   805  C  CG2 . VAL A 1 103 ? 7.047   0.451   -1.396  1.00 18.67 ? 103 VAL A CG2 1 
ATOM   806  N  N   . PHE A 1 104 ? 2.551   1.064   -0.805  1.00 16.42 ? 104 PHE A N   1 
ATOM   807  C  CA  . PHE A 1 104 ? 1.251   1.712   -0.816  1.00 17.18 ? 104 PHE A CA  1 
ATOM   808  C  C   . PHE A 1 104 ? 0.760   1.985   0.609   1.00 17.94 ? 104 PHE A C   1 
ATOM   809  O  O   . PHE A 1 104 ? 0.275   3.086   0.940   1.00 20.47 ? 104 PHE A O   1 
ATOM   810  C  CB  . PHE A 1 104 ? 0.247   0.900   -1.649  1.00 16.34 ? 104 PHE A CB  1 
ATOM   811  C  CG  . PHE A 1 104 ? -1.077  1.599   -1.935  1.00 17.24 ? 104 PHE A CG  1 
ATOM   812  C  CD1 . PHE A 1 104 ? -2.078  1.641   -0.962  1.00 20.95 ? 104 PHE A CD1 1 
ATOM   813  C  CD2 . PHE A 1 104 ? -1.320  2.170   -3.176  1.00 21.07 ? 104 PHE A CD2 1 
ATOM   814  C  CE1 . PHE A 1 104 ? -3.294  2.259   -1.225  1.00 23.51 ? 104 PHE A CE1 1 
ATOM   815  C  CE2 . PHE A 1 104 ? -2.543  2.779   -3.422  1.00 20.47 ? 104 PHE A CE2 1 
ATOM   816  C  CZ  . PHE A 1 104 ? -3.513  2.830   -2.450  1.00 21.33 ? 104 PHE A CZ  1 
ATOM   817  N  N   . GLN A 1 105 ? 1.026   1.053   1.524   1.00 16.27 ? 105 GLN A N   1 
ATOM   818  C  CA  . GLN A 1 105 ? 0.519   1.169   2.872   1.00 19.28 ? 105 GLN A CA  1 
ATOM   819  C  C   . GLN A 1 105 ? 1.425   2.064   3.728   1.00 18.17 ? 105 GLN A C   1 
ATOM   820  O  O   . GLN A 1 105 ? 0.915   2.920   4.480   1.00 20.54 ? 105 GLN A O   1 
ATOM   821  C  CB  . GLN A 1 105 ? 0.348   -0.223  3.491   1.00 17.99 ? 105 GLN A CB  1 
ATOM   822  C  CG  . GLN A 1 105 ? -0.187  -0.165  4.912   1.00 18.60 ? 105 GLN A CG  1 
ATOM   823  C  CD  . GLN A 1 105 ? -0.301  -1.512  5.589   1.00 17.70 ? 105 GLN A CD  1 
ATOM   824  O  OE1 . GLN A 1 105 ? 0.009   -2.565  5.029   1.00 16.58 ? 105 GLN A OE1 1 
ATOM   825  N  NE2 . GLN A 1 105 ? -0.778  -1.454  6.818   1.00 20.35 ? 105 GLN A NE2 1 
ATOM   826  N  N   . MET A 1 106 ? 2.742   1.891   3.661   1.00 18.21 ? 106 MET A N   1 
ATOM   827  C  CA  A MET A 1 106 ? 3.672   2.448   4.647   0.50 20.77 ? 106 MET A CA  1 
ATOM   828  C  CA  B MET A 1 106 ? 3.613   2.508   4.666   0.50 16.65 ? 106 MET A CA  1 
ATOM   829  C  C   . MET A 1 106 ? 4.621   3.483   4.050   1.00 20.02 ? 106 MET A C   1 
ATOM   830  O  O   . MET A 1 106 ? 5.403   4.122   4.786   1.00 20.40 ? 106 MET A O   1 
ATOM   831  C  CB  A MET A 1 106 ? 4.569   1.364   5.252   0.50 23.25 ? 106 MET A CB  1 
ATOM   832  C  CB  B MET A 1 106 ? 4.319   1.441   5.514   0.50 13.70 ? 106 MET A CB  1 
ATOM   833  C  CG  A MET A 1 106 ? 3.827   0.395   6.106   0.50 27.72 ? 106 MET A CG  1 
ATOM   834  C  CG  B MET A 1 106 ? 5.292   0.601   4.727   0.50 12.08 ? 106 MET A CG  1 
ATOM   835  S  SD  A MET A 1 106 ? 4.984   -0.840  6.730   0.50 33.49 ? 106 MET A SD  1 
ATOM   836  S  SD  B MET A 1 106 ? 6.243   -0.580  5.686   0.50 13.65 ? 106 MET A SD  1 
ATOM   837  C  CE  A MET A 1 106 ? 5.861   -1.280  5.225   0.50 26.11 ? 106 MET A CE  1 
ATOM   838  C  CE  B MET A 1 106 ? 4.994   -1.850  5.899   0.50 14.26 ? 106 MET A CE  1 
ATOM   839  N  N   . GLY A 1 107 ? 4.626   3.591   2.726   1.00 18.00 ? 107 GLY A N   1 
ATOM   840  C  CA  . GLY A 1 107 ? 5.535   4.460   2.022   1.00 20.13 ? 107 GLY A CA  1 
ATOM   841  C  C   . GLY A 1 107 ? 6.942   3.899   1.878   1.00 21.24 ? 107 GLY A C   1 
ATOM   842  O  O   . GLY A 1 107 ? 7.345   2.949   2.562   1.00 18.71 ? 107 GLY A O   1 
ATOM   843  N  N   . GLU A 1 108 ? 7.753   4.568   1.059   1.00 22.50 ? 108 GLU A N   1 
ATOM   844  C  CA  . GLU A 1 108 ? 9.177   4.246   1.031   1.00 25.34 ? 108 GLU A CA  1 
ATOM   845  C  C   . GLU A 1 108 ? 9.836   4.459   2.403   1.00 26.33 ? 108 GLU A C   1 
ATOM   846  O  O   . GLU A 1 108 ? 10.723  3.683   2.772   1.00 28.01 ? 108 GLU A O   1 
ATOM   847  C  CB  . GLU A 1 108 ? 9.901   5.021   -0.066  1.00 25.29 ? 108 GLU A CB  1 
ATOM   848  C  CG  . GLU A 1 108 ? 9.436   4.649   -1.472  1.00 26.44 ? 108 GLU A CG  1 
ATOM   849  C  CD  . GLU A 1 108 ? 10.093  5.497   -2.550  1.00 30.57 ? 108 GLU A CD  1 
ATOM   850  O  OE1 . GLU A 1 108 ? 11.263  5.926   -2.386  1.00 30.55 ? 108 GLU A OE1 1 
ATOM   851  O  OE2 . GLU A 1 108 ? 9.407   5.757   -3.547  1.00 33.70 ? 108 GLU A OE2 1 
ATOM   852  N  N   . THR A 1 109 ? 9.404   5.455   3.187   1.00 24.78 ? 109 THR A N   1 
ATOM   853  C  CA  . THR A 1 109 ? 10.019  5.672   4.499   1.00 29.81 ? 109 THR A CA  1 
ATOM   854  C  C   . THR A 1 109 ? 9.677   4.515   5.460   1.00 26.77 ? 109 THR A C   1 
ATOM   855  O  O   . THR A 1 109 ? 10.505  4.123   6.294   1.00 28.02 ? 109 THR A O   1 
ATOM   856  C  CB  . THR A 1 109 ? 9.676   7.056   5.066   1.00 33.22 ? 109 THR A CB  1 
ATOM   857  O  OG1 . THR A 1 109 ? 8.289   7.137   5.360   1.00 41.17 ? 109 THR A OG1 1 
ATOM   858  C  CG2 . THR A 1 109 ? 10.063  8.183   4.126   1.00 38.74 ? 109 THR A CG2 1 
ATOM   859  N  N   . GLY A 1 110 ? 8.493   3.912   5.344   1.00 22.82 ? 110 GLY A N   1 
ATOM   860  C  CA  . GLY A 1 110 ? 8.156   2.758   6.183   1.00 22.94 ? 110 GLY A CA  1 
ATOM   861  C  C   . GLY A 1 110 ? 9.003   1.560   5.772   1.00 24.48 ? 110 GLY A C   1 
ATOM   862  O  O   . GLY A 1 110 ? 9.546   0.821   6.612   1.00 24.40 ? 110 GLY A O   1 
ATOM   863  N  N   . VAL A 1 111 ? 9.143   1.376   4.451   1.00 21.47 ? 111 VAL A N   1 
ATOM   864  C  CA  . VAL A 1 111 ? 9.821   0.200   3.948   1.00 20.73 ? 111 VAL A CA  1 
ATOM   865  C  C   . VAL A 1 111 ? 11.319  0.327   4.259   1.00 21.86 ? 111 VAL A C   1 
ATOM   866  O  O   . VAL A 1 111 ? 12.001  -0.684  4.360   1.00 22.84 ? 111 VAL A O   1 
ATOM   867  C  CB  . VAL A 1 111 ? 9.533   -0.018  2.449   1.00 21.17 ? 111 VAL A CB  1 
ATOM   868  C  CG1 . VAL A 1 111 ? 10.408  -1.089  1.809   1.00 25.07 ? 111 VAL A CG1 1 
ATOM   869  C  CG2 . VAL A 1 111 ? 8.069   -0.364  2.261   1.00 23.27 ? 111 VAL A CG2 1 
ATOM   870  N  N   . ALA A 1 112 ? 11.812  1.560   4.494   1.00 24.99 ? 112 ALA A N   1 
ATOM   871  C  CA  . ALA A 1 112 ? 13.210  1.754   4.864   1.00 25.81 ? 112 ALA A CA  1 
ATOM   872  C  C   . ALA A 1 112 ? 13.564  0.959   6.125   1.00 25.77 ? 112 ALA A C   1 
ATOM   873  O  O   . ALA A 1 112 ? 14.730  0.622   6.317   1.00 26.05 ? 112 ALA A O   1 
ATOM   874  C  CB  . ALA A 1 112 ? 13.490  3.236   5.122   1.00 29.25 ? 112 ALA A CB  1 
ATOM   875  N  N   . GLY A 1 113 ? 12.584  0.698   7.002   1.00 21.83 ? 113 GLY A N   1 
ATOM   876  C  CA  . GLY A 1 113 ? 12.871  -0.039  8.230   1.00 24.01 ? 113 GLY A CA  1 
ATOM   877  C  C   . GLY A 1 113 ? 13.062  -1.540  8.010   1.00 22.71 ? 113 GLY A C   1 
ATOM   878  O  O   . GLY A 1 113 ? 13.526  -2.253  8.919   1.00 24.30 ? 113 GLY A O   1 
ATOM   879  N  N   . PHE A 1 114 ? 12.766  -2.016  6.797   1.00 20.91 ? 114 PHE A N   1 
ATOM   880  C  CA  . PHE A 1 114 ? 12.800  -3.445  6.521   1.00 19.31 ? 114 PHE A CA  1 
ATOM   881  C  C   . PHE A 1 114 ? 14.051  -3.902  5.763   1.00 19.96 ? 114 PHE A C   1 
ATOM   882  O  O   . PHE A 1 114 ? 14.014  -4.955  5.106   1.00 19.06 ? 114 PHE A O   1 
ATOM   883  C  CB  . PHE A 1 114 ? 11.548  -3.733  5.699   1.00 19.04 ? 114 PHE A CB  1 
ATOM   884  C  CG  . PHE A 1 114 ? 10.279  -3.744  6.525   1.00 19.46 ? 114 PHE A CG  1 
ATOM   885  C  CD1 . PHE A 1 114 ? 9.582   -2.587  6.845   1.00 19.74 ? 114 PHE A CD1 1 
ATOM   886  C  CD2 . PHE A 1 114 ? 9.787   -4.958  6.981   1.00 17.96 ? 114 PHE A CD2 1 
ATOM   887  C  CE1 . PHE A 1 114 ? 8.430   -2.660  7.616   1.00 20.04 ? 114 PHE A CE1 1 
ATOM   888  C  CE2 . PHE A 1 114 ? 8.648   -5.017  7.730   1.00 17.22 ? 114 PHE A CE2 1 
ATOM   889  C  CZ  . PHE A 1 114 ? 7.974   -3.859  8.062   1.00 18.75 ? 114 PHE A CZ  1 
ATOM   890  N  N   . THR A 1 115 ? 15.167  -3.188  5.914   1.00 21.50 ? 115 THR A N   1 
ATOM   891  C  CA  . THR A 1 115 ? 16.411  -3.575  5.246   1.00 20.79 ? 115 THR A CA  1 
ATOM   892  C  C   . THR A 1 115 ? 16.724  -5.070  5.405   1.00 22.01 ? 115 THR A C   1 
ATOM   893  O  O   . THR A 1 115 ? 17.121  -5.770  4.451   1.00 19.95 ? 115 THR A O   1 
ATOM   894  C  CB  . THR A 1 115 ? 17.546  -2.739  5.814   1.00 26.00 ? 115 THR A CB  1 
ATOM   895  O  OG1 . THR A 1 115 ? 17.108  -1.398  5.637   1.00 26.32 ? 115 THR A OG1 1 
ATOM   896  C  CG2 . THR A 1 115 ? 18.840  -2.999  5.061   1.00 28.99 ? 115 THR A CG2 1 
ATOM   897  N  N   . ASN A 1 116 ? 16.623  -5.601  6.628   1.00 20.00 ? 116 ASN A N   1 
ATOM   898  C  CA  . ASN A 1 116 ? 17.022  -6.997  6.805   1.00 20.45 ? 116 ASN A CA  1 
ATOM   899  C  C   . ASN A 1 116 ? 16.057  -7.955  6.100   1.00 18.33 ? 116 ASN A C   1 
ATOM   900  O  O   . ASN A 1 116 ? 16.475  -8.989  5.558   1.00 19.02 ? 116 ASN A O   1 
ATOM   901  C  CB  . ASN A 1 116 ? 17.131  -7.413  8.267   1.00 21.14 ? 116 ASN A CB  1 
ATOM   902  C  CG  . ASN A 1 116 ? 18.205  -6.641  9.005   1.00 23.53 ? 116 ASN A CG  1 
ATOM   903  O  OD1 . ASN A 1 116 ? 19.221  -6.248  8.407   1.00 25.27 ? 116 ASN A OD1 1 
ATOM   904  N  ND2 . ASN A 1 116 ? 17.969  -6.356  10.279  1.00 22.07 ? 116 ASN A ND2 1 
ATOM   905  N  N   . SER A 1 117 ? 14.769  -7.624  6.047   1.00 18.88 ? 117 SER A N   1 
ATOM   906  C  CA  . SER A 1 117 ? 13.788  -8.431  5.328   1.00 17.90 ? 117 SER A CA  1 
ATOM   907  C  C   . SER A 1 117 ? 14.080  -8.390  3.830   1.00 17.80 ? 117 SER A C   1 
ATOM   908  O  O   . SER A 1 117 ? 13.957  -9.394  3.126   1.00 17.76 ? 117 SER A O   1 
ATOM   909  C  CB  . SER A 1 117 ? 12.363  -7.961  5.528   1.00 17.48 ? 117 SER A CB  1 
ATOM   910  O  OG  . SER A 1 117 ? 12.002  -7.888  6.902   1.00 24.25 ? 117 SER A OG  1 
ATOM   911  N  N   . LEU A 1 118 ? 14.356  -7.179  3.343   1.00 18.55 ? 118 LEU A N   1 
ATOM   912  C  CA  . LEU A 1 118 ? 14.585  -6.990  1.922   1.00 21.25 ? 118 LEU A CA  1 
ATOM   913  C  C   . LEU A 1 118 ? 15.800  -7.789  1.459   1.00 19.88 ? 118 LEU A C   1 
ATOM   914  O  O   . LEU A 1 118 ? 15.761  -8.373  0.371   1.00 20.12 ? 118 LEU A O   1 
ATOM   915  C  CB  . LEU A 1 118 ? 14.673  -5.504  1.561   1.00 21.53 ? 118 LEU A CB  1 
ATOM   916  C  CG  . LEU A 1 118 ? 13.342  -4.932  1.047   1.00 25.27 ? 118 LEU A CG  1 
ATOM   917  C  CD1 . LEU A 1 118 ? 12.294  -4.864  2.118   1.00 27.58 ? 118 LEU A CD1 1 
ATOM   918  C  CD2 . LEU A 1 118 ? 13.515  -3.604  0.407   1.00 27.42 ? 118 LEU A CD2 1 
ATOM   919  N  N   . ARG A 1 119 ? 16.858  -7.836  2.289   1.00 18.38 ? 119 ARG A N   1 
ATOM   920  C  CA  . ARG A 1 119 ? 18.013  -8.674  2.003   1.00 18.29 ? 119 ARG A CA  1 
ATOM   921  C  C   . ARG A 1 119 ? 17.605  -10.141 1.884   1.00 18.12 ? 119 ARG A C   1 
ATOM   922  O  O   . ARG A 1 119 ? 18.020  -10.851 0.949   1.00 18.17 ? 119 ARG A O   1 
ATOM   923  C  CB  . ARG A 1 119 ? 19.113  -8.501  3.057   1.00 21.06 ? 119 ARG A CB  1 
ATOM   924  C  CG  . ARG A 1 119 ? 20.362  -9.309  2.763   1.00 22.97 ? 119 ARG A CG  1 
ATOM   925  C  CD  . ARG A 1 119 ? 21.432  -9.159  3.873   1.00 28.55 ? 119 ARG A CD  1 
ATOM   926  N  NE  . ARG A 1 119 ? 21.779  -7.760  4.160   1.00 32.14 ? 119 ARG A NE  1 
ATOM   927  C  CZ  . ARG A 1 119 ? 21.364  -6.993  5.195   1.00 36.24 ? 119 ARG A CZ  1 
ATOM   928  N  NH1 . ARG A 1 119 ? 20.632  -7.484  6.191   1.00 34.85 ? 119 ARG A NH1 1 
ATOM   929  N  NH2 . ARG A 1 119 ? 21.665  -5.700  5.211   1.00 36.49 ? 119 ARG A NH2 1 
ATOM   930  N  N   . MET A 1 120 ? 16.795  -10.649 2.839   1.00 16.52 ? 120 MET A N   1 
ATOM   931  C  CA  . MET A 1 120 ? 16.375  -12.035 2.796   1.00 18.30 ? 120 MET A CA  1 
ATOM   932  C  C   . MET A 1 120 ? 15.548  -12.339 1.541   1.00 16.72 ? 120 MET A C   1 
ATOM   933  O  O   . MET A 1 120 ? 15.637  -13.429 0.980   1.00 18.08 ? 120 MET A O   1 
ATOM   934  C  CB  . MET A 1 120 ? 15.631  -12.433 4.068   1.00 16.78 ? 120 MET A CB  1 
ATOM   935  C  CG  . MET A 1 120 ? 16.518  -12.365 5.318   1.00 19.01 ? 120 MET A CG  1 
ATOM   936  S  SD  . MET A 1 120 ? 15.524  -12.845 6.737   1.00 22.58 ? 120 MET A SD  1 
ATOM   937  C  CE  . MET A 1 120 ? 16.640  -12.239 8.011   1.00 24.16 ? 120 MET A CE  1 
ATOM   938  N  N   . LEU A 1 121 ? 14.667  -11.411 1.137   1.00 15.90 ? 121 LEU A N   1 
ATOM   939  C  CA  . LEU A 1 121 ? 13.888  -11.572 -0.074  1.00 16.87 ? 121 LEU A CA  1 
ATOM   940  C  C   . LEU A 1 121 ? 14.817  -11.569 -1.305  1.00 17.19 ? 121 LEU A C   1 
ATOM   941  O  O   . LEU A 1 121 ? 14.610  -12.390 -2.191  1.00 17.01 ? 121 LEU A O   1 
ATOM   942  C  CB  . LEU A 1 121 ? 12.838  -10.455 -0.158  1.00 16.21 ? 121 LEU A CB  1 
ATOM   943  C  CG  . LEU A 1 121 ? 11.737  -10.477 0.915   1.00 16.47 ? 121 LEU A CG  1 
ATOM   944  C  CD1 . LEU A 1 121 ? 10.875  -9.186  0.943   1.00 18.88 ? 121 LEU A CD1 1 
ATOM   945  C  CD2 . LEU A 1 121 ? 10.767  -11.626 0.687   1.00 17.30 ? 121 LEU A CD2 1 
ATOM   946  N  N   . GLN A 1 122 ? 15.811  -10.679 -1.346  1.00 16.85 ? 122 GLN A N   1 
ATOM   947  C  CA  . GLN A 1 122 ? 16.747  -10.685 -2.475  1.00 18.91 ? 122 GLN A CA  1 
ATOM   948  C  C   . GLN A 1 122 ? 17.533  -12.000 -2.555  1.00 20.16 ? 122 GLN A C   1 
ATOM   949  O  O   . GLN A 1 122 ? 17.791  -12.522 -3.665  1.00 20.46 ? 122 GLN A O   1 
ATOM   950  C  CB  . GLN A 1 122 ? 17.673  -9.467  -2.433  1.00 21.63 ? 122 GLN A CB  1 
ATOM   951  C  CG  . GLN A 1 122 ? 18.439  -9.359  -3.740  1.00 24.45 ? 122 GLN A CG  1 
ATOM   952  C  CD  . GLN A 1 122 ? 19.093  -8.032  -3.996  1.00 32.95 ? 122 GLN A CD  1 
ATOM   953  O  OE1 . GLN A 1 122 ? 18.976  -7.091  -3.219  1.00 39.23 ? 122 GLN A OE1 1 
ATOM   954  N  NE2 . GLN A 1 122 ? 19.870  -8.002  -5.068  1.00 38.70 ? 122 GLN A NE2 1 
ATOM   955  N  N   . GLN A 1 123 ? 17.778  -12.607 -1.399  1.00 17.70 ? 123 GLN A N   1 
ATOM   956  C  CA  . GLN A 1 123 ? 18.433  -13.913 -1.317  1.00 19.44 ? 123 GLN A CA  1 
ATOM   957  C  C   . GLN A 1 123 ? 17.488  -15.094 -1.598  1.00 17.60 ? 123 GLN A C   1 
ATOM   958  O  O   . GLN A 1 123 ? 17.926  -16.264 -1.665  1.00 19.81 ? 123 GLN A O   1 
ATOM   959  C  CB  . GLN A 1 123 ? 19.036  -14.100 0.073   1.00 19.14 ? 123 GLN A CB  1 
ATOM   960  C  CG  . GLN A 1 123 ? 20.142  -13.136 0.484   1.00 21.59 ? 123 GLN A CG  1 
ATOM   961  C  CD  . GLN A 1 123 ? 20.533  -13.252 1.946   1.00 25.93 ? 123 GLN A CD  1 
ATOM   962  O  OE1 . GLN A 1 123 ? 19.692  -13.264 2.863   1.00 26.36 ? 123 GLN A OE1 1 
ATOM   963  N  NE2 . GLN A 1 123 ? 21.829  -13.315 2.220   1.00 33.70 ? 123 GLN A NE2 1 
ATOM   964  N  N   . LYS A 1 124 ? 16.171  -14.848 -1.708  1.00 15.28 ? 124 LYS A N   1 
ATOM   965  C  CA  . LYS A 1 124 ? 15.156  -15.849 -1.934  1.00 16.39 ? 124 LYS A CA  1 
ATOM   966  C  C   . LYS A 1 124 ? 15.115  -16.862 -0.792  1.00 16.63 ? 124 LYS A C   1 
ATOM   967  O  O   . LYS A 1 124 ? 14.780  -18.007 -1.021  1.00 18.05 ? 124 LYS A O   1 
ATOM   968  C  CB  . LYS A 1 124 ? 15.296  -16.493 -3.329  1.00 19.14 ? 124 LYS A CB  1 
ATOM   969  C  CG  . LYS A 1 124 ? 15.275  -15.441 -4.448  1.00 19.53 ? 124 LYS A CG  1 
ATOM   970  C  CD  . LYS A 1 124 ? 15.031  -16.000 -5.851  1.00 18.84 ? 124 LYS A CD  1 
ATOM   971  C  CE  . LYS A 1 124 ? 14.999  -14.926 -6.909  1.00 23.07 ? 124 LYS A CE  1 
ATOM   972  N  NZ  . LYS A 1 124 ? 13.834  -14.049 -6.848  1.00 25.41 ? 124 LYS A NZ  1 
ATOM   973  N  N   . ARG A 1 125 ? 15.307  -16.368 0.446   1.00 17.01 ? 125 ARG A N   1 
ATOM   974  C  CA  . ARG A 1 125 ? 15.143  -17.179 1.624   1.00 16.84 ? 125 ARG A CA  1 
ATOM   975  C  C   . ARG A 1 125 ? 13.735  -16.888 2.152   1.00 17.38 ? 125 ARG A C   1 
ATOM   976  O  O   . ARG A 1 125 ? 13.574  -16.116 3.092   1.00 17.04 ? 125 ARG A O   1 
ATOM   977  C  CB  . ARG A 1 125 ? 16.249  -16.797 2.605   1.00 19.01 ? 125 ARG A CB  1 
ATOM   978  C  CG  . ARG A 1 125 ? 17.648  -17.180 2.143   1.00 20.34 ? 125 ARG A CG  1 
ATOM   979  C  CD  . ARG A 1 125 ? 18.733  -16.693 3.086   1.00 24.89 ? 125 ARG A CD  1 
ATOM   980  N  NE  . ARG A 1 125 ? 20.028  -17.086 2.507   1.00 29.15 ? 125 ARG A NE  1 
ATOM   981  C  CZ  . ARG A 1 125 ? 21.149  -17.046 3.227   1.00 35.41 ? 125 ARG A CZ  1 
ATOM   982  N  NH1 . ARG A 1 125 ? 21.093  -16.583 4.461   1.00 35.83 ? 125 ARG A NH1 1 
ATOM   983  N  NH2 . ARG A 1 125 ? 22.290  -17.490 2.736   1.00 34.43 ? 125 ARG A NH2 1 
ATOM   984  N  N   . TRP A 1 126 ? 12.736  -17.484 1.496   1.00 17.01 ? 126 TRP A N   1 
ATOM   985  C  CA  . TRP A 1 126 ? 11.359  -17.069 1.660   1.00 16.55 ? 126 TRP A CA  1 
ATOM   986  C  C   . TRP A 1 126 ? 10.838  -17.304 3.060   1.00 17.25 ? 126 TRP A C   1 
ATOM   987  O  O   . TRP A 1 126 ? 10.114  -16.464 3.570   1.00 17.49 ? 126 TRP A O   1 
ATOM   988  C  CB  . TRP A 1 126 ? 10.473  -17.768 0.630   1.00 17.33 ? 126 TRP A CB  1 
ATOM   989  C  CG  . TRP A 1 126 ? 10.933  -17.580 -0.801  1.00 16.84 ? 126 TRP A CG  1 
ATOM   990  C  CD1 . TRP A 1 126 ? 11.118  -18.583 -1.715  1.00 17.77 ? 126 TRP A CD1 1 
ATOM   991  C  CD2 . TRP A 1 126 ? 11.144  -16.350 -1.517  1.00 17.30 ? 126 TRP A CD2 1 
ATOM   992  N  NE1 . TRP A 1 126 ? 11.486  -18.080 -2.928  1.00 17.24 ? 126 TRP A NE1 1 
ATOM   993  C  CE2 . TRP A 1 126 ? 11.488  -16.712 -2.840  1.00 17.26 ? 126 TRP A CE2 1 
ATOM   994  C  CE3 . TRP A 1 126 ? 11.114  -14.990 -1.199  1.00 17.44 ? 126 TRP A CE3 1 
ATOM   995  C  CZ2 . TRP A 1 126 ? 11.778  -15.780 -3.835  1.00 17.89 ? 126 TRP A CZ2 1 
ATOM   996  C  CZ3 . TRP A 1 126 ? 11.433  -14.075 -2.171  1.00 17.76 ? 126 TRP A CZ3 1 
ATOM   997  C  CH2 . TRP A 1 126 ? 11.698  -14.460 -3.489  1.00 17.13 ? 126 TRP A CH2 1 
ATOM   998  N  N   . ASP A 1 127 ? 11.178  -18.431 3.681   1.00 17.46 ? 127 ASP A N   1 
ATOM   999  C  CA  . ASP A 1 127 ? 10.589  -18.685 4.991   1.00 18.83 ? 127 ASP A CA  1 
ATOM   1000 C  C   . ASP A 1 127 ? 11.253  -17.787 6.026   1.00 17.43 ? 127 ASP A C   1 
ATOM   1001 O  O   . ASP A 1 127 ? 10.569  -17.244 6.896   1.00 18.60 ? 127 ASP A O   1 
ATOM   1002 C  CB  . ASP A 1 127 ? 10.707  -20.145 5.395   1.00 19.40 ? 127 ASP A CB  1 
ATOM   1003 C  CG  . ASP A 1 127 ? 9.650   -21.081 4.827   1.00 21.99 ? 127 ASP A CG  1 
ATOM   1004 O  OD1 . ASP A 1 127 ? 9.023   -20.752 3.805   1.00 23.28 ? 127 ASP A OD1 1 
ATOM   1005 O  OD2 . ASP A 1 127 ? 9.462   -22.175 5.400   1.00 23.99 ? 127 ASP A OD2 1 
ATOM   1006 N  N   . GLU A 1 128 ? 12.569  -17.600 5.921   1.00 16.78 ? 128 GLU A N   1 
ATOM   1007 C  CA  . GLU A 1 128 ? 13.305  -16.714 6.811   1.00 16.85 ? 128 GLU A CA  1 
ATOM   1008 C  C   . GLU A 1 128 ? 12.793  -15.285 6.660   1.00 16.54 ? 128 GLU A C   1 
ATOM   1009 O  O   . GLU A 1 128 ? 12.608  -14.568 7.649   1.00 18.64 ? 128 GLU A O   1 
ATOM   1010 C  CB  . GLU A 1 128 ? 14.801  -16.839 6.518   1.00 21.07 ? 128 GLU A CB  1 
ATOM   1011 C  CG  . GLU A 1 128 ? 15.358  -18.201 6.952   1.00 23.76 ? 128 GLU A CG  1 
ATOM   1012 C  CD  . GLU A 1 128 ? 16.798  -18.444 6.546   1.00 37.48 ? 128 GLU A CD  1 
ATOM   1013 O  OE1 . GLU A 1 128 ? 17.693  -17.947 7.282   1.00 39.34 ? 128 GLU A OE1 1 
ATOM   1014 O  OE2 . GLU A 1 128 ? 17.020  -19.126 5.518   1.00 38.04 ? 128 GLU A OE2 1 
ATOM   1015 N  N   . ALA A 1 129 ? 12.596  -14.845 5.418   1.00 16.82 ? 129 ALA A N   1 
ATOM   1016 C  CA  . ALA A 1 129 ? 12.080  -13.500 5.180   1.00 15.75 ? 129 ALA A CA  1 
ATOM   1017 C  C   . ALA A 1 129 ? 10.717  -13.333 5.859   1.00 17.18 ? 129 ALA A C   1 
ATOM   1018 O  O   . ALA A 1 129 ? 10.438  -12.300 6.489   1.00 16.25 ? 129 ALA A O   1 
ATOM   1019 C  CB  . ALA A 1 129 ? 11.957  -13.238 3.701   1.00 17.56 ? 129 ALA A CB  1 
ATOM   1020 N  N   . ALA A 1 130 ? 9.828   -14.298 5.663   1.00 17.09 ? 130 ALA A N   1 
ATOM   1021 C  CA  . ALA A 1 130 ? 8.492   -14.262 6.260   1.00 18.13 ? 130 ALA A CA  1 
ATOM   1022 C  C   . ALA A 1 130 ? 8.547   -14.083 7.774   1.00 19.39 ? 130 ALA A C   1 
ATOM   1023 O  O   . ALA A 1 130 ? 7.807   -13.305 8.370   1.00 18.75 ? 130 ALA A O   1 
ATOM   1024 C  CB  . ALA A 1 130 ? 7.729   -15.488 5.865   1.00 18.48 ? 130 ALA A CB  1 
ATOM   1025 N  N   . VAL A 1 131 ? 9.419   -14.854 8.442   1.00 17.11 ? 131 VAL A N   1 
ATOM   1026 C  CA  . VAL A 1 131 ? 9.602   -14.681 9.887   1.00 18.10 ? 131 VAL A CA  1 
ATOM   1027 C  C   . VAL A 1 131 ? 10.081  -13.260 10.238  1.00 17.66 ? 131 VAL A C   1 
ATOM   1028 O  O   . VAL A 1 131 ? 9.613   -12.623 11.194  1.00 18.93 ? 131 VAL A O   1 
ATOM   1029 C  CB  . VAL A 1 131 ? 10.583  -15.758 10.396  1.00 19.89 ? 131 VAL A CB  1 
ATOM   1030 C  CG1 . VAL A 1 131 ? 11.096  -15.433 11.778  1.00 21.86 ? 131 VAL A CG1 1 
ATOM   1031 C  CG2 . VAL A 1 131 ? 9.976   -17.131 10.347  1.00 21.95 ? 131 VAL A CG2 1 
ATOM   1032 N  N   . ASN A 1 132 ? 11.035  -12.723 9.470   1.00 16.43 ? 132 ASN A N   1 
ATOM   1033 C  CA  . ASN A 1 132 ? 11.638  -11.441 9.782   1.00 16.44 ? 132 ASN A CA  1 
ATOM   1034 C  C   . ASN A 1 132 ? 10.620  -10.324 9.517   1.00 17.12 ? 132 ASN A C   1 
ATOM   1035 O  O   . ASN A 1 132 ? 10.557  -9.353  10.274  1.00 17.82 ? 132 ASN A O   1 
ATOM   1036 C  CB  . ASN A 1 132 ? 12.876  -11.244 8.923   1.00 17.74 ? 132 ASN A CB  1 
ATOM   1037 C  CG  . ASN A 1 132 ? 13.637  -10.004 9.270   1.00 18.58 ? 132 ASN A CG  1 
ATOM   1038 O  OD1 . ASN A 1 132 ? 13.578  -8.989  8.564   1.00 19.38 ? 132 ASN A OD1 1 
ATOM   1039 N  ND2 . ASN A 1 132 ? 14.345  -10.058 10.375  1.00 19.46 ? 132 ASN A ND2 1 
ATOM   1040 N  N   . LEU A 1 133 ? 9.804   -10.493 8.484   1.00 16.21 ? 133 LEU A N   1 
ATOM   1041 C  CA  . LEU A 1 133 ? 8.793   -9.492  8.131   1.00 16.55 ? 133 LEU A CA  1 
ATOM   1042 C  C   . LEU A 1 133 ? 7.768   -9.309  9.251   1.00 16.76 ? 133 LEU A C   1 
ATOM   1043 O  O   . LEU A 1 133 ? 7.231   -8.210  9.445   1.00 17.68 ? 133 LEU A O   1 
ATOM   1044 C  CB  . LEU A 1 133 ? 8.054   -9.865  6.845   1.00 16.20 ? 133 LEU A CB  1 
ATOM   1045 C  CG  . LEU A 1 133 ? 8.800   -9.579  5.534   1.00 16.35 ? 133 LEU A CG  1 
ATOM   1046 C  CD1 . LEU A 1 133 ? 8.184   -10.404 4.409   1.00 16.22 ? 133 LEU A CD1 1 
ATOM   1047 C  CD2 . LEU A 1 133 ? 8.804   -8.089  5.132   1.00 17.47 ? 133 LEU A CD2 1 
ATOM   1048 N  N   . ALA A 1 134 ? 7.485   -10.371 9.991   1.00 15.87 ? 134 ALA A N   1 
ATOM   1049 C  CA  . ALA A 1 134 ? 6.448   -10.324 11.024  1.00 17.87 ? 134 ALA A CA  1 
ATOM   1050 C  C   . ALA A 1 134 ? 6.961   -9.673  12.324  1.00 18.31 ? 134 ALA A C   1 
ATOM   1051 O  O   . ALA A 1 134 ? 6.159   -9.358  13.237  1.00 18.29 ? 134 ALA A O   1 
ATOM   1052 C  CB  . ALA A 1 134 ? 5.859   -11.689 11.247  1.00 18.95 ? 134 ALA A CB  1 
ATOM   1053 N  N   . LYS A 1 135 ? 8.275   -9.488  12.464  1.00 16.46 ? 135 LYS A N   1 
ATOM   1054 C  CA  . LYS A 1 135 ? 8.878   -8.838  13.618  1.00 19.19 ? 135 LYS A CA  1 
ATOM   1055 C  C   . LYS A 1 135 ? 8.880   -7.325  13.414  1.00 17.05 ? 135 LYS A C   1 
ATOM   1056 O  O   . LYS A 1 135 ? 9.913   -6.700  13.194  1.00 19.35 ? 135 LYS A O   1 
ATOM   1057 C  CB  . LYS A 1 135 ? 10.263  -9.422  13.861  1.00 20.20 ? 135 LYS A CB  1 
ATOM   1058 C  CG  . LYS A 1 135 ? 10.279  -10.905 14.213  1.00 21.40 ? 135 LYS A CG  1 
ATOM   1059 C  CD  . LYS A 1 135 ? 11.686  -11.483 14.344  1.00 25.34 ? 135 LYS A CD  1 
ATOM   1060 C  CE  . LYS A 1 135 ? 11.765  -12.916 14.848  1.00 27.91 ? 135 LYS A CE  1 
ATOM   1061 N  NZ  . LYS A 1 135 ? 13.106  -13.528 14.672  1.00 27.60 ? 135 LYS A NZ  1 
ATOM   1062 N  N   . SER A 1 136 ? 7.685   -6.742  13.391  1.00 16.43 ? 136 SER A N   1 
ATOM   1063 C  CA  . SER A 1 136 ? 7.500   -5.391  12.898  1.00 17.09 ? 136 SER A CA  1 
ATOM   1064 C  C   . SER A 1 136 ? 6.291   -4.731  13.554  1.00 15.71 ? 136 SER A C   1 
ATOM   1065 O  O   . SER A 1 136 ? 5.281   -5.387  13.829  1.00 15.72 ? 136 SER A O   1 
ATOM   1066 C  CB  . SER A 1 136 ? 7.370   -5.392  11.397  1.00 16.20 ? 136 SER A CB  1 
ATOM   1067 O  OG  . SER A 1 136 ? 6.220   -6.083  10.938  1.00 16.05 ? 136 SER A OG  1 
ATOM   1068 N  N   . ARG A 1 137 ? 6.351   -3.391  13.629  1.00 15.51 ? 137 ARG A N   1 
ATOM   1069 C  CA  . ARG A 1 137 ? 5.181   -2.616  14.025  1.00 16.82 ? 137 ARG A CA  1 
ATOM   1070 C  C   . ARG A 1 137 ? 4.053   -2.923  13.039  1.00 16.56 ? 137 ARG A C   1 
ATOM   1071 O  O   . ARG A 1 137 ? 2.907   -3.092  13.417  1.00 17.96 ? 137 ARG A O   1 
ATOM   1072 C  CB  . ARG A 1 137 ? 5.454   -1.112  14.120  1.00 17.70 ? 137 ARG A CB  1 
ATOM   1073 C  CG  . ARG A 1 137 ? 4.183   -0.342  14.393  1.00 18.93 ? 137 ARG A CG  1 
ATOM   1074 C  CD  . ARG A 1 137 ? 4.414   1.097   14.574  1.00 21.58 ? 137 ARG A CD  1 
ATOM   1075 N  NE  . ARG A 1 137 ? 3.228   1.802   15.030  1.00 22.94 ? 137 ARG A NE  1 
ATOM   1076 C  CZ  . ARG A 1 137 ? 2.248   2.209   14.233  1.00 22.51 ? 137 ARG A CZ  1 
ATOM   1077 N  NH1 . ARG A 1 137 ? 2.272   1.977   12.963  1.00 22.75 ? 137 ARG A NH1 1 
ATOM   1078 N  NH2 . ARG A 1 137 ? 1.191   2.791   14.768  1.00 25.06 ? 137 ARG A NH2 1 
ATOM   1079 N  N   . TRP A 1 138 ? 4.383   -2.956  11.745  1.00 16.08 ? 138 TRP A N   1 
ATOM   1080 C  CA  . TRP A 1 138 ? 3.416   -3.249  10.695  1.00 16.76 ? 138 TRP A CA  1 
ATOM   1081 C  C   . TRP A 1 138 ? 2.579   -4.477  11.019  1.00 17.75 ? 138 TRP A C   1 
ATOM   1082 O  O   . TRP A 1 138 ? 1.357   -4.455  10.989  1.00 19.29 ? 138 TRP A O   1 
ATOM   1083 C  CB  . TRP A 1 138 ? 4.209   -3.451  9.398   1.00 16.51 ? 138 TRP A CB  1 
ATOM   1084 C  CG  . TRP A 1 138 ? 3.436   -3.958  8.231   1.00 17.16 ? 138 TRP A CG  1 
ATOM   1085 C  CD1 . TRP A 1 138 ? 2.399   -3.323  7.611   1.00 18.28 ? 138 TRP A CD1 1 
ATOM   1086 C  CD2 . TRP A 1 138 ? 3.764   -5.081  7.395   1.00 17.02 ? 138 TRP A CD2 1 
ATOM   1087 N  NE1 . TRP A 1 138 ? 1.987   -4.038  6.510   1.00 17.65 ? 138 TRP A NE1 1 
ATOM   1088 C  CE2 . TRP A 1 138 ? 2.833   -5.103  6.334   1.00 17.16 ? 138 TRP A CE2 1 
ATOM   1089 C  CE3 . TRP A 1 138 ? 4.754   -6.061  7.440   1.00 17.21 ? 138 TRP A CE3 1 
ATOM   1090 C  CZ2 . TRP A 1 138 ? 2.894   -6.052  5.320   1.00 16.36 ? 138 TRP A CZ2 1 
ATOM   1091 C  CZ3 . TRP A 1 138 ? 4.770   -7.019  6.460   1.00 16.65 ? 138 TRP A CZ3 1 
ATOM   1092 C  CH2 . TRP A 1 138 ? 3.863   -7.007  5.416   1.00 17.14 ? 138 TRP A CH2 1 
ATOM   1093 N  N   . TYR A 1 139 ? 3.236   -5.598  11.310  1.00 17.93 ? 139 TYR A N   1 
ATOM   1094 C  CA  . TYR A 1 139 ? 2.536   -6.833  11.560  1.00 16.94 ? 139 TYR A CA  1 
ATOM   1095 C  C   . TYR A 1 139 ? 1.652   -6.693  12.794  1.00 17.55 ? 139 TYR A C   1 
ATOM   1096 O  O   . TYR A 1 139 ? 0.519   -7.209  12.829  1.00 20.17 ? 139 TYR A O   1 
ATOM   1097 C  CB  . TYR A 1 139 ? 3.557   -7.966  11.722  1.00 18.36 ? 139 TYR A CB  1 
ATOM   1098 C  CG  . TYR A 1 139 ? 2.940   -9.301  12.063  1.00 20.72 ? 139 TYR A CG  1 
ATOM   1099 C  CD1 . TYR A 1 139 ? 2.543   -10.158 11.056  1.00 23.81 ? 139 TYR A CD1 1 
ATOM   1100 C  CD2 . TYR A 1 139 ? 2.756   -9.686  13.388  1.00 25.26 ? 139 TYR A CD2 1 
ATOM   1101 C  CE1 . TYR A 1 139 ? 1.970   -11.386 11.354  1.00 28.56 ? 139 TYR A CE1 1 
ATOM   1102 C  CE2 . TYR A 1 139 ? 2.191   -10.913 13.702  1.00 29.82 ? 139 TYR A CE2 1 
ATOM   1103 C  CZ  . TYR A 1 139 ? 1.799   -11.761 12.679  1.00 34.62 ? 139 TYR A CZ  1 
ATOM   1104 O  OH  . TYR A 1 139 ? 1.217   -12.960 13.007  1.00 40.60 ? 139 TYR A OH  1 
ATOM   1105 N  N   . ASN A 1 140 ? 2.209   -6.101  13.861  1.00 16.21 ? 140 ASN A N   1 
ATOM   1106 C  CA  . ASN A 1 140 ? 1.482   -6.024  15.115  1.00 17.18 ? 140 ASN A CA  1 
ATOM   1107 C  C   . ASN A 1 140 ? 0.232   -5.148  14.984  1.00 17.86 ? 140 ASN A C   1 
ATOM   1108 O  O   . ASN A 1 140 ? -0.832  -5.480  15.542  1.00 19.42 ? 140 ASN A O   1 
ATOM   1109 C  CB  . ASN A 1 140 ? 2.424   -5.554  16.216  1.00 18.38 ? 140 ASN A CB  1 
ATOM   1110 C  CG  . ASN A 1 140 ? 3.345   -6.652  16.674  1.00 20.92 ? 140 ASN A CG  1 
ATOM   1111 O  OD1 . ASN A 1 140 ? 4.525   -6.778  16.287  1.00 22.41 ? 140 ASN A OD1 1 
ATOM   1112 N  ND2 . ASN A 1 140 ? 2.769   -7.478  17.528  1.00 21.14 ? 140 ASN A ND2 1 
ATOM   1113 N  N   . GLN A 1 141 ? 0.284   -4.086  14.177  1.00 16.11 ? 141 GLN A N   1 
ATOM   1114 C  CA  . GLN A 1 141 ? -0.811  -3.138  14.068  1.00 16.31 ? 141 GLN A CA  1 
ATOM   1115 C  C   . GLN A 1 141 ? -1.847  -3.555  13.020  1.00 18.67 ? 141 GLN A C   1 
ATOM   1116 O  O   . GLN A 1 141 ? -3.046  -3.258  13.210  1.00 19.65 ? 141 GLN A O   1 
ATOM   1117 C  CB  . GLN A 1 141 ? -0.322  -1.715  13.792  1.00 18.03 ? 141 GLN A CB  1 
ATOM   1118 C  CG  . GLN A 1 141 ? 0.678   -1.138  14.801  1.00 18.82 ? 141 GLN A CG  1 
ATOM   1119 C  CD  . GLN A 1 141 ? 0.173   -1.000  16.224  1.00 22.01 ? 141 GLN A CD  1 
ATOM   1120 O  OE1 . GLN A 1 141 ? 0.871   -1.383  17.172  1.00 25.12 ? 141 GLN A OE1 1 
ATOM   1121 N  NE2 . GLN A 1 141 ? -1.053  -0.517  16.370  1.00 22.26 ? 141 GLN A NE2 1 
ATOM   1122 N  N   . THR A 1 142 ? -1.413  -4.207  11.918  1.00 17.00 ? 142 THR A N   1 
ATOM   1123 C  CA  . THR A 1 142 ? -2.363  -4.680  10.910  1.00 15.38 ? 142 THR A CA  1 
ATOM   1124 C  C   . THR A 1 142 ? -2.065  -6.137  10.609  1.00 17.00 ? 142 THR A C   1 
ATOM   1125 O  O   . THR A 1 142 ? -1.553  -6.481  9.536   1.00 18.23 ? 142 THR A O   1 
ATOM   1126 C  CB  . THR A 1 142 ? -2.358  -3.852  9.616   1.00 18.18 ? 142 THR A CB  1 
ATOM   1127 O  OG1 . THR A 1 142 ? -1.039  -3.652  9.111   1.00 18.34 ? 142 THR A OG1 1 
ATOM   1128 C  CG2 . THR A 1 142 ? -2.996  -2.482  9.747   1.00 17.93 ? 142 THR A CG2 1 
ATOM   1129 N  N   . PRO A 1 143 ? -2.303  -7.040  11.586  1.00 16.16 ? 143 PRO A N   1 
ATOM   1130 C  CA  . PRO A 1 143 ? -1.847  -8.401  11.408  1.00 16.18 ? 143 PRO A CA  1 
ATOM   1131 C  C   . PRO A 1 143 ? -2.521  -9.175  10.302  1.00 15.80 ? 143 PRO A C   1 
ATOM   1132 O  O   . PRO A 1 143 ? -1.865  -10.005 9.661   1.00 17.52 ? 143 PRO A O   1 
ATOM   1133 C  CB  . PRO A 1 143 ? -2.075  -9.045  12.802  1.00 17.27 ? 143 PRO A CB  1 
ATOM   1134 C  CG  . PRO A 1 143 ? -3.184  -8.200  13.383  1.00 18.86 ? 143 PRO A CG  1 
ATOM   1135 C  CD  . PRO A 1 143 ? -2.939  -6.792  12.898  1.00 18.83 ? 143 PRO A CD  1 
ATOM   1136 N  N   . ASN A 1 144 ? -3.822  -8.987  10.050  1.00 16.63 ? 144 ASN A N   1 
ATOM   1137 C  CA  . ASN A 1 144 ? -4.436  -9.843  9.053   1.00 17.77 ? 144 ASN A CA  1 
ATOM   1138 C  C   . ASN A 1 144 ? -3.954  -9.461  7.641   1.00 16.18 ? 144 ASN A C   1 
ATOM   1139 O  O   . ASN A 1 144 ? -3.690  -10.327 6.800   1.00 17.97 ? 144 ASN A O   1 
ATOM   1140 C  CB  . ASN A 1 144 ? -5.947  -9.838  9.181   1.00 20.10 ? 144 ASN A CB  1 
ATOM   1141 C  CG  . ASN A 1 144 ? -6.377  -10.601 10.404  1.00 24.86 ? 144 ASN A CG  1 
ATOM   1142 O  OD1 . ASN A 1 144 ? -5.699  -11.545 10.824  1.00 29.24 ? 144 ASN A OD1 1 
ATOM   1143 N  ND2 . ASN A 1 144 ? -7.543  -10.283 10.915  1.00 26.87 ? 144 ASN A ND2 1 
ATOM   1144 N  N   . ARG A 1 145 ? -3.799  -8.154  7.402   1.00 17.62 ? 145 ARG A N   1 
ATOM   1145 C  CA  . ARG A 1 145 ? -3.285  -7.669  6.139   1.00 17.76 ? 145 ARG A CA  1 
ATOM   1146 C  C   . ARG A 1 145 ? -1.818  -8.035  5.978   1.00 17.97 ? 145 ARG A C   1 
ATOM   1147 O  O   . ARG A 1 145 ? -1.412  -8.528  4.923   1.00 17.10 ? 145 ARG A O   1 
ATOM   1148 C  CB  . ARG A 1 145 ? -3.433  -6.155  6.028   1.00 19.51 ? 145 ARG A CB  1 
ATOM   1149 C  CG  . ARG A 1 145 ? -3.003  -5.720  4.619   1.00 24.44 ? 145 ARG A CG  1 
ATOM   1150 C  CD  . ARG A 1 145 ? -2.736  -4.323  4.552   1.00 28.40 ? 145 ARG A CD  1 
ATOM   1151 N  NE  . ARG A 1 145 ? -2.336  -3.887  3.214   1.00 19.84 ? 145 ARG A NE  1 
ATOM   1152 C  CZ  . ARG A 1 145 ? -2.679  -2.660  2.892   1.00 20.25 ? 145 ARG A CZ  1 
ATOM   1153 N  NH1 . ARG A 1 145 ? -3.415  -1.910  3.711   1.00 22.19 ? 145 ARG A NH1 1 
ATOM   1154 N  NH2 . ARG A 1 145 ? -2.284  -2.183  1.747   1.00 17.70 ? 145 ARG A NH2 1 
ATOM   1155 N  N   . ALA A 1 146 ? -1.028  -7.884  7.049   1.00 17.63 ? 146 ALA A N   1 
ATOM   1156 C  CA  . ALA A 1 146 ? 0.389   -8.259  6.977   1.00 18.88 ? 146 ALA A CA  1 
ATOM   1157 C  C   . ALA A 1 146 ? 0.517   -9.754  6.715   1.00 18.00 ? 146 ALA A C   1 
ATOM   1158 O  O   . ALA A 1 146 ? 1.348   -10.192 5.927   1.00 17.13 ? 146 ALA A O   1 
ATOM   1159 C  CB  . ALA A 1 146 ? 1.149   -7.827  8.207   1.00 20.48 ? 146 ALA A CB  1 
ATOM   1160 N  N   . LYS A 1 147 ? -0.319  -10.560 7.361   1.00 17.99 ? 147 LYS A N   1 
ATOM   1161 C  CA  . LYS A 1 147 ? -0.261  -11.997 7.117   1.00 17.91 ? 147 LYS A CA  1 
ATOM   1162 C  C   . LYS A 1 147 ? -0.512  -12.315 5.636   1.00 17.60 ? 147 LYS A C   1 
ATOM   1163 O  O   . LYS A 1 147 ? 0.128   -13.210 5.078   1.00 16.13 ? 147 LYS A O   1 
ATOM   1164 C  CB  . LYS A 1 147 ? -1.225  -12.778 8.013   1.00 20.49 ? 147 LYS A CB  1 
ATOM   1165 C  CG  . LYS A 1 147 ? -0.785  -12.932 9.431   1.00 24.37 ? 147 LYS A CG  1 
ATOM   1166 C  CD  . LYS A 1 147 ? -1.884  -13.560 10.288  1.00 28.70 ? 147 LYS A CD  1 
ATOM   1167 C  CE  . LYS A 1 147 ? -1.499  -13.433 11.741  1.00 34.87 ? 147 LYS A CE  1 
ATOM   1168 N  NZ  . LYS A 1 147 ? -2.553  -13.824 12.685  1.00 36.36 ? 147 LYS A NZ  1 
ATOM   1169 N  N   . ARG A 1 148 ? -1.448  -11.612 4.992   1.00 17.12 ? 148 ARG A N   1 
ATOM   1170 C  CA  . ARG A 1 148 ? -1.745  -11.876 3.591   1.00 17.47 ? 148 ARG A CA  1 
ATOM   1171 C  C   . ARG A 1 148 ? -0.571  -11.480 2.697   1.00 15.20 ? 148 ARG A C   1 
ATOM   1172 O  O   . ARG A 1 148 ? -0.161  -12.251 1.823   1.00 16.55 ? 148 ARG A O   1 
ATOM   1173 C  CB  . ARG A 1 148 ? -2.978  -11.117 3.089   1.00 17.68 ? 148 ARG A CB  1 
ATOM   1174 C  CG  . ARG A 1 148 ? -4.320  -11.637 3.587   1.00 17.29 ? 148 ARG A CG  1 
ATOM   1175 C  CD  . ARG A 1 148 ? -5.500  -11.026 2.846   1.00 19.25 ? 148 ARG A CD  1 
ATOM   1176 N  NE  . ARG A 1 148 ? -5.708  -9.610  3.155   1.00 18.34 ? 148 ARG A NE  1 
ATOM   1177 C  CZ  . ARG A 1 148 ? -6.328  -9.152  4.240   1.00 20.08 ? 148 ARG A CZ  1 
ATOM   1178 N  NH1 . ARG A 1 148 ? -6.847  -9.998  5.093   1.00 22.42 ? 148 ARG A NH1 1 
ATOM   1179 N  NH2 . ARG A 1 148 ? -6.525  -7.853  4.430   1.00 21.45 ? 148 ARG A NH2 1 
ATOM   1180 N  N   . VAL A 1 149 ? 0.034   -10.333 2.973   1.00 15.18 ? 149 VAL A N   1 
ATOM   1181 C  CA  . VAL A 1 149 ? 1.182   -9.868  2.202   1.00 14.82 ? 149 VAL A CA  1 
ATOM   1182 C  C   . VAL A 1 149 ? 2.376   -10.791 2.435   1.00 16.07 ? 149 VAL A C   1 
ATOM   1183 O  O   . VAL A 1 149 ? 3.079   -11.176 1.480   1.00 16.10 ? 149 VAL A O   1 
ATOM   1184 C  CB  . VAL A 1 149 ? 1.515   -8.402  2.560   1.00 14.93 ? 149 VAL A CB  1 
ATOM   1185 C  CG1 . VAL A 1 149 ? 2.768   -7.921  1.838   1.00 15.45 ? 149 VAL A CG1 1 
ATOM   1186 C  CG2 . VAL A 1 149 ? 0.353   -7.496  2.177   1.00 16.16 ? 149 VAL A CG2 1 
ATOM   1187 N  N   . ILE A 1 150 ? 2.588   -11.169 3.677   1.00 16.38 ? 150 ILE A N   1 
ATOM   1188 C  CA  . ILE A 1 150 ? 3.683   -12.079 3.990   1.00 16.77 ? 150 ILE A CA  1 
ATOM   1189 C  C   . ILE A 1 150 ? 3.520   -13.452 3.334   1.00 17.93 ? 150 ILE A C   1 
ATOM   1190 O  O   . ILE A 1 150 ? 4.491   -14.023 2.780   1.00 17.41 ? 150 ILE A O   1 
ATOM   1191 C  CB  . ILE A 1 150 ? 3.919   -12.164 5.503   1.00 17.68 ? 150 ILE A CB  1 
ATOM   1192 C  CG1 . ILE A 1 150 ? 4.413   -10.838 6.107   1.00 17.69 ? 150 ILE A CG1 1 
ATOM   1193 C  CG2 . ILE A 1 150 ? 4.901   -13.288 5.836   1.00 18.82 ? 150 ILE A CG2 1 
ATOM   1194 C  CD1 . ILE A 1 150 ? 4.379   -10.799 7.625   1.00 19.35 ? 150 ILE A CD1 1 
ATOM   1195 N  N   . THR A 1 151 ? 2.327   -14.039 3.391   1.00 16.42 ? 151 THR A N   1 
ATOM   1196 C  CA  . THR A 1 151 ? 2.062   -15.293 2.679   1.00 16.70 ? 151 THR A CA  1 
ATOM   1197 C  C   . THR A 1 151 ? 2.429   -15.153 1.203   1.00 17.15 ? 151 THR A C   1 
ATOM   1198 O  O   . THR A 1 151 ? 2.890   -16.110 0.585   1.00 17.37 ? 151 THR A O   1 
ATOM   1199 C  CB  . THR A 1 151 ? 0.589   -15.692 2.848   1.00 21.15 ? 151 THR A CB  1 
ATOM   1200 O  OG1 . THR A 1 151 ? 0.478   -16.110 4.208   1.00 21.88 ? 151 THR A OG1 1 
ATOM   1201 C  CG2 . THR A 1 151 ? 0.180   -16.842 1.938   1.00 21.43 ? 151 THR A CG2 1 
ATOM   1202 N  N   . THR A 1 152 ? 2.118   -14.001 0.599   1.00 16.43 ? 152 THR A N   1 
ATOM   1203 C  CA  . THR A 1 152 ? 2.398   -13.760 -0.801  1.00 16.29 ? 152 THR A CA  1 
ATOM   1204 C  C   . THR A 1 152 ? 3.898   -13.774 -1.040  1.00 17.60 ? 152 THR A C   1 
ATOM   1205 O  O   . THR A 1 152 ? 4.359   -14.425 -1.993  1.00 17.78 ? 152 THR A O   1 
ATOM   1206 C  CB  . THR A 1 152 ? 1.727   -12.461 -1.274  1.00 18.01 ? 152 THR A CB  1 
ATOM   1207 O  OG1 . THR A 1 152 ? 0.355   -12.517 -0.861  1.00 19.42 ? 152 THR A OG1 1 
ATOM   1208 C  CG2 . THR A 1 152 ? 1.815   -12.286 -2.783  1.00 19.96 ? 152 THR A CG2 1 
ATOM   1209 N  N   . PHE A 1 153 ? 4.679   -13.125 -0.153  1.00 16.71 ? 153 PHE A N   1 
ATOM   1210 C  CA  . PHE A 1 153 ? 6.138   -13.205 -0.278  1.00 16.30 ? 153 PHE A CA  1 
ATOM   1211 C  C   . PHE A 1 153 ? 6.654   -14.620 -0.032  1.00 19.41 ? 153 PHE A C   1 
ATOM   1212 O  O   . PHE A 1 153 ? 7.647   -15.037 -0.648  1.00 20.58 ? 153 PHE A O   1 
ATOM   1213 C  CB  . PHE A 1 153 ? 6.873   -12.278 0.696   1.00 16.38 ? 153 PHE A CB  1 
ATOM   1214 C  CG  . PHE A 1 153 ? 6.879   -10.814 0.313   1.00 17.74 ? 153 PHE A CG  1 
ATOM   1215 C  CD1 . PHE A 1 153 ? 7.500   -10.387 -0.862  1.00 17.79 ? 153 PHE A CD1 1 
ATOM   1216 C  CD2 . PHE A 1 153 ? 6.322   -9.866  1.166   1.00 18.11 ? 153 PHE A CD2 1 
ATOM   1217 C  CE1 . PHE A 1 153 ? 7.521   -9.059  -1.199  1.00 18.03 ? 153 PHE A CE1 1 
ATOM   1218 C  CE2 . PHE A 1 153 ? 6.336   -8.496  0.808   1.00 18.54 ? 153 PHE A CE2 1 
ATOM   1219 C  CZ  . PHE A 1 153 ? 6.981   -8.101  -0.331  1.00 19.56 ? 153 PHE A CZ  1 
ATOM   1220 N  N   . ARG A 1 154 ? 6.025   -15.338 0.901   1.00 17.07 ? 154 ARG A N   1 
ATOM   1221 C  CA  . ARG A 1 154 ? 6.523   -16.656 1.284   1.00 18.08 ? 154 ARG A CA  1 
ATOM   1222 C  C   . ARG A 1 154 ? 6.337   -17.624 0.118   1.00 19.45 ? 154 ARG A C   1 
ATOM   1223 O  O   . ARG A 1 154 ? 7.237   -18.407 -0.184  1.00 19.69 ? 154 ARG A O   1 
ATOM   1224 C  CB  . ARG A 1 154 ? 5.877   -17.196 2.559   1.00 19.08 ? 154 ARG A CB  1 
ATOM   1225 C  CG  . ARG A 1 154 ? 6.570   -18.433 3.110   1.00 20.59 ? 154 ARG A CG  1 
ATOM   1226 C  CD  . ARG A 1 154 ? 5.889   -18.947 4.381   1.00 23.44 ? 154 ARG A CD  1 
ATOM   1227 N  NE  . ARG A 1 154 ? 4.424   -19.078 4.356   1.00 26.62 ? 154 ARG A NE  1 
ATOM   1228 C  CZ  . ARG A 1 154 ? 3.648   -20.070 3.910   1.00 30.78 ? 154 ARG A CZ  1 
ATOM   1229 N  NH1 . ARG A 1 154 ? 4.143   -21.177 3.372   1.00 31.00 ? 154 ARG A NH1 1 
ATOM   1230 N  NH2 . ARG A 1 154 ? 2.336   -19.928 4.005   1.00 39.57 ? 154 ARG A NH2 1 
ATOM   1231 N  N   . THR A 1 155 ? 5.141   -17.594 -0.511  1.00 18.34 ? 155 THR A N   1 
ATOM   1232 C  CA  . THR A 1 155 ? 4.723   -18.649 -1.424  1.00 18.18 ? 155 THR A CA  1 
ATOM   1233 C  C   . THR A 1 155 ? 4.884   -18.268 -2.878  1.00 18.53 ? 155 THR A C   1 
ATOM   1234 O  O   . THR A 1 155 ? 4.938   -19.163 -3.740  1.00 19.31 ? 155 THR A O   1 
ATOM   1235 C  CB  . THR A 1 155 ? 3.266   -19.038 -1.172  1.00 18.56 ? 155 THR A CB  1 
ATOM   1236 O  OG1 . THR A 1 155 ? 2.382   -17.964 -1.510  1.00 17.67 ? 155 THR A OG1 1 
ATOM   1237 C  CG2 . THR A 1 155 ? 3.051   -19.482 0.245   1.00 20.29 ? 155 THR A CG2 1 
ATOM   1238 N  N   . GLY A 1 156 ? 4.829   -16.977 -3.186  1.00 17.86 ? 156 GLY A N   1 
ATOM   1239 C  CA  . GLY A 1 156 ? 4.815   -16.514 -4.544  1.00 18.18 ? 156 GLY A CA  1 
ATOM   1240 C  C   . GLY A 1 156 ? 3.533   -16.906 -5.282  1.00 18.01 ? 156 GLY A C   1 
ATOM   1241 O  O   . GLY A 1 156 ? 3.544   -17.003 -6.524  1.00 20.45 ? 156 GLY A O   1 
ATOM   1242 N  N   . THR A 1 157 ? 2.470   -17.128 -4.522  1.00 17.96 ? 157 THR A N   1 
ATOM   1243 C  CA  . THR A 1 157 ? 1.152   -17.420 -5.061  1.00 18.68 ? 157 THR A CA  1 
ATOM   1244 C  C   . THR A 1 157 ? 0.147   -16.387 -4.529  1.00 17.51 ? 157 THR A C   1 
ATOM   1245 O  O   . THR A 1 157 ? 0.442   -15.612 -3.619  1.00 18.72 ? 157 THR A O   1 
ATOM   1246 C  CB  . THR A 1 157 ? 0.676   -18.806 -4.619  1.00 20.52 ? 157 THR A CB  1 
ATOM   1247 O  OG1 . THR A 1 157 ? 0.253   -18.759 -3.237  1.00 21.75 ? 157 THR A OG1 1 
ATOM   1248 C  CG2 . THR A 1 157 ? 1.690   -19.888 -4.937  1.00 21.04 ? 157 THR A CG2 1 
ATOM   1249 N  N   . TRP A 1 158 ? -1.052  -16.441 -5.108  1.00 19.25 ? 158 TRP A N   1 
ATOM   1250 C  CA  . TRP A 1 158 ? -2.157  -15.611 -4.668  1.00 18.70 ? 158 TRP A CA  1 
ATOM   1251 C  C   . TRP A 1 158 ? -3.070  -16.311 -3.665  1.00 18.90 ? 158 TRP A C   1 
ATOM   1252 O  O   . TRP A 1 158 ? -4.176  -15.816 -3.387  1.00 20.21 ? 158 TRP A O   1 
ATOM   1253 C  CB  . TRP A 1 158 ? -2.972  -15.132 -5.880  1.00 19.61 ? 158 TRP A CB  1 
ATOM   1254 C  CG  . TRP A 1 158 ? -2.229  -14.217 -6.817  1.00 20.42 ? 158 TRP A CG  1 
ATOM   1255 C  CD1 . TRP A 1 158 ? -1.793  -14.432 -8.091  1.00 20.30 ? 158 TRP A CD1 1 
ATOM   1256 C  CD2 . TRP A 1 158 ? -1.910  -12.833 -6.531  1.00 18.87 ? 158 TRP A CD2 1 
ATOM   1257 N  NE1 . TRP A 1 158 ? -1.227  -13.292 -8.600  1.00 21.50 ? 158 TRP A NE1 1 
ATOM   1258 C  CE2 . TRP A 1 158 ? -1.287  -12.294 -7.662  1.00 21.15 ? 158 TRP A CE2 1 
ATOM   1259 C  CE3 . TRP A 1 158 ? -2.095  -12.025 -5.397  1.00 20.49 ? 158 TRP A CE3 1 
ATOM   1260 C  CZ2 . TRP A 1 158 ? -0.829  -10.974 -7.687  1.00 20.96 ? 158 TRP A CZ2 1 
ATOM   1261 C  CZ3 . TRP A 1 158 ? -1.658  -10.728 -5.430  1.00 21.31 ? 158 TRP A CZ3 1 
ATOM   1262 C  CH2 . TRP A 1 158 ? -1.069  -10.207 -6.572  1.00 20.40 ? 158 TRP A CH2 1 
ATOM   1263 N  N   . ASP A 1 159 ? -2.584  -17.337 -2.976  1.00 19.62 ? 159 ASP A N   1 
ATOM   1264 C  CA  . ASP A 1 159 ? -3.477  -18.125 -2.138  1.00 22.16 ? 159 ASP A CA  1 
ATOM   1265 C  C   . ASP A 1 159 ? -4.140  -17.283 -1.037  1.00 21.53 ? 159 ASP A C   1 
ATOM   1266 O  O   . ASP A 1 159 ? -5.259  -17.612 -0.627  1.00 20.01 ? 159 ASP A O   1 
ATOM   1267 C  CB  . ASP A 1 159 ? -2.731  -19.276 -1.492  1.00 24.88 ? 159 ASP A CB  1 
ATOM   1268 C  CG  . ASP A 1 159 ? -2.283  -20.402 -2.431  1.00 35.07 ? 159 ASP A CG  1 
ATOM   1269 O  OD1 . ASP A 1 159 ? -2.677  -20.387 -3.605  1.00 32.50 ? 159 ASP A OD1 1 
ATOM   1270 O  OD2 . ASP A 1 159 ? -1.504  -21.279 -1.981  1.00 36.17 ? 159 ASP A OD2 1 
ATOM   1271 N  N   . ALA A 1 160 ? -3.448  -16.270 -0.481  1.00 17.60 ? 160 ALA A N   1 
ATOM   1272 C  CA  . ALA A 1 160 ? -4.033  -15.455 0.587   1.00 18.84 ? 160 ALA A CA  1 
ATOM   1273 C  C   . ALA A 1 160 ? -5.199  -14.573 0.120   1.00 20.61 ? 160 ALA A C   1 
ATOM   1274 O  O   . ALA A 1 160 ? -5.910  -14.004 0.958   1.00 23.22 ? 160 ALA A O   1 
ATOM   1275 C  CB  . ALA A 1 160 ? -2.947  -14.639 1.278   1.00 18.50 ? 160 ALA A CB  1 
ATOM   1276 N  N   . TYR A 1 161 ? -5.370  -14.371 -1.198  1.00 19.78 ? 161 TYR A N   1 
ATOM   1277 C  CA  . TYR A 1 161 ? -6.354  -13.450 -1.742  1.00 20.26 ? 161 TYR A CA  1 
ATOM   1278 C  C   . TYR A 1 161 ? -7.504  -14.201 -2.437  1.00 26.51 ? 161 TYR A C   1 
ATOM   1279 O  O   . TYR A 1 161 ? -8.418  -13.570 -2.951  1.00 24.25 ? 161 TYR A O   1 
ATOM   1280 C  CB  . TYR A 1 161 ? -5.672  -12.415 -2.645  1.00 19.78 ? 161 TYR A CB  1 
ATOM   1281 C  CG  . TYR A 1 161 ? -4.858  -11.416 -1.845  1.00 18.14 ? 161 TYR A CG  1 
ATOM   1282 C  CD1 . TYR A 1 161 ? -3.540  -11.670 -1.516  1.00 17.92 ? 161 TYR A CD1 1 
ATOM   1283 C  CD2 . TYR A 1 161 ? -5.442  -10.266 -1.318  1.00 17.47 ? 161 TYR A CD2 1 
ATOM   1284 C  CE1 . TYR A 1 161 ? -2.782  -10.797 -0.761  1.00 18.28 ? 161 TYR A CE1 1 
ATOM   1285 C  CE2 . TYR A 1 161 ? -4.707  -9.381  -0.543  1.00 18.28 ? 161 TYR A CE2 1 
ATOM   1286 C  CZ  . TYR A 1 161 ? -3.372  -9.643  -0.254  1.00 17.58 ? 161 TYR A CZ  1 
ATOM   1287 O  OH  . TYR A 1 161 ? -2.648  -8.795  0.523   1.00 17.05 ? 161 TYR A OH  1 
ATOM   1288 N  N   . ASN A 1 162 ? -7.472  -15.536 -2.461  1.00 37.06 ? 162 ASN A N   1 
ATOM   1289 C  CA  . ASN A 1 162 ? -8.570  -16.347 -2.993  1.00 42.32 ? 162 ASN A CA  1 
ATOM   1290 C  C   . ASN A 1 162 ? -9.569  -16.616 -1.872  1.00 49.00 ? 162 ASN A C   1 
ATOM   1291 O  O   . ASN A 1 162 ? -9.159  -16.896 -0.748  1.00 55.15 ? 162 ASN A O   1 
ATOM   1292 C  CB  . ASN A 1 162 ? -8.063  -17.689 -3.510  1.00 50.40 ? 162 ASN A CB  1 
ATOM   1293 C  CG  . ASN A 1 162 ? -7.149  -17.561 -4.706  1.00 54.48 ? 162 ASN A CG  1 
ATOM   1294 O  OD1 . ASN A 1 162 ? -7.177  -16.545 -5.405  1.00 52.42 ? 162 ASN A OD1 1 
ATOM   1295 N  ND2 . ASN A 1 162 ? -6.360  -18.595 -4.979  1.00 65.00 ? 162 ASN A ND2 1 
ATOM   1296 N  N   . ASN A 1 163 ? -10.867 -16.536 -2.186  1.00 51.66 ? 163 ASN A N   1 
ATOM   1297 C  CA  . ASN A 1 163 ? -11.930 -16.626 -1.191  1.00 59.51 ? 163 ASN A CA  1 
ATOM   1298 C  C   . ASN A 1 163 ? -11.866 -15.418 -0.246  1.00 58.44 ? 163 ASN A C   1 
ATOM   1299 O  O   . ASN A 1 163 ? -11.674 -14.303 -0.767  1.00 59.73 ? 163 ASN A O   1 
ATOM   1300 C  CB  . ASN A 1 163 ? -11.879 -17.919 -0.381  1.00 66.13 ? 163 ASN A CB  1 
ATOM   1301 C  CG  . ASN A 1 163 ? -11.403 -19.100 -1.196  1.00 75.37 ? 163 ASN A CG  1 
ATOM   1302 O  OD1 . ASN A 1 163 ? -11.790 -19.265 -2.360  1.00 72.91 ? 163 ASN A OD1 1 
ATOM   1303 N  ND2 . ASN A 1 163 ? -10.533 -19.912 -0.614  1.00 80.09 ? 163 ASN A ND2 1 
HETATM 1304 N  N1  . IND B 2 .   ? 9.006   -4.927  0.162   1.00 20.06 ? 201 IND A N1  1 
HETATM 1305 C  C2  . IND B 2 .   ? 9.636   -6.136  0.062   1.00 18.46 ? 201 IND A C2  1 
HETATM 1306 C  C3  . IND B 2 .   ? 10.510  -6.121  -0.979  1.00 17.35 ? 201 IND A C3  1 
HETATM 1307 C  C4  . IND B 2 .   ? 11.029  -4.266  -2.700  1.00 19.50 ? 201 IND A C4  1 
HETATM 1308 C  C5  . IND B 2 .   ? 10.654  -2.991  -3.055  1.00 20.84 ? 201 IND A C5  1 
HETATM 1309 C  C6  . IND B 2 .   ? 9.726   -2.294  -2.293  1.00 20.64 ? 201 IND A C6  1 
HETATM 1310 C  C7  . IND B 2 .   ? 9.083   -2.849  -1.214  1.00 19.27 ? 201 IND A C7  1 
HETATM 1311 C  C8  . IND B 2 .   ? 9.497   -4.110  -0.826  1.00 18.44 ? 201 IND A C8  1 
HETATM 1312 C  C9  . IND B 2 .   ? 10.404  -4.856  -1.600  1.00 19.72 ? 201 IND A C9  1 
HETATM 1313 NA NA  . NA  C 3 .   ? -8.844  6.004   -4.309  1.00 25.52 ? 202 NA  A NA  1 
HETATM 1314 NA NA  . NA  D 3 .   ? -6.223  5.273   -3.909  1.00 25.77 ? 203 NA  A NA  1 
HETATM 1315 NA NA  . NA  E 3 .   ? -1.005  -14.925 -1.399  1.00 27.30 ? 204 NA  A NA  1 
HETATM 1316 O  O   . HOH F 4 .   ? -2.700  15.017  -0.119  1.00 35.57 ? 301 HOH A O   1 
HETATM 1317 O  O   . HOH F 4 .   ? -9.960  15.830  13.520  1.00 22.70 ? 302 HOH A O   1 
HETATM 1318 O  O   . HOH F 4 .   ? -17.524 10.728  -11.554 1.00 32.76 ? 303 HOH A O   1 
HETATM 1319 O  O   . HOH F 4 .   ? -14.320 14.068  -11.915 1.00 31.53 ? 304 HOH A O   1 
HETATM 1320 O  O   . HOH F 4 .   ? -1.620  0.631   10.919  1.00 29.11 ? 305 HOH A O   1 
HETATM 1321 O  O   . HOH F 4 .   ? -5.964  13.425  -12.258 1.00 20.45 ? 306 HOH A O   1 
HETATM 1322 O  O   . HOH F 4 .   ? 18.947  -2.939  -1.565  1.00 36.33 ? 307 HOH A O   1 
HETATM 1323 O  O   . HOH F 4 .   ? 19.962  -17.469 -0.524  1.00 30.32 ? 308 HOH A O   1 
HETATM 1324 O  O   . HOH F 4 .   ? -11.805 5.930   -13.200 1.00 30.28 ? 309 HOH A O   1 
HETATM 1325 O  O   . HOH F 4 .   ? 18.377  -7.156  -8.660  1.00 27.64 ? 310 HOH A O   1 
HETATM 1326 O  O   . HOH F 4 .   ? 7.003   4.715   -3.943  1.00 28.20 ? 311 HOH A O   1 
HETATM 1327 O  O   . HOH F 4 .   ? -4.241  16.226  -2.765  1.00 27.68 ? 312 HOH A O   1 
HETATM 1328 O  O   . HOH F 4 .   ? -6.861  12.728  11.545  1.00 34.34 ? 313 HOH A O   1 
HETATM 1329 O  O   . HOH F 4 .   ? -4.586  5.918   4.336   1.00 26.24 ? 314 HOH A O   1 
HETATM 1330 O  O   . HOH F 4 .   ? 18.019  -12.474 -6.333  1.00 26.05 ? 315 HOH A O   1 
HETATM 1331 O  O   . HOH F 4 .   ? -1.529  5.526   6.957   1.00 31.72 ? 316 HOH A O   1 
HETATM 1332 O  O   . HOH F 4 .   ? -5.421  13.110  9.067   1.00 23.50 ? 317 HOH A O   1 
HETATM 1333 O  O   . HOH F 4 .   ? 8.924   8.375   -3.974  1.00 43.88 ? 318 HOH A O   1 
HETATM 1334 O  O   . HOH F 4 .   ? -18.042 19.723  -7.700  1.00 33.73 ? 319 HOH A O   1 
HETATM 1335 O  O   . HOH F 4 .   ? -1.508  -7.839  16.667  1.00 21.70 ? 320 HOH A O   1 
HETATM 1336 O  O   . HOH F 4 .   ? 5.233   4.593   7.440   1.00 36.60 ? 321 HOH A O   1 
HETATM 1337 O  O   . HOH F 4 .   ? 3.283   7.312   -11.979 1.00 29.66 ? 322 HOH A O   1 
HETATM 1338 O  O   . HOH F 4 .   ? 1.982   -14.957 11.355  1.00 35.65 ? 323 HOH A O   1 
HETATM 1339 O  O   . HOH F 4 .   ? -4.748  -2.517  15.177  1.00 22.56 ? 324 HOH A O   1 
HETATM 1340 O  O   . HOH F 4 .   ? -1.236  6.535   14.256  1.00 30.23 ? 325 HOH A O   1 
HETATM 1341 O  O   . HOH F 4 .   ? 14.355  -12.139 -4.878  1.00 21.45 ? 326 HOH A O   1 
HETATM 1342 O  O   . HOH F 4 .   ? 6.849   -22.166 3.008   1.00 29.09 ? 327 HOH A O   1 
HETATM 1343 O  O   . HOH F 4 .   ? -6.221  -14.846 3.523   1.00 24.38 ? 328 HOH A O   1 
HETATM 1344 O  O   . HOH F 4 .   ? 1.268   6.479   -4.426  1.00 28.55 ? 329 HOH A O   1 
HETATM 1345 O  O   . HOH F 4 .   ? 11.976  6.954   -4.805  1.00 25.03 ? 330 HOH A O   1 
HETATM 1346 O  O   . HOH F 4 .   ? 20.092  -12.377 5.408   1.00 35.80 ? 331 HOH A O   1 
HETATM 1347 O  O   . HOH F 4 .   ? -20.645 9.316   -4.189  1.00 29.05 ? 332 HOH A O   1 
HETATM 1348 O  O   . HOH F 4 .   ? 6.368   8.336   -7.951  1.00 27.06 ? 333 HOH A O   1 
HETATM 1349 O  O   . HOH F 4 .   ? -3.385  10.192  -6.953  1.00 26.22 ? 334 HOH A O   1 
HETATM 1350 O  O   . HOH F 4 .   ? -12.645 3.390   -13.475 1.00 32.23 ? 335 HOH A O   1 
HETATM 1351 O  O   . HOH F 4 .   ? -6.875  -4.849  5.134   1.00 28.12 ? 336 HOH A O   1 
HETATM 1352 O  O   . HOH F 4 .   ? 12.581  -16.120 15.396  1.00 41.50 ? 337 HOH A O   1 
HETATM 1353 O  O   . HOH F 4 .   ? -5.866  3.395   3.921   1.00 30.10 ? 338 HOH A O   1 
HETATM 1354 O  O   . HOH F 4 .   ? -4.737  -12.851 7.065   1.00 22.93 ? 339 HOH A O   1 
HETATM 1355 O  O   . HOH F 4 .   ? 16.312  -20.269 -0.757  1.00 23.29 ? 340 HOH A O   1 
HETATM 1356 O  O   . HOH F 4 .   ? 1.239   -4.013  3.044   1.00 18.67 ? 341 HOH A O   1 
HETATM 1357 O  O   . HOH F 4 .   ? 8.135   -20.926 -0.839  1.00 23.11 ? 342 HOH A O   1 
HETATM 1358 O  O   . HOH F 4 .   ? 4.716   -21.896 -3.373  1.00 33.00 ? 343 HOH A O   1 
HETATM 1359 O  O   . HOH F 4 .   ? -14.937 -1.208  -11.204 1.00 34.34 ? 344 HOH A O   1 
HETATM 1360 O  O   . HOH F 4 .   ? 5.604   -16.400 -8.366  1.00 25.27 ? 345 HOH A O   1 
HETATM 1361 O  O   . HOH F 4 .   ? -13.642 14.321  11.674  1.00 32.26 ? 346 HOH A O   1 
HETATM 1362 O  O   . HOH F 4 .   ? -5.015  4.126   15.291  1.00 25.21 ? 347 HOH A O   1 
HETATM 1363 O  O   . HOH F 4 .   ? -9.577  21.957  -7.152  1.00 29.39 ? 348 HOH A O   1 
HETATM 1364 O  O   . HOH F 4 .   ? -19.020 15.969  -4.775  1.00 33.43 ? 349 HOH A O   1 
HETATM 1365 O  O   . HOH F 4 .   ? 14.314  -15.069 9.799   1.00 21.41 ? 350 HOH A O   1 
HETATM 1366 O  O   . HOH F 4 .   ? -5.545  -13.932 9.384   1.00 38.26 ? 351 HOH A O   1 
HETATM 1367 O  O   . HOH F 4 .   ? 5.645   -14.814 9.327   1.00 23.45 ? 352 HOH A O   1 
HETATM 1368 O  O   . HOH F 4 .   ? -3.016  0.953   15.006  1.00 30.58 ? 353 HOH A O   1 
HETATM 1369 O  O   . HOH F 4 .   ? 10.463  5.454   -12.093 1.00 24.33 ? 354 HOH A O   1 
HETATM 1370 O  O   . HOH F 4 .   ? -11.598 14.048  14.469  1.00 35.43 ? 355 HOH A O   1 
HETATM 1371 O  O   . HOH F 4 .   ? 18.991  -9.855  6.511   1.00 24.55 ? 356 HOH A O   1 
HETATM 1372 O  O   . HOH F 4 .   ? 2.369   -18.023 -8.884  1.00 30.99 ? 357 HOH A O   1 
HETATM 1373 O  O   . HOH F 4 .   ? -8.341  1.807   3.753   1.00 24.34 ? 358 HOH A O   1 
HETATM 1374 O  O   . HOH F 4 .   ? -10.467 -7.009  -5.601  1.00 26.65 ? 359 HOH A O   1 
HETATM 1375 O  O   . HOH F 4 .   ? -9.939  4.846   12.099  1.00 22.98 ? 360 HOH A O   1 
HETATM 1376 O  O   . HOH F 4 .   ? 3.588   -16.785 5.808   1.00 28.99 ? 361 HOH A O   1 
HETATM 1377 O  O   . HOH F 4 .   ? -4.839  13.760  -8.636  1.00 19.73 ? 362 HOH A O   1 
HETATM 1378 O  O   . HOH F 4 .   ? -7.613  10.678  14.363  1.00 25.32 ? 363 HOH A O   1 
HETATM 1379 O  O   . HOH F 4 .   ? -5.884  20.213  -9.364  1.00 17.93 ? 364 HOH A O   1 
HETATM 1380 O  O   . HOH F 4 .   ? 0.331   -1.377  10.159  1.00 24.57 ? 365 HOH A O   1 
HETATM 1381 O  O   . HOH F 4 .   ? -2.819  2.414   3.306   1.00 26.21 ? 366 HOH A O   1 
HETATM 1382 O  O   . HOH F 4 .   ? -16.609 6.683   4.177   1.00 36.26 ? 367 HOH A O   1 
HETATM 1383 O  O   . HOH F 4 .   ? 6.616   6.742   -0.456  1.00 29.22 ? 368 HOH A O   1 
HETATM 1384 O  O   . HOH F 4 .   ? 0.165   -7.327  -10.387 1.00 24.41 ? 369 HOH A O   1 
HETATM 1385 O  O   . HOH F 4 .   ? -20.215 6.417   -7.749  1.00 27.92 ? 370 HOH A O   1 
HETATM 1386 O  O   . HOH F 4 .   ? -4.736  -2.186  6.284   1.00 33.69 ? 371 HOH A O   1 
HETATM 1387 O  O   . HOH F 4 .   ? -8.156  13.509  -10.547 1.00 26.56 ? 372 HOH A O   1 
HETATM 1388 O  O   . HOH F 4 .   ? 16.343  -21.669 6.783   1.00 33.31 ? 373 HOH A O   1 
HETATM 1389 O  O   . HOH F 4 .   ? 9.949   -21.495 1.136   1.00 22.29 ? 374 HOH A O   1 
HETATM 1390 O  O   . HOH F 4 .   ? -11.289 19.281  11.943  1.00 29.22 ? 375 HOH A O   1 
HETATM 1391 O  O   . HOH F 4 .   ? 6.483   -8.959  16.589  1.00 29.41 ? 376 HOH A O   1 
HETATM 1392 O  O   . HOH F 4 .   ? 8.097   -18.742 7.489   1.00 28.17 ? 377 HOH A O   1 
HETATM 1393 O  O   . HOH F 4 .   ? -6.997  -12.941 5.266   1.00 25.83 ? 378 HOH A O   1 
HETATM 1394 O  O   . HOH F 4 .   ? 18.366  -4.878  1.913   1.00 38.04 ? 379 HOH A O   1 
HETATM 1395 O  O   . HOH F 4 .   ? -12.364 1.926   6.521   1.00 37.21 ? 380 HOH A O   1 
HETATM 1396 O  O   . HOH F 4 .   ? 16.576  -12.816 -8.851  1.00 25.86 ? 381 HOH A O   1 
HETATM 1397 O  O   . HOH F 4 .   ? -1.499  -18.227 -7.437  1.00 22.96 ? 382 HOH A O   1 
HETATM 1398 O  O   . HOH F 4 .   ? -11.628 22.906  2.966   1.00 33.57 ? 383 HOH A O   1 
HETATM 1399 O  O   . HOH F 4 .   ? -18.784 6.611   -10.659 1.00 29.19 ? 384 HOH A O   1 
HETATM 1400 O  O   . HOH F 4 .   ? 4.221   0.636   11.074  1.00 31.23 ? 385 HOH A O   1 
HETATM 1401 O  O   . HOH F 4 .   ? 1.654   -15.169 6.835   1.00 23.75 ? 386 HOH A O   1 
HETATM 1402 O  O   . HOH F 4 .   ? 8.073   0.551   9.267   1.00 29.35 ? 387 HOH A O   1 
HETATM 1403 O  O   . HOH F 4 .   ? 14.831  -11.817 16.513  1.00 40.56 ? 388 HOH A O   1 
HETATM 1404 O  O   . HOH F 4 .   ? -14.887 -1.124  1.748   1.00 29.06 ? 389 HOH A O   1 
HETATM 1405 O  O   . HOH F 4 .   ? 7.449   7.636   2.260   1.00 35.68 ? 390 HOH A O   1 
HETATM 1406 O  O   . HOH F 4 .   ? 14.618  7.827   -4.380  1.00 38.46 ? 391 HOH A O   1 
HETATM 1407 O  O   . HOH F 4 .   ? 14.331  -12.977 11.831  1.00 15.50 ? 392 HOH A O   1 
HETATM 1408 O  O   . HOH F 4 .   ? -9.230  22.320  -11.495 1.00 31.91 ? 393 HOH A O   1 
HETATM 1409 O  O   . HOH F 4 .   ? 1.219   2.384   8.676   1.00 36.58 ? 394 HOH A O   1 
HETATM 1410 O  O   . HOH F 4 .   ? -11.885 1.399   4.151   1.00 35.27 ? 395 HOH A O   1 
HETATM 1411 O  O   . HOH F 4 .   ? -8.472  14.057  13.423  1.00 29.12 ? 396 HOH A O   1 
HETATM 1412 O  O   . HOH F 4 .   ? -19.924 13.465  -5.927  1.00 34.33 ? 397 HOH A O   1 
HETATM 1413 O  O   . HOH F 4 .   ? -19.440 8.527   -12.097 1.00 43.94 ? 398 HOH A O   1 
HETATM 1414 O  O   . HOH F 4 .   ? -13.042 10.069  -13.098 1.00 34.00 ? 399 HOH A O   1 
HETATM 1415 O  O   . HOH F 4 .   ? 12.510  -19.415 9.084   1.00 28.67 ? 400 HOH A O   1 
HETATM 1416 O  O   . HOH F 4 .   ? -1.318  12.357  -3.094  1.00 35.90 ? 401 HOH A O   1 
HETATM 1417 O  O   . HOH F 4 .   ? 8.629   -6.988  17.115  1.00 25.44 ? 402 HOH A O   1 
HETATM 1418 O  O   . HOH F 4 .   ? 2.302   0.015   8.929   1.00 31.23 ? 403 HOH A O   1 
HETATM 1419 O  O   . HOH F 4 .   ? 5.632   -17.310 8.070   1.00 29.04 ? 404 HOH A O   1 
HETATM 1420 O  O   . HOH F 4 .   ? -11.710 8.420   -15.061 1.00 31.30 ? 405 HOH A O   1 
HETATM 1421 O  O   . HOH F 4 .   ? -21.806 11.853  -5.067  1.00 32.26 ? 406 HOH A O   1 
HETATM 1422 O  O   . HOH F 4 .   ? -12.237 12.483  -12.700 1.00 34.53 ? 407 HOH A O   1 
HETATM 1423 O  O   . HOH F 4 .   ? 2.990   -14.157 9.015   1.00 27.11 ? 408 HOH A O   1 
HETATM 1424 O  O   . HOH F 4 .   ? -20.747 3.839   -6.664  1.00 41.30 ? 409 HOH A O   1 
HETATM 1425 O  O   . HOH F 4 .   ? 13.888  -17.828 10.701  1.00 27.13 ? 410 HOH A O   1 
HETATM 1426 O  O   . HOH F 4 .   ? -6.063  -3.722  7.654   1.00 29.92 ? 411 HOH A O   1 
HETATM 1427 O  O   . HOH F 4 .   ? 0.972   11.341  -3.733  1.00 33.36 ? 412 HOH A O   1 
HETATM 1428 O  O   . HOH F 4 .   ? -6.512  14.776  16.469  1.00 50.20 ? 413 HOH A O   1 
# 
